data_8RZ0
#
_entry.id   8RZ0
#
_cell.length_a   64.281
_cell.length_b   114.012
_cell.length_c   217.085
_cell.angle_alpha   90.000
_cell.angle_beta   90.000
_cell.angle_gamma   90.000
#
_symmetry.space_group_name_H-M   'P 21 21 21'
#
loop_
_entity.id
_entity.type
_entity.pdbx_description
1 polymer RH5-34EM
2 polymer 'R5.016 scFv'
3 non-polymer GLYCEROL
4 water water
#
loop_
_entity_poly.entity_id
_entity_poly.type
_entity_poly.pdbx_seq_one_letter_code
_entity_poly.pdbx_strand_id
1 'polypeptide(L)'
;GGSGSYQDVCRKAKEKLDKIEMDAKNYETNLKEQANNADKTEEYRKKKKIAIEAFLKKIEEAADKVAREAKQRLDELEKK
NQVDKEELEKCKEEVEKRARELRRRIREILERAKKWLDQ
;
A,C,E,G
2 'polypeptide(L)'
;GQVQLVQSGAEVKKPGASVRVSCKASGYTFTSYGISWVRQAPGQGLEWMGWISGYDGNTNYAQKLQGRVTMTTDTSTSTA
YMELRSLRSDDTAVYYCARDGPQVGDFDWQVYYYYGMDVWGQGTTVTVSSGGSGGGAIRMTQSPSTLSASVGDRVTITCR
ASQSINTWLAWYQQKPGKAPNLLISKASSLESGVPSRFSGSGSGTEFTLTISSLQPDDFATYFCQQYNSYLYTFGQGTKV
EIRGTKH
;
B,D,F,H
#
# COMPACT_ATOMS: atom_id res chain seq x y z
N SER A 5 36.45 -28.62 1.95
CA SER A 5 37.03 -29.67 2.78
C SER A 5 36.14 -30.91 2.82
N TYR A 6 36.72 -32.08 3.16
CA TYR A 6 35.91 -33.32 3.24
C TYR A 6 34.80 -33.21 4.28
N GLN A 7 35.01 -32.41 5.34
CA GLN A 7 34.05 -32.17 6.41
C GLN A 7 32.84 -31.40 5.86
N ASP A 8 33.07 -30.36 5.06
CA ASP A 8 31.99 -29.54 4.51
C ASP A 8 31.21 -30.35 3.49
N VAL A 9 31.91 -31.11 2.63
CA VAL A 9 31.30 -31.95 1.61
C VAL A 9 30.40 -32.99 2.27
N CYS A 10 30.88 -33.62 3.35
CA CYS A 10 30.11 -34.62 4.05
C CYS A 10 28.86 -34.06 4.68
N ARG A 11 29.02 -33.00 5.47
CA ARG A 11 27.92 -32.36 6.17
C ARG A 11 26.85 -31.87 5.19
N LYS A 12 27.28 -31.25 4.07
CA LYS A 12 26.33 -30.72 3.09
C LYS A 12 25.57 -31.83 2.38
N ALA A 13 26.25 -32.93 2.04
CA ALA A 13 25.58 -34.06 1.38
C ALA A 13 24.54 -34.67 2.31
N LYS A 14 24.88 -34.86 3.59
CA LYS A 14 23.93 -35.41 4.55
C LYS A 14 22.74 -34.47 4.74
N GLU A 15 23.00 -33.15 4.79
CA GLU A 15 21.93 -32.17 4.95
C GLU A 15 20.99 -32.20 3.74
N LYS A 16 21.56 -32.34 2.52
CA LYS A 16 20.73 -32.42 1.32
C LYS A 16 19.89 -33.69 1.29
N LEU A 17 20.46 -34.82 1.71
CA LEU A 17 19.73 -36.07 1.75
C LEU A 17 18.60 -35.98 2.78
N ASP A 18 18.85 -35.29 3.93
CA ASP A 18 17.82 -35.11 4.95
C ASP A 18 16.65 -34.30 4.39
N LYS A 19 16.96 -33.27 3.60
CA LYS A 19 15.92 -32.43 2.98
C LYS A 19 15.10 -33.24 1.97
N ILE A 20 15.76 -34.08 1.16
CA ILE A 20 15.04 -34.92 0.18
C ILE A 20 14.16 -35.92 0.92
N GLU A 21 14.66 -36.50 2.02
CA GLU A 21 13.89 -37.43 2.82
C GLU A 21 12.65 -36.74 3.41
N MET A 22 12.82 -35.51 3.94
CA MET A 22 11.68 -34.80 4.51
CA MET A 22 11.73 -34.72 4.51
C MET A 22 10.68 -34.44 3.41
N ASP A 23 11.15 -34.11 2.19
CA ASP A 23 10.23 -33.80 1.10
C ASP A 23 9.41 -35.04 0.73
N ALA A 24 10.03 -36.23 0.77
CA ALA A 24 9.32 -37.47 0.46
C ALA A 24 8.28 -37.77 1.55
N LYS A 25 8.64 -37.58 2.82
CA LYS A 25 7.71 -37.78 3.93
C LYS A 25 6.55 -36.79 3.86
N ASN A 26 6.84 -35.52 3.52
CA ASN A 26 5.78 -34.50 3.43
C ASN A 26 4.84 -34.80 2.27
N TYR A 27 5.39 -35.30 1.15
CA TYR A 27 4.58 -35.70 0.00
C TYR A 27 3.62 -36.83 0.43
N GLU A 28 4.14 -37.84 1.11
CA GLU A 28 3.34 -38.95 1.59
C GLU A 28 2.22 -38.45 2.54
N THR A 29 2.55 -37.55 3.48
CA THR A 29 1.54 -37.00 4.39
C THR A 29 0.44 -36.26 3.61
N ASN A 30 0.84 -35.49 2.57
CA ASN A 30 -0.08 -34.74 1.73
C ASN A 30 -1.00 -35.65 0.91
N LEU A 31 -0.52 -36.87 0.55
CA LEU A 31 -1.35 -37.83 -0.18
C LEU A 31 -2.54 -38.23 0.68
N LYS A 32 -2.26 -38.61 1.92
CA LYS A 32 -3.31 -39.09 2.81
C LYS A 32 -4.24 -37.96 3.25
N GLU A 33 -3.69 -36.77 3.50
CA GLU A 33 -4.51 -35.63 3.93
C GLU A 33 -5.33 -34.92 2.86
N GLN A 34 -4.73 -34.56 1.72
CA GLN A 34 -5.38 -33.72 0.72
C GLN A 34 -6.04 -34.41 -0.46
N ALA A 35 -5.79 -35.70 -0.67
CA ALA A 35 -6.43 -36.41 -1.77
C ALA A 35 -7.96 -36.42 -1.62
N ASN A 36 -8.69 -36.31 -2.75
CA ASN A 36 -10.16 -36.26 -2.72
C ASN A 36 -10.80 -37.64 -2.86
N ASN A 37 -11.98 -37.81 -2.22
CA ASN A 37 -12.75 -39.05 -2.21
C ASN A 37 -13.62 -39.24 -3.45
N ALA A 38 -13.23 -40.14 -4.35
CA ALA A 38 -13.95 -40.48 -5.58
C ALA A 38 -14.09 -42.03 -5.73
N ASP A 39 -14.86 -42.53 -6.73
CA ASP A 39 -15.02 -43.98 -6.93
C ASP A 39 -13.66 -44.61 -7.31
N LYS A 40 -13.13 -45.49 -6.43
CA LYS A 40 -11.84 -46.15 -6.64
C LYS A 40 -11.89 -47.28 -7.68
N THR A 41 -12.16 -46.92 -8.93
CA THR A 41 -12.20 -47.88 -10.03
C THR A 41 -10.79 -48.43 -10.30
N GLU A 42 -10.67 -49.49 -11.13
CA GLU A 42 -9.34 -50.00 -11.51
C GLU A 42 -8.53 -48.91 -12.23
N GLU A 43 -9.19 -48.16 -13.13
CA GLU A 43 -8.60 -47.06 -13.88
C GLU A 43 -8.06 -45.96 -12.94
N TYR A 44 -8.86 -45.57 -11.93
CA TYR A 44 -8.43 -44.53 -10.97
C TYR A 44 -7.15 -44.99 -10.27
N ARG A 45 -7.13 -46.26 -9.85
CA ARG A 45 -5.98 -46.78 -9.13
C ARG A 45 -4.72 -46.79 -10.01
N LYS A 46 -4.84 -47.21 -11.28
CA LYS A 46 -3.66 -47.23 -12.18
C LYS A 46 -3.14 -45.83 -12.44
N LYS A 47 -4.05 -44.85 -12.62
CA LYS A 47 -3.68 -43.45 -12.90
C LYS A 47 -2.96 -42.83 -11.70
N LYS A 48 -3.44 -43.12 -10.49
CA LYS A 48 -2.81 -42.59 -9.31
C LYS A 48 -1.46 -43.28 -9.10
N LYS A 49 -1.39 -44.61 -9.31
CA LYS A 49 -0.13 -45.34 -9.10
C LYS A 49 0.98 -44.85 -10.02
N ILE A 50 0.67 -44.62 -11.32
CA ILE A 50 1.73 -44.15 -12.24
C ILE A 50 2.25 -42.76 -11.85
N ALA A 51 1.34 -41.89 -11.37
CA ALA A 51 1.76 -40.54 -10.96
C ALA A 51 2.63 -40.61 -9.70
N ILE A 52 2.24 -41.46 -8.72
CA ILE A 52 3.02 -41.59 -7.48
C ILE A 52 4.38 -42.15 -7.79
N GLU A 53 4.44 -43.17 -8.69
CA GLU A 53 5.72 -43.75 -9.10
C GLU A 53 6.59 -42.67 -9.76
N ALA A 54 6.00 -41.84 -10.63
CA ALA A 54 6.77 -40.79 -11.31
C ALA A 54 7.32 -39.78 -10.29
N PHE A 55 6.49 -39.41 -9.30
CA PHE A 55 6.93 -38.44 -8.29
C PHE A 55 8.10 -39.01 -7.48
N LEU A 56 7.96 -40.26 -7.00
CA LEU A 56 8.98 -40.88 -6.19
C LEU A 56 10.26 -41.20 -6.97
N LYS A 57 10.14 -41.53 -8.27
CA LYS A 57 11.32 -41.74 -9.10
C LYS A 57 12.11 -40.43 -9.26
N LYS A 58 11.39 -39.28 -9.33
CA LYS A 58 12.06 -37.98 -9.42
C LYS A 58 12.74 -37.64 -8.08
N ILE A 59 12.14 -38.00 -6.94
CA ILE A 59 12.80 -37.82 -5.63
C ILE A 59 14.09 -38.69 -5.61
N GLU A 60 14.00 -39.92 -6.12
CA GLU A 60 15.16 -40.81 -6.19
C GLU A 60 16.27 -40.23 -7.06
N GLU A 61 15.93 -39.54 -8.19
CA GLU A 61 16.95 -38.90 -9.03
C GLU A 61 17.71 -37.86 -8.23
N ALA A 62 17.01 -37.06 -7.41
CA ALA A 62 17.67 -36.04 -6.59
C ALA A 62 18.63 -36.68 -5.59
N ALA A 63 18.21 -37.76 -4.91
CA ALA A 63 19.06 -38.46 -3.94
C ALA A 63 20.27 -39.06 -4.64
N ASP A 64 20.04 -39.66 -5.82
CA ASP A 64 21.15 -40.27 -6.58
C ASP A 64 22.16 -39.23 -7.00
N LYS A 65 21.70 -38.06 -7.41
CA LYS A 65 22.59 -36.99 -7.85
C LYS A 65 23.44 -36.47 -6.69
N VAL A 66 22.82 -36.27 -5.51
CA VAL A 66 23.56 -35.82 -4.33
C VAL A 66 24.63 -36.85 -3.95
N ALA A 67 24.25 -38.13 -3.93
CA ALA A 67 25.18 -39.21 -3.55
C ALA A 67 26.33 -39.39 -4.52
N ARG A 68 26.03 -39.41 -5.84
CA ARG A 68 27.08 -39.59 -6.83
C ARG A 68 28.06 -38.40 -6.83
N GLU A 69 27.54 -37.17 -6.70
CA GLU A 69 28.41 -36.00 -6.68
C GLU A 69 29.25 -35.93 -5.41
N ALA A 70 28.68 -36.36 -4.27
CA ALA A 70 29.45 -36.36 -3.02
C ALA A 70 30.61 -37.37 -3.11
N LYS A 71 30.33 -38.58 -3.61
CA LYS A 71 31.36 -39.60 -3.76
C LYS A 71 32.46 -39.16 -4.70
N GLN A 72 32.09 -38.53 -5.84
CA GLN A 72 33.03 -38.02 -6.82
C GLN A 72 33.95 -36.95 -6.20
N ARG A 73 33.39 -36.05 -5.39
CA ARG A 73 34.20 -35.00 -4.75
C ARG A 73 35.11 -35.57 -3.67
N LEU A 74 34.62 -36.54 -2.90
CA LEU A 74 35.43 -37.20 -1.88
C LEU A 74 36.56 -38.04 -2.50
N ASP A 75 36.35 -38.56 -3.73
CA ASP A 75 37.37 -39.33 -4.44
C ASP A 75 38.51 -38.43 -4.91
N GLU A 76 38.19 -37.21 -5.37
CA GLU A 76 39.23 -36.28 -5.82
C GLU A 76 39.83 -35.49 -4.64
N GLU A 86 42.16 -41.88 4.83
CA GLU A 86 41.88 -41.36 6.17
C GLU A 86 40.35 -41.27 6.44
N GLU A 87 39.86 -40.27 7.22
CA GLU A 87 38.44 -40.11 7.54
C GLU A 87 37.53 -39.84 6.31
N LEU A 88 38.12 -39.68 5.11
CA LEU A 88 37.36 -39.49 3.87
C LEU A 88 36.63 -40.77 3.47
N GLU A 89 37.21 -41.94 3.75
CA GLU A 89 36.59 -43.22 3.48
C GLU A 89 35.40 -43.44 4.41
N LYS A 90 35.52 -43.01 5.69
CA LYS A 90 34.44 -43.08 6.69
C LYS A 90 33.25 -42.23 6.20
N CYS A 91 33.53 -41.06 5.60
CA CYS A 91 32.50 -40.18 5.07
C CYS A 91 31.79 -40.81 3.88
N LYS A 92 32.55 -41.39 2.93
CA LYS A 92 31.96 -42.05 1.76
C LYS A 92 31.02 -43.17 2.16
N GLU A 93 31.42 -43.96 3.17
CA GLU A 93 30.58 -45.06 3.66
C GLU A 93 29.30 -44.50 4.28
N GLU A 94 29.42 -43.40 5.05
CA GLU A 94 28.26 -42.76 5.68
C GLU A 94 27.28 -42.19 4.65
N VAL A 95 27.79 -41.51 3.61
CA VAL A 95 26.94 -40.96 2.55
C VAL A 95 26.27 -42.10 1.77
N GLU A 96 27.03 -43.17 1.45
CA GLU A 96 26.45 -44.30 0.74
C GLU A 96 25.39 -45.02 1.57
N LYS A 97 25.62 -45.18 2.89
CA LYS A 97 24.64 -45.81 3.78
C LYS A 97 23.36 -44.95 3.81
N ARG A 98 23.52 -43.60 3.91
CA ARG A 98 22.41 -42.64 3.90
C ARG A 98 21.62 -42.70 2.58
N ALA A 99 22.33 -42.85 1.45
CA ALA A 99 21.68 -42.97 0.13
C ALA A 99 20.90 -44.29 0.04
N ARG A 100 21.46 -45.40 0.55
CA ARG A 100 20.75 -46.69 0.53
C ARG A 100 19.52 -46.63 1.40
N GLU A 101 19.63 -46.04 2.60
CA GLU A 101 18.47 -45.95 3.49
C GLU A 101 17.39 -45.06 2.90
N LEU A 102 17.79 -43.97 2.21
CA LEU A 102 16.81 -43.10 1.55
C LEU A 102 16.09 -43.87 0.45
N ARG A 103 16.84 -44.66 -0.33
CA ARG A 103 16.26 -45.46 -1.39
C ARG A 103 15.26 -46.47 -0.84
N ARG A 104 15.55 -47.11 0.31
CA ARG A 104 14.64 -48.08 0.93
C ARG A 104 13.39 -47.38 1.44
N ARG A 105 13.57 -46.18 2.05
CA ARG A 105 12.43 -45.41 2.55
C ARG A 105 11.54 -44.99 1.41
N ILE A 106 12.13 -44.58 0.26
CA ILE A 106 11.34 -44.17 -0.90
C ILE A 106 10.53 -45.36 -1.42
N ARG A 107 11.15 -46.55 -1.47
CA ARG A 107 10.49 -47.81 -1.86
C ARG A 107 9.34 -48.17 -0.89
N GLU A 108 9.52 -47.95 0.40
CA GLU A 108 8.48 -48.24 1.40
C GLU A 108 7.30 -47.27 1.23
N ILE A 109 7.58 -45.99 0.86
CA ILE A 109 6.48 -45.05 0.61
C ILE A 109 5.63 -45.55 -0.56
N LEU A 110 6.28 -45.98 -1.66
CA LEU A 110 5.57 -46.47 -2.85
C LEU A 110 4.72 -47.70 -2.48
N GLU A 111 5.30 -48.64 -1.73
CA GLU A 111 4.56 -49.84 -1.35
C GLU A 111 3.33 -49.51 -0.51
N ARG A 112 3.48 -48.62 0.47
CA ARG A 112 2.34 -48.21 1.31
C ARG A 112 1.30 -47.49 0.47
N ALA A 113 1.73 -46.65 -0.49
CA ALA A 113 0.82 -45.92 -1.37
C ALA A 113 0.02 -46.86 -2.27
N LYS A 114 0.65 -47.93 -2.79
CA LYS A 114 -0.07 -48.92 -3.62
C LYS A 114 -1.08 -49.69 -2.77
N LYS A 115 -0.70 -50.03 -1.54
CA LYS A 115 -1.58 -50.73 -0.61
C LYS A 115 -2.77 -49.83 -0.26
N TRP A 116 -2.50 -48.52 -0.05
CA TRP A 116 -3.48 -47.46 0.27
C TRP A 116 -4.48 -47.28 -0.86
N LEU A 117 -4.02 -47.36 -2.11
CA LEU A 117 -4.90 -47.25 -3.27
C LEU A 117 -5.70 -48.54 -3.49
N ASP A 118 -5.13 -49.71 -3.12
CA ASP A 118 -5.80 -51.00 -3.31
C ASP A 118 -6.79 -51.37 -2.19
N GLN A 119 -7.02 -50.46 -1.23
CA GLN A 119 -7.93 -50.68 -0.10
C GLN A 119 -9.39 -50.83 -0.53
N GLY B 1 21.59 -43.22 -18.29
CA GLY B 1 22.64 -42.25 -17.96
C GLY B 1 22.12 -40.89 -17.52
N GLN B 2 22.63 -39.81 -18.12
CA GLN B 2 22.23 -38.44 -17.81
C GLN B 2 20.75 -38.21 -18.14
N VAL B 3 19.99 -37.59 -17.25
CA VAL B 3 18.57 -37.29 -17.51
C VAL B 3 18.55 -36.07 -18.45
N GLN B 4 18.04 -36.25 -19.67
CA GLN B 4 18.05 -35.14 -20.63
C GLN B 4 16.99 -35.27 -21.71
N LEU B 5 16.73 -34.16 -22.40
CA LEU B 5 15.85 -34.12 -23.56
C LEU B 5 16.66 -33.43 -24.64
N VAL B 6 16.77 -34.06 -25.81
CA VAL B 6 17.54 -33.52 -26.93
C VAL B 6 16.59 -33.31 -28.11
N GLN B 7 16.50 -32.07 -28.57
CA GLN B 7 15.59 -31.71 -29.65
C GLN B 7 16.26 -31.69 -31.02
N SER B 8 15.42 -31.72 -32.05
CA SER B 8 15.86 -31.65 -33.44
C SER B 8 16.34 -30.23 -33.78
N GLY B 9 17.03 -30.10 -34.92
CA GLY B 9 17.67 -28.85 -35.28
C GLY B 9 16.79 -27.75 -35.81
N ALA B 10 17.41 -26.58 -36.04
CA ALA B 10 16.72 -25.39 -36.52
C ALA B 10 15.91 -25.62 -37.77
N GLU B 11 14.82 -24.86 -37.90
CA GLU B 11 13.92 -24.96 -39.08
C GLU B 11 13.64 -23.58 -39.63
N VAL B 12 13.51 -23.48 -40.97
CA VAL B 12 13.09 -22.26 -41.65
C VAL B 12 11.98 -22.68 -42.61
N LYS B 13 10.78 -22.14 -42.40
CA LYS B 13 9.62 -22.57 -43.15
C LYS B 13 8.90 -21.41 -43.78
N LYS B 14 8.26 -21.62 -44.92
CA LYS B 14 7.49 -20.55 -45.55
C LYS B 14 6.14 -20.44 -44.85
N PRO B 15 5.51 -19.25 -44.89
CA PRO B 15 4.14 -19.12 -44.36
C PRO B 15 3.19 -20.12 -45.05
N GLY B 16 2.32 -20.73 -44.27
CA GLY B 16 1.36 -21.73 -44.72
C GLY B 16 1.88 -23.17 -44.61
N ALA B 17 3.20 -23.34 -44.45
CA ALA B 17 3.80 -24.66 -44.35
C ALA B 17 3.60 -25.24 -42.91
N SER B 18 4.02 -26.48 -42.67
CA SER B 18 3.96 -27.07 -41.35
CA SER B 18 3.96 -27.10 -41.36
C SER B 18 5.39 -27.39 -40.89
N VAL B 19 5.58 -27.60 -39.60
CA VAL B 19 6.88 -27.94 -39.06
C VAL B 19 6.66 -29.05 -38.04
N ARG B 20 7.61 -30.00 -37.94
CA ARG B 20 7.55 -31.04 -36.93
C ARG B 20 8.88 -31.01 -36.17
N VAL B 21 8.83 -30.91 -34.85
CA VAL B 21 10.01 -30.87 -33.99
C VAL B 21 10.00 -32.13 -33.15
N SER B 22 11.17 -32.73 -32.93
CA SER B 22 11.25 -33.92 -32.10
C SER B 22 11.99 -33.63 -30.80
N CYS B 23 11.78 -34.50 -29.82
CA CYS B 23 12.31 -34.31 -28.48
C CYS B 23 12.62 -35.70 -27.94
N LYS B 24 13.90 -36.09 -27.92
CA LYS B 24 14.30 -37.43 -27.50
C LYS B 24 14.76 -37.47 -26.05
N ALA B 25 14.12 -38.30 -25.25
CA ALA B 25 14.45 -38.44 -23.84
C ALA B 25 15.43 -39.55 -23.57
N SER B 26 16.29 -39.34 -22.56
CA SER B 26 17.16 -40.40 -22.07
C SER B 26 17.40 -40.24 -20.57
N GLY B 27 17.78 -41.33 -19.92
CA GLY B 27 18.09 -41.27 -18.49
C GLY B 27 16.95 -41.47 -17.52
N TYR B 28 15.72 -41.65 -18.04
CA TYR B 28 14.55 -41.86 -17.20
C TYR B 28 13.48 -42.68 -17.95
N THR B 29 12.47 -43.19 -17.23
CA THR B 29 11.40 -43.99 -17.84
C THR B 29 10.41 -43.07 -18.52
N PHE B 30 10.51 -42.94 -19.84
CA PHE B 30 9.66 -42.04 -20.62
C PHE B 30 8.16 -42.31 -20.44
N THR B 31 7.76 -43.60 -20.33
CA THR B 31 6.35 -43.93 -20.16
C THR B 31 5.77 -43.63 -18.79
N SER B 32 6.60 -43.15 -17.84
CA SER B 32 6.06 -42.79 -16.52
C SER B 32 5.80 -41.27 -16.43
N TYR B 33 6.12 -40.49 -17.47
CA TYR B 33 5.99 -39.04 -17.44
C TYR B 33 5.23 -38.55 -18.69
N GLY B 34 5.14 -37.24 -18.82
CA GLY B 34 4.58 -36.57 -19.98
C GLY B 34 5.57 -35.53 -20.50
N ILE B 35 5.20 -34.87 -21.57
CA ILE B 35 6.04 -33.83 -22.17
C ILE B 35 5.16 -32.64 -22.46
N SER B 36 5.55 -31.48 -21.95
CA SER B 36 4.89 -30.22 -22.32
C SER B 36 5.76 -29.50 -23.34
N TRP B 37 5.12 -28.71 -24.21
CA TRP B 37 5.83 -27.90 -25.19
C TRP B 37 5.55 -26.45 -24.86
N VAL B 38 6.61 -25.64 -24.86
CA VAL B 38 6.54 -24.22 -24.52
C VAL B 38 7.33 -23.45 -25.56
N ARG B 39 6.81 -22.33 -26.07
CA ARG B 39 7.56 -21.57 -27.07
C ARG B 39 7.84 -20.14 -26.60
N GLN B 40 8.80 -19.50 -27.25
CA GLN B 40 9.21 -18.16 -26.86
C GLN B 40 9.61 -17.38 -28.10
N ALA B 41 8.79 -16.40 -28.47
CA ALA B 41 9.07 -15.55 -29.62
C ALA B 41 10.24 -14.61 -29.28
N PRO B 42 10.98 -14.12 -30.29
CA PRO B 42 12.16 -13.30 -30.01
C PRO B 42 11.88 -12.11 -29.11
N GLY B 43 12.60 -12.01 -28.00
CA GLY B 43 12.44 -10.95 -27.02
C GLY B 43 11.17 -11.00 -26.20
N GLN B 44 10.40 -12.10 -26.30
CA GLN B 44 9.12 -12.22 -25.60
C GLN B 44 9.17 -13.29 -24.50
N GLY B 45 8.05 -13.52 -23.82
CA GLY B 45 8.01 -14.46 -22.72
C GLY B 45 7.67 -15.87 -23.15
N LEU B 46 7.53 -16.75 -22.16
CA LEU B 46 7.20 -18.15 -22.41
C LEU B 46 5.71 -18.32 -22.63
N GLU B 47 5.34 -19.20 -23.56
CA GLU B 47 3.94 -19.48 -23.83
C GLU B 47 3.74 -21.00 -23.93
N TRP B 48 2.88 -21.55 -23.04
CA TRP B 48 2.65 -22.99 -23.05
C TRP B 48 1.78 -23.36 -24.25
N MET B 49 2.17 -24.43 -24.97
CA MET B 49 1.44 -24.87 -26.16
C MET B 49 0.52 -26.06 -25.92
N GLY B 50 0.99 -27.02 -25.13
CA GLY B 50 0.24 -28.24 -24.91
C GLY B 50 1.08 -29.30 -24.25
N TRP B 51 0.47 -30.44 -24.03
CA TRP B 51 1.10 -31.53 -23.28
C TRP B 51 0.62 -32.87 -23.81
N ILE B 52 1.50 -33.86 -23.72
CA ILE B 52 1.14 -35.23 -24.08
C ILE B 52 1.68 -36.20 -23.03
N SER B 53 0.88 -37.23 -22.68
CA SER B 53 1.34 -38.22 -21.72
C SER B 53 2.16 -39.29 -22.44
N GLY B 54 3.32 -39.62 -21.90
CA GLY B 54 4.09 -40.76 -22.41
C GLY B 54 3.49 -42.08 -21.93
N TYR B 55 2.59 -42.04 -20.92
CA TYR B 55 1.97 -43.22 -20.35
C TYR B 55 0.83 -43.73 -21.23
N ASP B 56 -0.09 -42.83 -21.66
CA ASP B 56 -1.21 -43.30 -22.48
C ASP B 56 -1.52 -42.43 -23.73
N GLY B 57 -0.68 -41.44 -24.04
CA GLY B 57 -0.89 -40.63 -25.23
C GLY B 57 -1.97 -39.58 -25.15
N ASN B 58 -2.57 -39.38 -23.96
CA ASN B 58 -3.58 -38.31 -23.84
C ASN B 58 -2.92 -36.94 -24.08
N THR B 59 -3.69 -35.99 -24.63
CA THR B 59 -3.13 -34.66 -24.92
C THR B 59 -4.08 -33.55 -24.46
N ASN B 60 -3.49 -32.39 -24.14
CA ASN B 60 -4.23 -31.17 -23.87
C ASN B 60 -3.52 -30.09 -24.67
N TYR B 61 -4.27 -29.26 -25.43
CA TYR B 61 -3.64 -28.19 -26.19
C TYR B 61 -4.15 -26.85 -25.77
N ALA B 62 -3.30 -25.83 -25.84
CA ALA B 62 -3.68 -24.45 -25.54
C ALA B 62 -4.81 -24.03 -26.48
N GLN B 63 -5.80 -23.33 -25.95
CA GLN B 63 -6.99 -22.94 -26.74
C GLN B 63 -6.65 -22.25 -28.06
N LYS B 64 -5.67 -21.35 -28.04
CA LYS B 64 -5.30 -20.62 -29.26
C LYS B 64 -4.68 -21.50 -30.35
N LEU B 65 -4.20 -22.70 -30.00
CA LEU B 65 -3.60 -23.61 -30.98
C LEU B 65 -4.48 -24.79 -31.37
N GLN B 66 -5.61 -25.02 -30.66
CA GLN B 66 -6.48 -26.17 -30.96
C GLN B 66 -6.88 -26.19 -32.45
N GLY B 67 -6.68 -27.33 -33.10
CA GLY B 67 -6.95 -27.50 -34.52
C GLY B 67 -5.72 -27.33 -35.40
N ARG B 68 -4.66 -26.71 -34.87
CA ARG B 68 -3.46 -26.42 -35.65
C ARG B 68 -2.20 -27.16 -35.13
N VAL B 69 -2.25 -27.69 -33.90
CA VAL B 69 -1.09 -28.39 -33.33
C VAL B 69 -1.45 -29.85 -33.07
N THR B 70 -0.48 -30.75 -33.28
CA THR B 70 -0.64 -32.15 -32.99
C THR B 70 0.59 -32.65 -32.26
N MET B 71 0.41 -33.28 -31.10
CA MET B 71 1.53 -33.88 -30.38
C MET B 71 1.37 -35.37 -30.40
N THR B 72 2.49 -36.07 -30.61
CA THR B 72 2.50 -37.54 -30.61
C THR B 72 3.76 -38.03 -29.86
N THR B 73 3.82 -39.34 -29.57
CA THR B 73 5.03 -39.91 -28.98
C THR B 73 5.33 -41.22 -29.72
N ASP B 74 6.58 -41.67 -29.63
CA ASP B 74 7.02 -42.95 -30.10
C ASP B 74 7.65 -43.58 -28.87
N THR B 75 6.92 -44.45 -28.18
CA THR B 75 7.37 -45.14 -26.98
C THR B 75 8.66 -45.95 -27.23
N SER B 76 8.78 -46.58 -28.41
CA SER B 76 9.94 -47.41 -28.70
C SER B 76 11.26 -46.65 -28.78
N THR B 77 11.21 -45.34 -29.05
CA THR B 77 12.43 -44.52 -29.10
C THR B 77 12.43 -43.39 -28.03
N SER B 78 11.46 -43.40 -27.11
CA SER B 78 11.32 -42.36 -26.06
C SER B 78 11.35 -40.96 -26.67
N THR B 79 10.62 -40.77 -27.78
CA THR B 79 10.64 -39.49 -28.48
C THR B 79 9.27 -38.88 -28.55
N ALA B 80 9.16 -37.59 -28.29
CA ALA B 80 7.91 -36.84 -28.41
C ALA B 80 8.02 -35.94 -29.64
N TYR B 81 6.91 -35.71 -30.35
CA TYR B 81 6.91 -34.86 -31.54
C TYR B 81 5.84 -33.81 -31.40
N MET B 82 6.10 -32.63 -31.95
CA MET B 82 5.13 -31.53 -31.99
C MET B 82 5.06 -31.09 -33.45
N GLU B 83 3.87 -31.12 -34.04
CA GLU B 83 3.65 -30.63 -35.40
C GLU B 83 2.78 -29.37 -35.29
N LEU B 84 3.19 -28.28 -35.95
CA LEU B 84 2.40 -27.06 -35.97
C LEU B 84 2.15 -26.71 -37.43
N ARG B 85 0.87 -26.61 -37.81
CA ARG B 85 0.46 -26.39 -39.20
C ARG B 85 0.10 -24.94 -39.49
N SER B 86 -0.08 -24.62 -40.82
CA SER B 86 -0.48 -23.29 -41.28
C SER B 86 0.35 -22.19 -40.62
N LEU B 87 1.67 -22.36 -40.69
CA LEU B 87 2.58 -21.43 -40.01
C LEU B 87 2.44 -20.01 -40.49
N ARG B 88 2.56 -19.09 -39.56
CA ARG B 88 2.52 -17.68 -39.88
C ARG B 88 3.72 -17.00 -39.26
N SER B 89 4.00 -15.75 -39.65
CA SER B 89 5.16 -15.02 -39.14
C SER B 89 5.25 -15.00 -37.62
N ASP B 90 4.10 -14.88 -36.91
CA ASP B 90 4.14 -14.81 -35.46
C ASP B 90 4.33 -16.19 -34.77
N ASP B 91 4.51 -17.26 -35.56
CA ASP B 91 4.90 -18.56 -34.99
C ASP B 91 6.45 -18.65 -34.93
N THR B 92 7.21 -17.61 -35.39
CA THR B 92 8.67 -17.60 -35.26
C THR B 92 9.00 -17.56 -33.78
N ALA B 93 9.76 -18.56 -33.31
CA ALA B 93 10.05 -18.68 -31.87
C ALA B 93 11.07 -19.81 -31.64
N VAL B 94 11.58 -19.92 -30.39
CA VAL B 94 12.33 -21.08 -29.96
C VAL B 94 11.26 -21.98 -29.31
N TYR B 95 11.19 -23.24 -29.73
CA TYR B 95 10.24 -24.20 -29.21
C TYR B 95 10.98 -25.14 -28.27
N TYR B 96 10.51 -25.27 -27.05
CA TYR B 96 11.11 -26.17 -26.07
C TYR B 96 10.18 -27.32 -25.71
N CYS B 97 10.75 -28.49 -25.40
CA CYS B 97 9.97 -29.56 -24.78
C CYS B 97 10.47 -29.64 -23.32
N ALA B 98 9.62 -30.12 -22.41
CA ALA B 98 10.01 -30.24 -21.01
C ALA B 98 9.30 -31.41 -20.37
N ARG B 99 9.98 -32.11 -19.47
CA ARG B 99 9.36 -33.24 -18.76
C ARG B 99 8.29 -32.73 -17.82
N ASP B 100 7.18 -33.46 -17.76
CA ASP B 100 6.04 -33.08 -16.94
C ASP B 100 5.38 -34.39 -16.38
N GLY B 101 4.32 -34.25 -15.61
CA GLY B 101 3.63 -35.42 -15.06
C GLY B 101 2.91 -36.23 -16.12
N PRO B 102 2.60 -37.49 -15.81
CA PRO B 102 1.97 -38.37 -16.80
C PRO B 102 0.45 -38.31 -16.89
N GLN B 103 -0.20 -37.65 -15.94
CA GLN B 103 -1.66 -37.67 -15.85
C GLN B 103 -2.27 -36.26 -15.71
N VAL B 104 -1.70 -35.26 -16.40
CA VAL B 104 -2.21 -33.87 -16.30
C VAL B 104 -3.67 -33.80 -16.78
N GLY B 105 -4.54 -33.27 -15.92
CA GLY B 105 -5.94 -33.20 -16.26
C GLY B 105 -6.78 -34.27 -15.58
N ASP B 106 -6.15 -35.34 -15.07
CA ASP B 106 -6.89 -36.40 -14.33
C ASP B 106 -7.49 -35.77 -13.06
N PHE B 107 -8.58 -36.37 -12.52
CA PHE B 107 -9.19 -35.86 -11.30
C PHE B 107 -8.17 -35.73 -10.14
N ASP B 108 -8.02 -34.52 -9.58
CA ASP B 108 -7.13 -34.26 -8.45
C ASP B 108 -5.68 -34.61 -8.78
N TRP B 109 -5.27 -34.46 -10.06
CA TRP B 109 -3.94 -34.92 -10.47
C TRP B 109 -2.79 -34.30 -9.70
N GLN B 110 -2.90 -33.00 -9.33
CA GLN B 110 -1.76 -32.30 -8.75
C GLN B 110 -1.30 -32.91 -7.44
N VAL B 111 -2.24 -33.43 -6.62
CA VAL B 111 -1.86 -34.04 -5.33
C VAL B 111 -0.84 -35.20 -5.55
N TYR B 112 -1.00 -35.93 -6.64
CA TYR B 112 -0.18 -37.12 -6.92
C TYR B 112 1.13 -36.78 -7.62
N TYR B 113 1.14 -35.70 -8.42
CA TYR B 113 2.36 -35.26 -9.09
C TYR B 113 2.31 -33.75 -9.22
N TYR B 114 3.02 -33.04 -8.33
CA TYR B 114 2.94 -31.59 -8.38
C TYR B 114 4.23 -30.91 -8.74
N TYR B 115 5.22 -31.64 -9.25
CA TYR B 115 6.42 -30.97 -9.73
C TYR B 115 6.07 -30.17 -10.99
N GLY B 116 6.76 -29.04 -11.15
CA GLY B 116 6.67 -28.26 -12.38
C GLY B 116 7.44 -28.96 -13.51
N MET B 117 7.59 -28.27 -14.64
CA MET B 117 8.29 -28.82 -15.82
C MET B 117 9.79 -28.78 -15.50
N ASP B 118 10.42 -29.94 -15.24
CA ASP B 118 11.71 -29.94 -14.57
C ASP B 118 12.95 -30.22 -15.38
N VAL B 119 12.83 -30.90 -16.53
CA VAL B 119 13.97 -31.19 -17.40
C VAL B 119 13.55 -30.55 -18.72
N TRP B 120 14.41 -29.70 -19.29
CA TRP B 120 14.06 -29.00 -20.51
C TRP B 120 15.01 -29.36 -21.63
N GLY B 121 14.46 -29.44 -22.84
CA GLY B 121 15.28 -29.63 -24.04
C GLY B 121 16.07 -28.35 -24.30
N GLN B 122 17.02 -28.40 -25.25
CA GLN B 122 17.85 -27.23 -25.55
C GLN B 122 17.14 -26.15 -26.40
N GLY B 123 15.93 -26.46 -26.90
CA GLY B 123 15.18 -25.58 -27.75
C GLY B 123 15.47 -25.81 -29.21
N THR B 124 14.48 -25.51 -30.06
CA THR B 124 14.58 -25.60 -31.52
C THR B 124 14.12 -24.28 -32.08
N THR B 125 14.98 -23.58 -32.84
CA THR B 125 14.58 -22.30 -33.42
C THR B 125 13.78 -22.59 -34.67
N VAL B 126 12.57 -22.02 -34.76
CA VAL B 126 11.74 -22.17 -35.94
C VAL B 126 11.48 -20.77 -36.45
N THR B 127 11.91 -20.47 -37.68
CA THR B 127 11.68 -19.15 -38.25
C THR B 127 10.73 -19.29 -39.43
N VAL B 128 9.67 -18.48 -39.44
CA VAL B 128 8.70 -18.53 -40.52
C VAL B 128 8.99 -17.34 -41.42
N SER B 129 9.46 -17.62 -42.65
CA SER B 129 9.88 -16.61 -43.60
C SER B 129 9.88 -17.18 -45.03
N SER B 130 9.73 -16.30 -45.99
CA SER B 130 9.84 -16.66 -47.42
C SER B 130 11.25 -17.25 -47.74
N GLY B 131 12.26 -16.93 -46.92
CA GLY B 131 13.63 -17.42 -47.05
C GLY B 131 13.85 -18.89 -46.73
N GLY B 132 12.77 -19.63 -46.49
CA GLY B 132 12.86 -21.05 -46.20
C GLY B 132 12.80 -21.93 -47.43
N SER B 133 13.17 -23.22 -47.29
CA SER B 133 13.16 -24.20 -48.38
C SER B 133 12.86 -25.59 -47.85
N GLY B 134 -8.98 -27.63 -13.14
CA GLY B 134 -8.49 -27.85 -14.50
C GLY B 134 -9.53 -27.59 -15.56
N GLY B 135 -9.14 -26.87 -16.61
CA GLY B 135 -10.03 -26.57 -17.73
C GLY B 135 -10.13 -25.12 -18.16
N GLY B 136 -10.40 -24.24 -17.22
CA GLY B 136 -10.62 -22.82 -17.49
C GLY B 136 -9.39 -22.00 -17.85
N ALA B 137 -9.64 -20.76 -18.33
CA ALA B 137 -8.63 -19.79 -18.74
C ALA B 137 -8.18 -18.98 -17.52
N ILE B 138 -6.87 -18.96 -17.21
CA ILE B 138 -6.37 -18.23 -16.04
C ILE B 138 -5.23 -17.29 -16.45
N ARG B 139 -5.39 -16.00 -16.15
CA ARG B 139 -4.37 -15.01 -16.49
C ARG B 139 -3.41 -14.82 -15.30
N MET B 140 -2.09 -14.88 -15.57
CA MET B 140 -1.07 -14.68 -14.53
C MET B 140 -0.36 -13.36 -14.83
N THR B 141 -0.24 -12.50 -13.82
CA THR B 141 0.38 -11.19 -13.97
C THR B 141 1.48 -11.06 -12.93
N GLN B 142 2.69 -10.74 -13.36
CA GLN B 142 3.80 -10.53 -12.44
C GLN B 142 4.04 -9.05 -12.16
N SER B 143 4.65 -8.76 -11.03
CA SER B 143 5.00 -7.40 -10.65
CA SER B 143 5.03 -7.40 -10.71
C SER B 143 6.34 -7.41 -9.95
N PRO B 144 7.28 -6.52 -10.31
CA PRO B 144 7.24 -5.61 -11.48
C PRO B 144 7.57 -6.45 -12.74
N SER B 145 7.68 -5.79 -13.90
CA SER B 145 8.12 -6.47 -15.12
C SER B 145 9.66 -6.45 -15.24
N THR B 146 10.29 -5.37 -14.80
CA THR B 146 11.75 -5.29 -14.73
C THR B 146 12.13 -4.54 -13.46
N LEU B 147 13.22 -4.96 -12.83
CA LEU B 147 13.76 -4.24 -11.68
C LEU B 147 15.30 -4.25 -11.74
N SER B 148 15.95 -3.24 -11.17
CA SER B 148 17.42 -3.25 -11.09
C SER B 148 17.77 -3.46 -9.60
N ALA B 149 18.83 -4.19 -9.35
CA ALA B 149 19.22 -4.50 -7.97
C ALA B 149 20.73 -4.68 -7.86
N SER B 150 21.23 -4.65 -6.62
CA SER B 150 22.65 -4.84 -6.35
C SER B 150 22.85 -6.19 -5.72
N VAL B 151 24.07 -6.73 -5.82
CA VAL B 151 24.41 -7.98 -5.12
C VAL B 151 24.22 -7.76 -3.59
N GLY B 152 23.56 -8.70 -2.94
CA GLY B 152 23.26 -8.60 -1.51
C GLY B 152 21.88 -8.09 -1.19
N ASP B 153 21.16 -7.52 -2.20
CA ASP B 153 19.82 -7.01 -1.95
C ASP B 153 18.81 -8.13 -1.74
N ARG B 154 17.74 -7.85 -0.96
CA ARG B 154 16.65 -8.81 -0.84
C ARG B 154 15.64 -8.43 -1.90
N VAL B 155 15.34 -9.37 -2.82
CA VAL B 155 14.44 -9.07 -3.94
C VAL B 155 13.16 -9.89 -3.84
N THR B 156 12.01 -9.25 -4.05
CA THR B 156 10.71 -9.92 -4.01
C THR B 156 9.99 -9.67 -5.33
N ILE B 157 9.50 -10.74 -5.94
CA ILE B 157 8.74 -10.68 -7.20
C ILE B 157 7.37 -11.26 -6.91
N THR B 158 6.31 -10.57 -7.35
CA THR B 158 4.96 -11.03 -7.06
CA THR B 158 4.96 -11.06 -7.07
C THR B 158 4.31 -11.61 -8.31
N CYS B 159 3.38 -12.56 -8.13
CA CYS B 159 2.65 -13.21 -9.21
C CYS B 159 1.20 -13.27 -8.76
N ARG B 160 0.29 -12.74 -9.56
CA ARG B 160 -1.13 -12.76 -9.23
CA ARG B 160 -1.14 -12.75 -9.25
C ARG B 160 -1.93 -13.53 -10.27
N ALA B 161 -2.90 -14.33 -9.82
CA ALA B 161 -3.73 -15.11 -10.74
C ALA B 161 -5.10 -14.47 -10.82
N SER B 162 -5.75 -14.55 -12.00
CA SER B 162 -7.09 -13.98 -12.19
C SER B 162 -8.20 -14.71 -11.41
N GLN B 163 -7.93 -15.94 -10.98
CA GLN B 163 -8.86 -16.70 -10.12
C GLN B 163 -7.98 -17.60 -9.25
N SER B 164 -8.56 -18.20 -8.19
CA SER B 164 -7.76 -19.05 -7.31
C SER B 164 -7.07 -20.19 -8.05
N ILE B 165 -5.78 -20.37 -7.78
CA ILE B 165 -5.04 -21.51 -8.32
C ILE B 165 -4.58 -22.43 -7.18
N ASN B 166 -5.17 -22.30 -5.95
CA ASN B 166 -4.79 -23.13 -4.81
C ASN B 166 -3.28 -22.92 -4.54
N THR B 167 -2.45 -23.97 -4.49
CA THR B 167 -0.99 -23.75 -4.38
C THR B 167 -0.29 -24.28 -5.65
N TRP B 168 -1.01 -24.45 -6.77
CA TRP B 168 -0.43 -25.02 -7.98
C TRP B 168 0.25 -23.96 -8.84
N LEU B 169 1.39 -23.49 -8.33
CA LEU B 169 2.15 -22.43 -8.96
C LEU B 169 3.62 -22.84 -8.95
N ALA B 170 4.26 -22.71 -10.09
CA ALA B 170 5.69 -23.02 -10.21
C ALA B 170 6.45 -21.76 -10.60
N TRP B 171 7.74 -21.68 -10.24
CA TRP B 171 8.59 -20.56 -10.64
C TRP B 171 9.75 -21.12 -11.45
N TYR B 172 10.16 -20.40 -12.49
CA TYR B 172 11.27 -20.75 -13.36
C TYR B 172 12.23 -19.58 -13.47
N GLN B 173 13.50 -19.89 -13.73
CA GLN B 173 14.51 -18.86 -14.01
C GLN B 173 14.95 -19.06 -15.46
N GLN B 174 15.23 -17.98 -16.17
CA GLN B 174 15.81 -18.09 -17.51
C GLN B 174 16.90 -17.06 -17.70
N LYS B 175 18.02 -17.49 -18.23
CA LYS B 175 19.12 -16.61 -18.62
CA LYS B 175 19.15 -16.63 -18.60
C LYS B 175 19.22 -16.51 -20.13
N PRO B 176 19.78 -15.39 -20.70
CA PRO B 176 19.86 -15.29 -22.18
C PRO B 176 20.62 -16.42 -22.80
N GLY B 177 20.08 -16.92 -23.90
CA GLY B 177 20.65 -18.05 -24.63
C GLY B 177 20.42 -19.38 -23.98
N LYS B 178 19.71 -19.41 -22.82
CA LYS B 178 19.51 -20.66 -22.13
C LYS B 178 18.05 -21.02 -22.02
N ALA B 179 17.78 -22.33 -21.86
CA ALA B 179 16.44 -22.79 -21.60
C ALA B 179 16.09 -22.38 -20.16
N PRO B 180 14.79 -22.30 -19.87
CA PRO B 180 14.38 -22.08 -18.47
C PRO B 180 14.75 -23.26 -17.57
N ASN B 181 14.84 -23.00 -16.26
CA ASN B 181 15.13 -24.00 -15.24
CA ASN B 181 15.05 -24.06 -15.29
C ASN B 181 14.05 -23.91 -14.16
N LEU B 182 13.55 -25.03 -13.66
CA LEU B 182 12.54 -25.02 -12.60
C LEU B 182 13.19 -24.67 -11.26
N LEU B 183 12.61 -23.69 -10.54
CA LEU B 183 13.14 -23.34 -9.21
C LEU B 183 12.24 -23.91 -8.11
N ILE B 184 10.91 -23.72 -8.24
CA ILE B 184 9.98 -24.06 -7.17
C ILE B 184 8.74 -24.66 -7.74
N SER B 185 8.20 -25.67 -7.06
CA SER B 185 6.91 -26.27 -7.42
C SER B 185 5.95 -26.11 -6.23
N LYS B 186 4.64 -26.19 -6.50
CA LYS B 186 3.62 -26.11 -5.44
C LYS B 186 3.84 -24.90 -4.49
N ALA B 187 4.14 -23.75 -5.12
CA ALA B 187 4.33 -22.41 -4.51
C ALA B 187 5.57 -22.27 -3.64
N SER B 188 5.99 -23.34 -2.91
CA SER B 188 7.11 -23.16 -1.95
C SER B 188 8.11 -24.33 -1.92
N SER B 189 7.91 -25.39 -2.71
CA SER B 189 8.82 -26.53 -2.70
CA SER B 189 8.81 -26.53 -2.69
C SER B 189 10.02 -26.33 -3.60
N LEU B 190 11.20 -26.07 -3.01
CA LEU B 190 12.39 -25.82 -3.80
CA LEU B 190 12.42 -25.82 -3.77
C LEU B 190 12.91 -27.08 -4.49
N GLU B 191 13.30 -26.92 -5.76
CA GLU B 191 13.90 -28.02 -6.51
C GLU B 191 15.27 -28.33 -5.89
N SER B 192 15.68 -29.60 -5.90
CA SER B 192 17.00 -30.00 -5.43
C SER B 192 18.08 -29.29 -6.27
N GLY B 193 19.09 -28.73 -5.61
CA GLY B 193 20.13 -28.01 -6.34
C GLY B 193 19.93 -26.50 -6.35
N VAL B 194 18.70 -26.03 -6.07
CA VAL B 194 18.45 -24.58 -6.04
C VAL B 194 18.92 -24.05 -4.69
N PRO B 195 19.70 -22.96 -4.68
CA PRO B 195 20.21 -22.42 -3.39
C PRO B 195 19.08 -22.01 -2.43
N SER B 196 19.33 -22.15 -1.12
CA SER B 196 18.31 -21.85 -0.12
CA SER B 196 18.34 -21.84 -0.08
C SER B 196 17.96 -20.37 0.00
N ARG B 197 18.73 -19.47 -0.65
CA ARG B 197 18.37 -18.04 -0.65
C ARG B 197 17.06 -17.81 -1.47
N PHE B 198 16.62 -18.79 -2.28
CA PHE B 198 15.35 -18.70 -2.99
C PHE B 198 14.25 -19.26 -2.11
N SER B 199 13.12 -18.59 -2.05
CA SER B 199 11.95 -19.14 -1.36
C SER B 199 10.69 -18.65 -2.04
N GLY B 200 9.64 -19.45 -1.93
CA GLY B 200 8.37 -19.09 -2.54
C GLY B 200 7.27 -19.17 -1.50
N SER B 201 6.25 -18.34 -1.66
CA SER B 201 5.14 -18.28 -0.71
CA SER B 201 5.11 -18.39 -0.74
C SER B 201 3.84 -17.94 -1.42
N GLY B 202 2.72 -18.25 -0.78
CA GLY B 202 1.43 -17.85 -1.29
C GLY B 202 0.46 -18.97 -1.54
N SER B 203 -0.79 -18.56 -1.69
CA SER B 203 -1.87 -19.48 -2.04
CA SER B 203 -1.88 -19.48 -2.03
C SER B 203 -3.04 -18.66 -2.58
N GLY B 204 -3.93 -19.31 -3.32
CA GLY B 204 -5.07 -18.60 -3.86
C GLY B 204 -4.72 -17.80 -5.10
N THR B 205 -4.67 -16.47 -4.95
CA THR B 205 -4.39 -15.59 -6.10
C THR B 205 -3.12 -14.77 -5.96
N GLU B 206 -2.40 -14.83 -4.83
CA GLU B 206 -1.20 -13.99 -4.67
C GLU B 206 -0.02 -14.81 -4.21
N PHE B 207 1.08 -14.72 -4.96
CA PHE B 207 2.28 -15.51 -4.70
C PHE B 207 3.50 -14.64 -4.78
N THR B 208 4.57 -15.05 -4.10
CA THR B 208 5.82 -14.29 -4.14
CA THR B 208 5.81 -14.29 -4.15
C THR B 208 7.01 -15.22 -4.25
N LEU B 209 8.04 -14.75 -4.94
CA LEU B 209 9.32 -15.42 -5.02
C LEU B 209 10.27 -14.41 -4.34
N THR B 210 11.04 -14.85 -3.34
CA THR B 210 11.98 -13.97 -2.66
C THR B 210 13.39 -14.52 -2.78
N ILE B 211 14.36 -13.65 -3.09
CA ILE B 211 15.77 -14.02 -3.10
C ILE B 211 16.34 -13.25 -1.93
N SER B 212 16.78 -13.94 -0.88
CA SER B 212 17.13 -13.26 0.38
C SER B 212 18.34 -12.35 0.28
N SER B 213 19.30 -12.72 -0.54
CA SER B 213 20.54 -11.95 -0.75
C SER B 213 20.98 -12.26 -2.18
N LEU B 214 20.68 -11.33 -3.09
CA LEU B 214 20.90 -11.54 -4.52
C LEU B 214 22.36 -11.76 -4.85
N GLN B 215 22.65 -12.79 -5.64
CA GLN B 215 24.03 -13.10 -6.02
C GLN B 215 24.21 -12.88 -7.54
N PRO B 216 25.45 -12.79 -8.02
CA PRO B 216 25.68 -12.61 -9.48
C PRO B 216 24.97 -13.60 -10.40
N ASP B 217 24.86 -14.86 -9.98
CA ASP B 217 24.16 -15.88 -10.78
C ASP B 217 22.65 -15.64 -10.89
N ASP B 218 22.10 -14.74 -10.06
CA ASP B 218 20.64 -14.56 -9.99
C ASP B 218 20.06 -13.49 -10.92
N PHE B 219 20.92 -12.69 -11.59
CA PHE B 219 20.42 -11.68 -12.53
C PHE B 219 19.98 -12.49 -13.75
N ALA B 220 18.69 -12.49 -13.97
CA ALA B 220 18.01 -13.39 -14.89
C ALA B 220 16.53 -12.95 -14.99
N THR B 221 15.71 -13.64 -15.80
CA THR B 221 14.28 -13.39 -15.86
C THR B 221 13.57 -14.53 -15.15
N TYR B 222 12.54 -14.21 -14.38
CA TYR B 222 11.82 -15.20 -13.59
C TYR B 222 10.38 -15.25 -14.07
N PHE B 223 9.85 -16.46 -14.25
CA PHE B 223 8.46 -16.62 -14.69
C PHE B 223 7.69 -17.45 -13.68
N CYS B 224 6.42 -17.04 -13.38
CA CYS B 224 5.56 -17.93 -12.61
C CYS B 224 4.62 -18.64 -13.63
N GLN B 225 4.07 -19.77 -13.22
CA GLN B 225 3.20 -20.55 -14.10
C GLN B 225 2.19 -21.30 -13.26
N GLN B 226 0.91 -21.21 -13.63
CA GLN B 226 -0.08 -21.98 -12.87
C GLN B 226 -0.35 -23.32 -13.56
N TYR B 227 -0.66 -24.32 -12.74
CA TYR B 227 -1.11 -25.63 -13.19
C TYR B 227 -2.33 -26.08 -12.39
N ASN B 228 -3.17 -25.08 -11.97
CA ASN B 228 -4.47 -25.39 -11.37
C ASN B 228 -5.38 -25.91 -12.48
N SER B 229 -5.32 -25.26 -13.67
CA SER B 229 -6.04 -25.72 -14.87
C SER B 229 -5.05 -26.60 -15.65
N TYR B 230 -5.59 -27.59 -16.39
CA TYR B 230 -4.73 -28.41 -17.24
C TYR B 230 -4.24 -27.62 -18.47
N LEU B 231 -4.78 -26.42 -18.72
CA LEU B 231 -4.27 -25.52 -19.75
C LEU B 231 -3.38 -24.54 -18.97
N TYR B 232 -2.09 -24.86 -18.90
CA TYR B 232 -1.16 -24.03 -18.12
C TYR B 232 -1.04 -22.65 -18.71
N THR B 233 -0.68 -21.67 -17.85
CA THR B 233 -0.39 -20.33 -18.34
C THR B 233 0.77 -19.77 -17.55
N PHE B 234 1.59 -18.96 -18.24
CA PHE B 234 2.72 -18.30 -17.59
C PHE B 234 2.43 -16.82 -17.37
N GLY B 235 3.07 -16.24 -16.36
CA GLY B 235 3.13 -14.80 -16.19
C GLY B 235 4.05 -14.25 -17.27
N GLN B 236 4.11 -12.91 -17.40
CA GLN B 236 4.88 -12.27 -18.48
C GLN B 236 6.39 -12.23 -18.27
N GLY B 237 6.84 -12.59 -17.07
CA GLY B 237 8.25 -12.59 -16.70
C GLY B 237 8.65 -11.33 -15.99
N THR B 238 9.64 -11.44 -15.11
CA THR B 238 10.19 -10.29 -14.39
C THR B 238 11.70 -10.35 -14.56
N LYS B 239 12.28 -9.33 -15.18
CA LYS B 239 13.72 -9.33 -15.41
C LYS B 239 14.42 -8.63 -14.23
N VAL B 240 15.39 -9.31 -13.64
CA VAL B 240 16.17 -8.77 -12.52
C VAL B 240 17.52 -8.38 -13.11
N GLU B 241 17.75 -7.07 -13.24
CA GLU B 241 18.93 -6.53 -13.89
C GLU B 241 19.92 -5.93 -12.90
N ILE B 242 21.20 -5.86 -13.31
CA ILE B 242 22.22 -5.29 -12.45
C ILE B 242 22.14 -3.78 -12.44
N ARG B 243 22.20 -3.15 -11.26
CA ARG B 243 22.28 -1.68 -11.07
C ARG B 243 23.28 -1.07 -12.08
N GLY B 244 22.86 -0.06 -12.84
CA GLY B 244 23.70 0.55 -13.88
C GLY B 244 23.44 -0.04 -15.27
N THR B 245 22.45 -0.95 -15.41
CA THR B 245 22.19 -1.60 -16.71
C THR B 245 21.57 -0.64 -17.73
N LYS B 246 22.21 -0.60 -18.90
CA LYS B 246 21.84 0.22 -20.03
C LYS B 246 21.92 -0.61 -21.32
N HIS B 247 21.06 -0.31 -22.31
CA HIS B 247 21.06 -1.05 -23.57
C HIS B 247 21.20 -0.10 -24.77
N SER C 5 -10.46 -44.65 13.33
CA SER C 5 -9.71 -43.54 13.92
C SER C 5 -8.31 -43.96 14.33
N TYR C 6 -8.10 -45.24 14.70
CA TYR C 6 -6.79 -45.70 15.13
C TYR C 6 -5.74 -45.57 14.03
N GLN C 7 -6.15 -45.67 12.75
CA GLN C 7 -5.23 -45.51 11.63
C GLN C 7 -4.71 -44.09 11.56
N ASP C 8 -5.59 -43.08 11.77
CA ASP C 8 -5.13 -41.69 11.73
C ASP C 8 -4.29 -41.38 12.97
N VAL C 9 -4.65 -41.94 14.14
CA VAL C 9 -3.87 -41.74 15.37
C VAL C 9 -2.45 -42.28 15.19
N CYS C 10 -2.33 -43.47 14.59
CA CYS C 10 -1.05 -44.10 14.35
C CYS C 10 -0.21 -43.31 13.38
N ARG C 11 -0.78 -43.00 12.21
CA ARG C 11 -0.07 -42.26 11.17
C ARG C 11 0.39 -40.89 11.68
N LYS C 12 -0.48 -40.19 12.42
CA LYS C 12 -0.11 -38.86 12.93
C LYS C 12 0.99 -38.91 13.96
N ALA C 13 0.99 -39.94 14.85
CA ALA C 13 2.04 -40.09 15.86
C ALA C 13 3.38 -40.37 15.17
N LYS C 14 3.37 -41.23 14.15
CA LYS C 14 4.60 -41.55 13.40
C LYS C 14 5.11 -40.31 12.67
N GLU C 15 4.19 -39.52 12.07
CA GLU C 15 4.55 -38.28 11.37
C GLU C 15 5.19 -37.28 12.35
N LYS C 16 4.63 -37.16 13.55
CA LYS C 16 5.18 -36.25 14.55
C LYS C 16 6.55 -36.68 15.02
N LEU C 17 6.75 -38.01 15.22
CA LEU C 17 8.07 -38.51 15.62
C LEU C 17 9.09 -38.28 14.49
N ASP C 18 8.67 -38.42 13.23
CA ASP C 18 9.55 -38.16 12.10
C ASP C 18 9.99 -36.69 12.08
N LYS C 19 9.07 -35.78 12.41
CA LYS C 19 9.38 -34.36 12.43
C LYS C 19 10.39 -34.05 13.56
N ILE C 20 10.19 -34.67 14.73
CA ILE C 20 11.11 -34.46 15.86
C ILE C 20 12.50 -35.01 15.50
N GLU C 21 12.55 -36.17 14.84
CA GLU C 21 13.83 -36.74 14.41
C GLU C 21 14.54 -35.80 13.43
N MET C 22 13.78 -35.23 12.50
CA MET C 22 14.35 -34.30 11.51
C MET C 22 14.88 -33.04 12.20
N ASP C 23 14.14 -32.55 13.22
CA ASP C 23 14.60 -31.38 13.97
C ASP C 23 15.91 -31.67 14.71
N ALA C 24 16.05 -32.89 15.25
CA ALA C 24 17.28 -33.27 15.95
C ALA C 24 18.47 -33.38 14.97
N LYS C 25 18.21 -33.94 13.78
CA LYS C 25 19.25 -34.04 12.76
C LYS C 25 19.67 -32.66 12.27
N ASN C 26 18.69 -31.75 12.08
CA ASN C 26 19.01 -30.38 11.63
C ASN C 26 19.80 -29.62 12.70
N TYR C 27 19.46 -29.86 13.96
CA TYR C 27 20.20 -29.24 15.07
C TYR C 27 21.67 -29.73 15.05
N GLU C 28 21.87 -31.05 14.85
CA GLU C 28 23.24 -31.58 14.81
C GLU C 28 24.00 -31.02 13.60
N THR C 29 23.33 -30.89 12.43
CA THR C 29 24.01 -30.28 11.26
C THR C 29 24.45 -28.85 11.58
N ASN C 30 23.59 -28.10 12.31
CA ASN C 30 23.84 -26.73 12.79
C ASN C 30 25.05 -26.65 13.72
N LEU C 31 25.25 -27.68 14.54
CA LEU C 31 26.41 -27.71 15.45
C LEU C 31 27.70 -27.92 14.66
N LYS C 32 27.63 -28.80 13.66
CA LYS C 32 28.78 -29.16 12.82
C LYS C 32 29.17 -28.04 11.86
N GLU C 33 28.21 -27.18 11.48
CA GLU C 33 28.50 -26.08 10.55
C GLU C 33 28.96 -24.81 11.27
N LYS C 40 38.71 -23.64 23.59
CA LYS C 40 39.00 -24.96 24.14
C LYS C 40 39.29 -24.92 25.65
N THR C 41 38.81 -23.89 26.36
CA THR C 41 39.00 -23.82 27.81
C THR C 41 38.02 -24.78 28.51
N GLU C 42 38.28 -25.11 29.79
CA GLU C 42 37.39 -25.97 30.56
C GLU C 42 36.01 -25.30 30.69
N GLU C 43 35.98 -23.96 30.88
CA GLU C 43 34.73 -23.20 30.99
C GLU C 43 33.92 -23.27 29.69
N TYR C 44 34.58 -23.12 28.52
CA TYR C 44 33.89 -23.19 27.22
C TYR C 44 33.22 -24.55 27.05
N ARG C 45 33.98 -25.65 27.28
CA ARG C 45 33.45 -27.01 27.14
C ARG C 45 32.24 -27.23 28.03
N LYS C 46 32.29 -26.76 29.29
CA LYS C 46 31.17 -26.97 30.20
C LYS C 46 29.93 -26.18 29.78
N LYS C 47 30.12 -24.93 29.36
CA LYS C 47 28.99 -24.07 28.97
C LYS C 47 28.32 -24.58 27.69
N LYS C 48 29.12 -25.12 26.75
CA LYS C 48 28.54 -25.65 25.52
C LYS C 48 27.86 -26.98 25.82
N LYS C 49 28.47 -27.83 26.66
CA LYS C 49 27.88 -29.13 27.00
CA LYS C 49 27.85 -29.12 26.98
C LYS C 49 26.50 -28.98 27.65
N ILE C 50 26.37 -28.06 28.61
CA ILE C 50 25.10 -27.91 29.32
C ILE C 50 23.99 -27.41 28.39
N ALA C 51 24.34 -26.52 27.45
CA ALA C 51 23.34 -26.01 26.51
C ALA C 51 22.89 -27.10 25.54
N ILE C 52 23.84 -27.92 25.06
CA ILE C 52 23.49 -29.02 24.15
C ILE C 52 22.63 -30.04 24.86
N GLU C 53 22.98 -30.36 26.11
CA GLU C 53 22.16 -31.28 26.92
C GLU C 53 20.74 -30.71 27.09
N ALA C 54 20.62 -29.41 27.40
CA ALA C 54 19.30 -28.78 27.58
C ALA C 54 18.47 -28.85 26.27
N PHE C 55 19.13 -28.58 25.13
CA PHE C 55 18.42 -28.62 23.86
C PHE C 55 17.90 -30.03 23.57
N LEU C 56 18.78 -31.04 23.70
CA LEU C 56 18.39 -32.41 23.43
C LEU C 56 17.39 -32.98 24.42
N LYS C 57 17.45 -32.55 25.69
CA LYS C 57 16.45 -32.99 26.68
C LYS C 57 15.07 -32.42 26.30
N LYS C 58 15.03 -31.20 25.73
CA LYS C 58 13.76 -30.62 25.29
C LYS C 58 13.22 -31.38 24.06
N ILE C 59 14.10 -31.82 23.15
CA ILE C 59 13.67 -32.65 22.01
C ILE C 59 13.06 -33.97 22.57
N GLU C 60 13.72 -34.55 23.57
CA GLU C 60 13.25 -35.79 24.20
C GLU C 60 11.89 -35.59 24.86
N GLU C 61 11.62 -34.40 25.47
CA GLU C 61 10.29 -34.14 26.04
C GLU C 61 9.21 -34.20 24.97
N ALA C 62 9.50 -33.64 23.78
CA ALA C 62 8.52 -33.65 22.69
C ALA C 62 8.24 -35.07 22.23
N ALA C 63 9.28 -35.89 22.07
CA ALA C 63 9.10 -37.27 21.64
C ALA C 63 8.34 -38.06 22.71
N ASP C 64 8.66 -37.84 23.99
CA ASP C 64 7.97 -38.53 25.08
C ASP C 64 6.51 -38.17 25.12
N LYS C 65 6.18 -36.90 24.89
CA LYS C 65 4.79 -36.45 24.91
C LYS C 65 3.99 -37.07 23.76
N VAL C 66 4.58 -37.11 22.56
CA VAL C 66 3.90 -37.70 21.40
C VAL C 66 3.63 -39.20 21.65
N ALA C 67 4.65 -39.90 22.16
CA ALA C 67 4.51 -41.34 22.41
C ALA C 67 3.49 -41.65 23.51
N ARG C 68 3.54 -40.89 24.61
CA ARG C 68 2.64 -41.08 25.74
C ARG C 68 1.20 -40.83 25.32
N GLU C 69 0.96 -39.75 24.57
CA GLU C 69 -0.39 -39.40 24.15
C GLU C 69 -0.94 -40.36 23.10
N ALA C 70 -0.08 -40.86 22.19
CA ALA C 70 -0.54 -41.82 21.19
C ALA C 70 -0.96 -43.11 21.88
N LYS C 71 -0.16 -43.62 22.83
CA LYS C 71 -0.48 -44.84 23.56
C LYS C 71 -1.78 -44.71 24.34
N GLN C 72 -1.95 -43.57 25.02
CA GLN C 72 -3.16 -43.28 25.80
C GLN C 72 -4.40 -43.25 24.90
N ARG C 73 -4.29 -42.65 23.70
CA ARG C 73 -5.39 -42.57 22.74
C ARG C 73 -5.73 -43.96 22.19
N LEU C 74 -4.70 -44.75 21.87
CA LEU C 74 -4.89 -46.11 21.36
C LEU C 74 -5.48 -47.04 22.43
N ASP C 75 -5.21 -46.77 23.71
CA ASP C 75 -5.77 -47.57 24.81
C ASP C 75 -7.26 -47.29 24.97
N GLU C 76 -7.69 -46.03 24.76
CA GLU C 76 -9.10 -45.66 24.84
C GLU C 76 -9.87 -46.25 23.67
N LEU C 77 -9.27 -46.23 22.47
CA LEU C 77 -9.91 -46.79 21.28
C LEU C 77 -9.98 -48.32 21.32
N GLU C 78 -9.03 -48.98 22.00
CA GLU C 78 -9.00 -50.43 22.10
C GLU C 78 -10.13 -50.95 23.01
N LYS C 79 -10.42 -50.21 24.08
CA LYS C 79 -11.49 -50.59 25.01
C LYS C 79 -12.89 -50.28 24.47
N LYS C 80 -13.00 -49.33 23.52
CA LYS C 80 -14.28 -48.95 22.94
C LYS C 80 -14.76 -49.98 21.92
N LYS C 85 -8.66 -54.84 17.86
CA LYS C 85 -7.76 -55.32 18.91
C LYS C 85 -6.35 -55.63 18.37
N GLU C 86 -6.26 -56.50 17.35
CA GLU C 86 -4.98 -56.91 16.76
C GLU C 86 -4.26 -55.77 16.04
N GLU C 87 -5.00 -54.93 15.31
CA GLU C 87 -4.40 -53.82 14.59
C GLU C 87 -4.03 -52.64 15.49
N LEU C 88 -4.74 -52.45 16.61
CA LEU C 88 -4.44 -51.37 17.55
C LEU C 88 -3.20 -51.71 18.38
N GLU C 89 -3.04 -52.99 18.74
CA GLU C 89 -1.88 -53.45 19.50
C GLU C 89 -0.62 -53.39 18.62
N LYS C 90 -0.75 -53.71 17.32
CA LYS C 90 0.33 -53.63 16.35
C LYS C 90 0.81 -52.18 16.22
N CYS C 91 -0.13 -51.22 16.26
CA CYS C 91 0.18 -49.80 16.18
C CYS C 91 0.92 -49.33 17.43
N LYS C 92 0.45 -49.73 18.63
CA LYS C 92 1.11 -49.34 19.89
C LYS C 92 2.56 -49.82 19.91
N GLU C 93 2.80 -51.07 19.45
CA GLU C 93 4.15 -51.62 19.40
C GLU C 93 5.01 -50.82 18.42
N GLU C 94 4.45 -50.43 17.27
CA GLU C 94 5.16 -49.65 16.26
C GLU C 94 5.53 -48.25 16.78
N VAL C 95 4.59 -47.56 17.45
CA VAL C 95 4.86 -46.24 18.01
C VAL C 95 5.91 -46.34 19.11
N GLU C 96 5.80 -47.37 19.97
CA GLU C 96 6.74 -47.61 21.06
C GLU C 96 8.14 -47.86 20.50
N LYS C 97 8.25 -48.70 19.48
CA LYS C 97 9.53 -49.02 18.85
C LYS C 97 10.16 -47.74 18.26
N ARG C 98 9.35 -46.93 17.55
CA ARG C 98 9.81 -45.68 16.95
C ARG C 98 10.32 -44.72 18.02
N ALA C 99 9.59 -44.61 19.13
CA ALA C 99 9.99 -43.72 20.21
C ALA C 99 11.33 -44.18 20.82
N ARG C 100 11.51 -45.51 21.03
CA ARG C 100 12.76 -46.05 21.58
CA ARG C 100 12.76 -46.01 21.59
C ARG C 100 13.92 -45.73 20.65
N GLU C 101 13.71 -45.89 19.34
CA GLU C 101 14.74 -45.63 18.33
C GLU C 101 15.12 -44.16 18.33
N LEU C 102 14.13 -43.28 18.44
CA LEU C 102 14.37 -41.83 18.44
C LEU C 102 15.13 -41.41 19.71
N ARG C 103 14.80 -42.00 20.86
CA ARG C 103 15.52 -41.70 22.11
C ARG C 103 16.99 -42.12 21.99
N ARG C 104 17.24 -43.28 21.35
CA ARG C 104 18.60 -43.75 21.14
C ARG C 104 19.32 -42.79 20.20
N ARG C 105 18.64 -42.35 19.12
CA ARG C 105 19.25 -41.40 18.18
C ARG C 105 19.65 -40.09 18.88
N ILE C 106 18.80 -39.59 19.77
CA ILE C 106 19.06 -38.35 20.52
C ILE C 106 20.28 -38.54 21.43
N ARG C 107 20.37 -39.67 22.12
CA ARG C 107 21.52 -39.97 22.97
C ARG C 107 22.81 -40.06 22.16
N GLU C 108 22.73 -40.57 20.92
CA GLU C 108 23.92 -40.68 20.07
C GLU C 108 24.39 -39.31 19.61
N ILE C 109 23.47 -38.35 19.39
CA ILE C 109 23.87 -36.98 19.07
C ILE C 109 24.62 -36.36 20.26
N LEU C 110 24.10 -36.56 21.48
CA LEU C 110 24.74 -36.04 22.69
C LEU C 110 26.14 -36.66 22.85
N GLU C 111 26.27 -37.98 22.64
CA GLU C 111 27.58 -38.63 22.74
C GLU C 111 28.61 -38.03 21.76
N ARG C 112 28.20 -37.82 20.50
CA ARG C 112 29.12 -37.23 19.51
C ARG C 112 29.51 -35.81 19.90
N ALA C 113 28.56 -35.05 20.44
CA ALA C 113 28.82 -33.66 20.86
C ALA C 113 29.80 -33.62 22.05
N LYS C 114 29.64 -34.54 23.02
CA LYS C 114 30.56 -34.60 24.17
C LYS C 114 31.96 -35.00 23.70
N LYS C 115 32.04 -35.96 22.77
CA LYS C 115 33.31 -36.40 22.22
C LYS C 115 34.00 -35.24 21.51
N TRP C 116 33.24 -34.47 20.73
CA TRP C 116 33.73 -33.30 20.00
C TRP C 116 34.27 -32.25 20.98
N LEU C 117 33.53 -31.96 22.05
CA LEU C 117 33.97 -30.99 23.04
C LEU C 117 35.13 -31.50 23.92
N ASP C 118 35.36 -32.83 23.98
CA ASP C 118 36.45 -33.40 24.77
C ASP C 118 37.77 -33.56 23.97
N GLN C 119 37.84 -33.06 22.73
CA GLN C 119 39.07 -33.16 21.94
C GLN C 119 40.19 -32.32 22.56
N GLN D 2 3.43 -32.57 33.09
CA GLN D 2 4.35 -32.63 34.22
C GLN D 2 5.35 -31.46 34.17
N VAL D 3 5.75 -31.00 32.96
CA VAL D 3 6.69 -29.87 32.84
C VAL D 3 5.91 -28.57 33.08
N GLN D 4 6.21 -27.85 34.17
CA GLN D 4 5.44 -26.65 34.49
C GLN D 4 6.19 -25.66 35.36
N LEU D 5 5.71 -24.41 35.37
CA LEU D 5 6.22 -23.36 36.24
C LEU D 5 5.00 -22.79 36.97
N VAL D 6 5.06 -22.76 38.30
CA VAL D 6 3.93 -22.26 39.11
C VAL D 6 4.40 -21.06 39.90
N GLN D 7 3.75 -19.92 39.68
CA GLN D 7 4.14 -18.69 40.33
C GLN D 7 3.36 -18.39 41.61
N SER D 8 3.90 -17.50 42.42
CA SER D 8 3.26 -17.04 43.64
C SER D 8 2.06 -16.11 43.33
N GLY D 9 1.24 -15.87 44.35
CA GLY D 9 -0.01 -15.15 44.16
C GLY D 9 0.08 -13.65 43.97
N ALA D 10 -1.08 -13.04 43.72
CA ALA D 10 -1.19 -11.60 43.48
C ALA D 10 -0.57 -10.76 44.56
N GLU D 11 -0.05 -9.59 44.17
CA GLU D 11 0.56 -8.65 45.13
C GLU D 11 0.00 -7.26 44.92
N VAL D 12 -0.15 -6.49 46.02
CA VAL D 12 -0.58 -5.09 45.97
C VAL D 12 0.41 -4.36 46.86
N LYS D 13 1.17 -3.45 46.25
CA LYS D 13 2.25 -2.77 46.97
C LYS D 13 2.14 -1.28 46.89
N LYS D 14 2.58 -0.57 47.93
CA LYS D 14 2.56 0.89 47.89
C LYS D 14 3.72 1.40 47.00
N PRO D 15 3.59 2.60 46.40
CA PRO D 15 4.72 3.18 45.65
C PRO D 15 5.94 3.31 46.57
N GLY D 16 7.09 2.97 46.04
CA GLY D 16 8.35 2.98 46.79
C GLY D 16 8.70 1.65 47.43
N ALA D 17 7.72 0.73 47.55
CA ALA D 17 7.95 -0.57 48.18
C ALA D 17 8.62 -1.55 47.17
N SER D 18 8.98 -2.75 47.62
CA SER D 18 9.55 -3.76 46.74
CA SER D 18 9.57 -3.78 46.77
C SER D 18 8.61 -4.96 46.69
N VAL D 19 8.78 -5.79 45.67
CA VAL D 19 7.99 -7.00 45.54
C VAL D 19 8.91 -8.14 45.18
N ARG D 20 8.62 -9.36 45.67
CA ARG D 20 9.38 -10.53 45.28
C ARG D 20 8.37 -11.58 44.79
N VAL D 21 8.55 -12.05 43.55
CA VAL D 21 7.66 -13.07 42.95
C VAL D 21 8.46 -14.35 42.81
N SER D 22 7.82 -15.50 43.08
CA SER D 22 8.52 -16.78 42.95
C SER D 22 7.97 -17.57 41.76
N CYS D 23 8.76 -18.53 41.30
CA CYS D 23 8.44 -19.32 40.13
C CYS D 23 9.01 -20.72 40.38
N LYS D 24 8.15 -21.68 40.73
CA LYS D 24 8.60 -23.04 41.05
C LYS D 24 8.48 -23.96 39.87
N ALA D 25 9.61 -24.59 39.50
CA ALA D 25 9.66 -25.48 38.37
C ALA D 25 9.48 -26.93 38.78
N SER D 26 8.85 -27.71 37.92
CA SER D 26 8.77 -29.14 38.12
C SER D 26 8.73 -29.84 36.77
N GLY D 27 9.12 -31.11 36.76
CA GLY D 27 9.05 -31.91 35.56
C GLY D 27 10.26 -31.90 34.67
N TYR D 28 11.29 -31.11 35.02
CA TYR D 28 12.52 -31.04 34.23
C TYR D 28 13.71 -30.70 35.14
N THR D 29 14.95 -30.85 34.62
CA THR D 29 16.15 -30.57 35.41
C THR D 29 16.39 -29.06 35.44
N PHE D 30 16.02 -28.41 36.55
CA PHE D 30 16.11 -26.96 36.69
C PHE D 30 17.53 -26.41 36.45
N THR D 31 18.54 -27.15 36.92
CA THR D 31 19.93 -26.70 36.76
C THR D 31 20.47 -26.81 35.32
N SER D 32 19.69 -27.37 34.39
CA SER D 32 20.15 -27.44 32.99
C SER D 32 19.57 -26.27 32.14
N TYR D 33 18.73 -25.42 32.73
CA TYR D 33 18.06 -24.35 31.99
C TYR D 33 18.23 -23.02 32.75
N GLY D 34 17.61 -22.00 32.19
CA GLY D 34 17.52 -20.66 32.79
C GLY D 34 16.05 -20.25 32.91
N ILE D 35 15.84 -19.07 33.50
CA ILE D 35 14.49 -18.53 33.63
C ILE D 35 14.53 -17.09 33.18
N SER D 36 13.65 -16.73 32.24
CA SER D 36 13.48 -15.32 31.85
C SER D 36 12.20 -14.80 32.52
N TRP D 37 12.18 -13.50 32.80
CA TRP D 37 11.01 -12.85 33.37
C TRP D 37 10.53 -11.85 32.35
N VAL D 38 9.21 -11.84 32.12
CA VAL D 38 8.57 -10.97 31.11
C VAL D 38 7.33 -10.38 31.77
N ARG D 39 7.10 -9.07 31.62
CA ARG D 39 5.90 -8.47 32.21
C ARG D 39 5.00 -7.82 31.15
N GLN D 40 3.75 -7.57 31.52
CA GLN D 40 2.79 -7.00 30.59
C GLN D 40 1.85 -6.08 31.33
N ALA D 41 2.01 -4.78 31.10
CA ALA D 41 1.15 -3.77 31.73
C ALA D 41 -0.29 -3.88 31.15
N PRO D 42 -1.31 -3.41 31.88
CA PRO D 42 -2.70 -3.58 31.40
C PRO D 42 -2.93 -3.02 30.00
N GLY D 43 -3.43 -3.86 29.09
CA GLY D 43 -3.69 -3.48 27.70
C GLY D 43 -2.45 -3.26 26.85
N GLN D 44 -1.26 -3.59 27.37
CA GLN D 44 -0.02 -3.33 26.65
C GLN D 44 0.64 -4.66 26.19
N GLY D 45 1.80 -4.55 25.53
CA GLY D 45 2.49 -5.72 25.02
C GLY D 45 3.42 -6.35 26.04
N LEU D 46 4.17 -7.36 25.60
CA LEU D 46 5.13 -8.04 26.47
C LEU D 46 6.41 -7.24 26.54
N GLU D 47 7.05 -7.24 27.71
CA GLU D 47 8.33 -6.55 27.91
C GLU D 47 9.27 -7.48 28.68
N TRP D 48 10.42 -7.82 28.06
CA TRP D 48 11.38 -8.70 28.72
C TRP D 48 12.10 -7.92 29.83
N MET D 49 12.24 -8.56 31.00
CA MET D 49 12.88 -7.93 32.16
C MET D 49 14.32 -8.38 32.41
N GLY D 50 14.56 -9.67 32.23
CA GLY D 50 15.87 -10.23 32.54
C GLY D 50 15.84 -11.73 32.59
N TRP D 51 16.98 -12.31 32.89
CA TRP D 51 17.15 -13.75 32.86
C TRP D 51 18.19 -14.19 33.89
N ILE D 52 18.05 -15.42 34.42
CA ILE D 52 19.04 -16.01 35.31
C ILE D 52 19.26 -17.46 34.91
N SER D 53 20.52 -17.90 34.95
CA SER D 53 20.83 -19.29 34.66
C SER D 53 20.64 -20.14 35.93
N GLY D 54 19.90 -21.25 35.79
CA GLY D 54 19.81 -22.21 36.88
C GLY D 54 21.10 -23.02 37.01
N TYR D 55 21.96 -22.99 35.98
CA TYR D 55 23.20 -23.76 35.95
C TYR D 55 24.31 -23.07 36.74
N ASP D 56 24.55 -21.76 36.47
CA ASP D 56 25.66 -21.10 37.15
C ASP D 56 25.32 -19.72 37.79
N GLY D 57 24.04 -19.35 37.78
CA GLY D 57 23.61 -18.11 38.43
C GLY D 57 23.90 -16.83 37.69
N ASN D 58 24.44 -16.90 36.47
CA ASN D 58 24.68 -15.67 35.71
C ASN D 58 23.33 -14.98 35.42
N THR D 59 23.33 -13.64 35.39
CA THR D 59 22.11 -12.90 35.11
C THR D 59 22.36 -11.83 34.04
N ASN D 60 21.29 -11.48 33.32
CA ASN D 60 21.29 -10.35 32.39
C ASN D 60 20.00 -9.61 32.68
N TYR D 61 20.06 -8.29 32.84
CA TYR D 61 18.85 -7.53 33.11
C TYR D 61 18.64 -6.50 32.00
N ALA D 62 17.38 -6.20 31.70
CA ALA D 62 17.03 -5.14 30.75
C ALA D 62 17.63 -3.81 31.25
N GLN D 63 18.19 -3.00 30.35
CA GLN D 63 18.86 -1.75 30.71
C GLN D 63 18.03 -0.85 31.61
N LYS D 64 16.74 -0.71 31.32
CA LYS D 64 15.86 0.17 32.09
C LYS D 64 15.65 -0.29 33.52
N LEU D 65 15.89 -1.59 33.82
CA LEU D 65 15.71 -2.11 35.18
C LEU D 65 17.01 -2.31 35.94
N GLN D 66 18.20 -2.17 35.29
CA GLN D 66 19.47 -2.39 35.98
C GLN D 66 19.58 -1.50 37.23
N GLY D 67 19.92 -2.12 38.36
CA GLY D 67 20.01 -1.42 39.63
C GLY D 67 18.75 -1.52 40.48
N ARG D 68 17.63 -1.94 39.87
CA ARG D 68 16.34 -1.99 40.57
C ARG D 68 15.77 -3.42 40.64
N VAL D 69 16.32 -4.36 39.85
CA VAL D 69 15.81 -5.73 39.82
C VAL D 69 16.91 -6.68 40.25
N THR D 70 16.54 -7.72 41.00
CA THR D 70 17.49 -8.74 41.40
C THR D 70 16.82 -10.11 41.18
N MET D 71 17.50 -11.00 40.46
CA MET D 71 16.98 -12.36 40.25
C MET D 71 17.88 -13.33 40.98
N THR D 72 17.25 -14.32 41.61
CA THR D 72 17.97 -15.36 42.34
C THR D 72 17.31 -16.72 42.07
N THR D 73 17.99 -17.81 42.44
CA THR D 73 17.39 -19.12 42.38
C THR D 73 17.66 -19.84 43.72
N ASP D 74 16.84 -20.83 44.02
CA ASP D 74 17.06 -21.73 45.14
C ASP D 74 17.09 -23.10 44.46
N THR D 75 18.29 -23.63 44.24
CA THR D 75 18.48 -24.91 43.57
C THR D 75 17.80 -26.03 44.32
N SER D 76 17.81 -26.01 45.67
CA SER D 76 17.22 -27.11 46.45
C SER D 76 15.71 -27.26 46.25
N THR D 77 15.02 -26.17 45.86
CA THR D 77 13.57 -26.23 45.62
C THR D 77 13.19 -25.96 44.15
N SER D 78 14.19 -25.83 43.23
CA SER D 78 13.95 -25.55 41.82
C SER D 78 13.06 -24.30 41.66
N THR D 79 13.35 -23.28 42.44
CA THR D 79 12.54 -22.05 42.43
C THR D 79 13.35 -20.85 42.03
N ALA D 80 12.82 -20.04 41.13
CA ALA D 80 13.46 -18.78 40.73
C ALA D 80 12.68 -17.63 41.40
N TYR D 81 13.37 -16.55 41.74
CA TYR D 81 12.73 -15.39 42.36
C TYR D 81 13.11 -14.13 41.60
N MET D 82 12.17 -13.19 41.53
CA MET D 82 12.45 -11.90 40.91
C MET D 82 12.02 -10.84 41.93
N GLU D 83 12.94 -9.97 42.33
CA GLU D 83 12.66 -8.87 43.24
C GLU D 83 12.74 -7.57 42.43
N LEU D 84 11.73 -6.71 42.54
CA LEU D 84 11.74 -5.42 41.86
C LEU D 84 11.51 -4.36 42.93
N ARG D 85 12.45 -3.41 43.03
CA ARG D 85 12.43 -2.40 44.08
C ARG D 85 11.91 -1.04 43.60
N SER D 86 11.65 -0.11 44.57
CA SER D 86 11.22 1.27 44.27
C SER D 86 10.07 1.30 43.29
N LEU D 87 9.03 0.51 43.60
CA LEU D 87 7.89 0.38 42.71
C LEU D 87 7.17 1.67 42.42
N ARG D 88 6.75 1.84 41.18
CA ARG D 88 5.97 3.00 40.77
CA ARG D 88 5.95 3.00 40.80
C ARG D 88 4.73 2.53 40.01
N SER D 89 3.74 3.43 39.78
CA SER D 89 2.52 3.09 39.07
C SER D 89 2.74 2.34 37.76
N ASP D 90 3.78 2.69 36.99
CA ASP D 90 4.02 2.02 35.72
C ASP D 90 4.62 0.62 35.85
N ASP D 91 4.88 0.15 37.10
CA ASP D 91 5.31 -1.23 37.32
C ASP D 91 4.08 -2.15 37.52
N THR D 92 2.84 -1.60 37.53
CA THR D 92 1.62 -2.42 37.60
C THR D 92 1.55 -3.26 36.34
N ALA D 93 1.52 -4.58 36.49
CA ALA D 93 1.56 -5.49 35.33
C ALA D 93 1.34 -6.93 35.80
N VAL D 94 1.16 -7.86 34.82
CA VAL D 94 1.23 -9.28 35.11
C VAL D 94 2.69 -9.66 34.82
N TYR D 95 3.33 -10.33 35.78
CA TYR D 95 4.73 -10.75 35.69
C TYR D 95 4.75 -12.23 35.42
N TYR D 96 5.42 -12.66 34.36
CA TYR D 96 5.55 -14.07 34.01
C TYR D 96 6.98 -14.54 34.12
N CYS D 97 7.17 -15.81 34.49
CA CYS D 97 8.48 -16.43 34.35
C CYS D 97 8.34 -17.43 33.19
N ALA D 98 9.46 -17.75 32.54
CA ALA D 98 9.44 -18.71 31.43
C ALA D 98 10.77 -19.43 31.34
N ARG D 99 10.72 -20.72 30.98
CA ARG D 99 11.95 -21.49 30.82
C ARG D 99 12.72 -21.01 29.61
N ASP D 100 14.04 -20.92 29.76
CA ASP D 100 14.92 -20.42 28.70
C ASP D 100 16.23 -21.26 28.75
N GLY D 101 17.17 -20.94 27.87
CA GLY D 101 18.45 -21.66 27.85
C GLY D 101 19.30 -21.35 29.06
N PRO D 102 20.29 -22.21 29.34
CA PRO D 102 21.12 -22.02 30.54
C PRO D 102 22.31 -21.09 30.36
N GLN D 103 22.63 -20.69 29.13
CA GLN D 103 23.85 -19.94 28.85
C GLN D 103 23.62 -18.71 27.96
N VAL D 104 22.50 -18.00 28.16
CA VAL D 104 22.20 -16.82 27.36
C VAL D 104 23.29 -15.75 27.57
N GLY D 105 23.88 -15.29 26.48
CA GLY D 105 24.95 -14.31 26.55
C GLY D 105 26.33 -14.91 26.38
N ASP D 106 26.46 -16.25 26.51
CA ASP D 106 27.73 -16.94 26.27
C ASP D 106 28.13 -16.76 24.79
N PHE D 107 29.43 -16.88 24.48
CA PHE D 107 29.88 -16.75 23.11
C PHE D 107 29.16 -17.72 22.16
N ASP D 108 28.51 -17.20 21.10
CA ASP D 108 27.80 -17.98 20.08
C ASP D 108 26.73 -18.87 20.72
N TRP D 109 26.09 -18.40 21.81
CA TRP D 109 25.19 -19.26 22.57
C TRP D 109 24.03 -19.83 21.76
N GLN D 110 23.49 -19.06 20.80
CA GLN D 110 22.25 -19.49 20.12
C GLN D 110 22.41 -20.76 19.33
N VAL D 111 23.61 -21.00 18.77
CA VAL D 111 23.85 -22.23 18.03
C VAL D 111 23.61 -23.48 18.91
N TYR D 112 23.94 -23.38 20.20
CA TYR D 112 23.85 -24.50 21.13
C TYR D 112 22.46 -24.65 21.76
N TYR D 113 21.73 -23.52 21.88
CA TYR D 113 20.37 -23.57 22.40
C TYR D 113 19.57 -22.44 21.77
N TYR D 114 18.76 -22.76 20.77
CA TYR D 114 18.00 -21.70 20.10
C TYR D 114 16.51 -21.76 20.26
N TYR D 115 16.01 -22.56 21.21
CA TYR D 115 14.57 -22.54 21.47
C TYR D 115 14.23 -21.19 22.14
N GLY D 116 13.03 -20.71 21.84
CA GLY D 116 12.49 -19.53 22.51
C GLY D 116 12.07 -19.89 23.93
N MET D 117 11.39 -18.95 24.62
CA MET D 117 10.93 -19.18 26.01
C MET D 117 9.73 -20.10 25.91
N ASP D 118 9.86 -21.37 26.34
CA ASP D 118 8.90 -22.39 25.93
C ASP D 118 7.88 -22.87 26.95
N VAL D 119 8.18 -22.74 28.23
CA VAL D 119 7.25 -23.15 29.28
C VAL D 119 7.01 -21.88 30.05
N TRP D 120 5.77 -21.46 30.20
CA TRP D 120 5.47 -20.21 30.91
C TRP D 120 4.70 -20.47 32.18
N GLY D 121 5.00 -19.67 33.20
CA GLY D 121 4.22 -19.67 34.42
C GLY D 121 2.84 -19.06 34.13
N GLN D 122 1.92 -19.17 35.11
CA GLN D 122 0.57 -18.64 34.93
C GLN D 122 0.45 -17.11 35.09
N GLY D 123 1.54 -16.46 35.49
CA GLY D 123 1.58 -15.03 35.73
C GLY D 123 1.22 -14.68 37.15
N THR D 124 1.75 -13.53 37.59
CA THR D 124 1.46 -12.97 38.91
C THR D 124 1.07 -11.52 38.71
N THR D 125 -0.13 -11.13 39.16
CA THR D 125 -0.52 -9.73 39.04
CA THR D 125 -0.54 -9.74 39.04
C THR D 125 0.13 -8.93 40.14
N VAL D 126 0.80 -7.83 39.78
CA VAL D 126 1.41 -6.95 40.78
C VAL D 126 0.81 -5.59 40.53
N THR D 127 0.11 -5.04 41.53
CA THR D 127 -0.48 -3.71 41.37
C THR D 127 0.15 -2.75 42.34
N VAL D 128 0.57 -1.58 41.84
CA VAL D 128 1.18 -0.57 42.72
C VAL D 128 0.13 0.47 43.05
N SER D 129 -0.23 0.58 44.31
CA SER D 129 -1.27 1.48 44.77
C SER D 129 -1.12 1.79 46.26
N SER D 130 -1.60 2.96 46.67
CA SER D 130 -1.63 3.36 48.08
C SER D 130 -2.50 2.39 48.93
N GLY D 131 -3.38 1.63 48.29
CA GLY D 131 -4.21 0.63 48.96
C GLY D 131 -3.49 -0.68 49.28
N GLY D 132 -2.19 -0.76 48.98
CA GLY D 132 -1.41 -1.94 49.30
C GLY D 132 -1.08 -1.95 50.78
N SER D 133 -0.78 -3.13 51.34
CA SER D 133 -0.38 -3.21 52.75
C SER D 133 1.14 -2.97 52.86
N GLY D 134 1.58 -2.42 53.98
CA GLY D 134 2.99 -2.18 54.22
C GLY D 134 3.68 -3.42 54.77
N GLY D 135 25.15 -1.65 18.13
CA GLY D 135 24.51 -0.42 17.68
C GLY D 135 23.29 -0.04 18.50
N GLY D 136 23.31 -0.39 19.78
CA GLY D 136 22.22 -0.05 20.68
C GLY D 136 21.12 -1.08 20.72
N ALA D 137 20.05 -0.77 21.48
CA ALA D 137 18.89 -1.64 21.65
C ALA D 137 18.33 -2.09 20.30
N ILE D 138 17.93 -3.37 20.19
CA ILE D 138 17.34 -3.79 18.92
C ILE D 138 15.83 -3.57 18.98
N ARG D 139 15.33 -2.74 18.07
CA ARG D 139 13.90 -2.45 18.04
C ARG D 139 13.19 -3.39 17.07
N MET D 140 12.10 -4.02 17.55
CA MET D 140 11.30 -4.93 16.72
C MET D 140 9.96 -4.25 16.43
N THR D 141 9.59 -4.16 15.15
CA THR D 141 8.32 -3.53 14.77
C THR D 141 7.49 -4.52 13.96
N GLN D 142 6.24 -4.74 14.38
CA GLN D 142 5.36 -5.65 13.66
C GLN D 142 4.36 -4.86 12.83
N SER D 143 3.92 -5.48 11.76
CA SER D 143 2.89 -4.88 10.93
C SER D 143 1.98 -5.97 10.34
N PRO D 144 0.67 -5.71 10.31
CA PRO D 144 -0.01 -4.53 10.88
C PRO D 144 -0.11 -4.68 12.42
N SER D 145 -0.61 -3.66 13.11
CA SER D 145 -0.82 -3.77 14.56
C SER D 145 -2.14 -4.53 14.83
N THR D 146 -3.15 -4.37 13.96
CA THR D 146 -4.42 -5.05 14.06
C THR D 146 -4.81 -5.51 12.65
N LEU D 147 -5.36 -6.69 12.57
CA LEU D 147 -5.76 -7.31 11.31
C LEU D 147 -7.16 -7.85 11.54
N SER D 148 -8.09 -7.65 10.60
CA SER D 148 -9.42 -8.25 10.69
C SER D 148 -9.46 -9.38 9.66
N ALA D 149 -9.91 -10.58 10.04
CA ALA D 149 -9.90 -11.70 9.10
C ALA D 149 -11.06 -12.65 9.36
N SER D 150 -11.38 -13.49 8.38
CA SER D 150 -12.43 -14.46 8.50
C SER D 150 -11.80 -15.85 8.63
N VAL D 151 -12.56 -16.81 9.19
CA VAL D 151 -12.09 -18.20 9.23
C VAL D 151 -11.84 -18.69 7.78
N GLY D 152 -10.69 -19.34 7.58
CA GLY D 152 -10.28 -19.85 6.28
C GLY D 152 -9.32 -18.91 5.54
N ASP D 153 -9.19 -17.66 6.00
CA ASP D 153 -8.30 -16.71 5.33
C ASP D 153 -6.83 -17.06 5.54
N ARG D 154 -5.98 -16.68 4.57
CA ARG D 154 -4.55 -16.81 4.74
C ARG D 154 -4.10 -15.49 5.38
N VAL D 155 -3.38 -15.55 6.51
CA VAL D 155 -2.94 -14.36 7.21
C VAL D 155 -1.43 -14.29 7.27
N THR D 156 -0.84 -13.13 6.99
CA THR D 156 0.60 -12.95 7.09
C THR D 156 0.90 -11.74 7.97
N ILE D 157 1.77 -11.92 8.96
CA ILE D 157 2.18 -10.86 9.89
C ILE D 157 3.65 -10.67 9.71
N THR D 158 4.10 -9.42 9.61
CA THR D 158 5.52 -9.11 9.39
CA THR D 158 5.52 -9.12 9.38
C THR D 158 6.17 -8.57 10.65
N CYS D 159 7.45 -8.85 10.82
CA CYS D 159 8.24 -8.41 11.96
C CYS D 159 9.56 -7.90 11.37
N ARG D 160 9.94 -6.65 11.67
CA ARG D 160 11.17 -6.05 11.16
C ARG D 160 12.07 -5.66 12.32
N ALA D 161 13.38 -5.91 12.17
CA ALA D 161 14.34 -5.58 13.21
C ALA D 161 15.13 -4.37 12.78
N SER D 162 15.51 -3.51 13.75
CA SER D 162 16.29 -2.29 13.45
C SER D 162 17.75 -2.57 13.01
N GLN D 163 18.23 -3.78 13.26
CA GLN D 163 19.54 -4.23 12.78
C GLN D 163 19.44 -5.74 12.57
N SER D 164 20.40 -6.35 11.84
CA SER D 164 20.32 -7.79 11.60
C SER D 164 20.25 -8.60 12.90
N ILE D 165 19.32 -9.55 12.94
CA ILE D 165 19.24 -10.47 14.07
C ILE D 165 19.51 -11.92 13.60
N ASN D 166 20.14 -12.11 12.39
CA ASN D 166 20.43 -13.43 11.85
C ASN D 166 19.11 -14.22 11.72
N THR D 167 18.97 -15.42 12.32
CA THR D 167 17.67 -16.09 12.34
C THR D 167 17.17 -16.24 13.79
N TRP D 168 17.70 -15.44 14.73
CA TRP D 168 17.35 -15.54 16.16
C TRP D 168 16.07 -14.77 16.47
N LEU D 169 14.95 -15.31 15.99
CA LEU D 169 13.65 -14.67 16.13
C LEU D 169 12.64 -15.75 16.52
N ALA D 170 11.87 -15.46 17.55
CA ALA D 170 10.83 -16.38 18.00
C ALA D 170 9.46 -15.73 17.85
N TRP D 171 8.40 -16.54 17.71
CA TRP D 171 7.02 -16.02 17.63
C TRP D 171 6.22 -16.66 18.75
N TYR D 172 5.36 -15.87 19.38
CA TYR D 172 4.47 -16.29 20.48
C TYR D 172 3.04 -15.92 20.15
N GLN D 173 2.10 -16.69 20.68
CA GLN D 173 0.67 -16.40 20.57
C GLN D 173 0.18 -16.08 21.98
N GLN D 174 -0.73 -15.14 22.12
CA GLN D 174 -1.37 -14.89 23.41
C GLN D 174 -2.86 -14.67 23.22
N LYS D 175 -3.65 -15.41 24.00
CA LYS D 175 -5.11 -15.19 24.03
C LYS D 175 -5.50 -14.39 25.27
N PRO D 176 -6.65 -13.62 25.30
CA PRO D 176 -6.96 -12.84 26.50
C PRO D 176 -7.10 -13.69 27.73
N GLY D 177 -6.56 -13.21 28.82
CA GLY D 177 -6.55 -13.89 30.11
C GLY D 177 -5.59 -15.03 30.20
N LYS D 178 -4.79 -15.29 29.11
CA LYS D 178 -3.87 -16.41 29.13
C LYS D 178 -2.43 -15.97 29.00
N ALA D 179 -1.51 -16.83 29.43
CA ALA D 179 -0.10 -16.59 29.29
C ALA D 179 0.24 -16.80 27.80
N PRO D 180 1.33 -16.19 27.33
CA PRO D 180 1.79 -16.46 25.97
C PRO D 180 2.24 -17.91 25.82
N ASN D 181 2.28 -18.39 24.58
CA ASN D 181 2.76 -19.72 24.25
C ASN D 181 3.72 -19.59 23.07
N LEU D 182 4.83 -20.33 23.12
CA LEU D 182 5.82 -20.30 22.03
C LEU D 182 5.28 -21.04 20.81
N LEU D 183 5.36 -20.40 19.62
CA LEU D 183 4.93 -21.06 18.40
C LEU D 183 6.15 -21.51 17.58
N ILE D 184 7.14 -20.61 17.42
CA ILE D 184 8.26 -20.86 16.50
C ILE D 184 9.55 -20.32 17.09
N SER D 185 10.63 -21.07 16.92
CA SER D 185 11.98 -20.63 17.31
C SER D 185 12.86 -20.56 16.07
N LYS D 186 13.96 -19.80 16.14
CA LYS D 186 14.93 -19.71 15.04
C LYS D 186 14.25 -19.41 13.67
N ALA D 187 13.30 -18.47 13.70
CA ALA D 187 12.50 -17.95 12.57
C ALA D 187 11.53 -18.94 11.92
N SER D 188 11.85 -20.25 11.85
CA SER D 188 10.99 -21.19 11.12
C SER D 188 10.77 -22.54 11.80
N SER D 189 11.38 -22.80 12.99
CA SER D 189 11.24 -24.11 13.64
C SER D 189 9.99 -24.16 14.51
N LEU D 190 8.97 -24.89 14.05
CA LEU D 190 7.71 -24.97 14.78
C LEU D 190 7.85 -25.77 16.06
N GLU D 191 7.24 -25.29 17.14
CA GLU D 191 7.21 -26.03 18.39
C GLU D 191 6.35 -27.28 18.18
N SER D 192 6.71 -28.40 18.84
CA SER D 192 5.89 -29.61 18.78
C SER D 192 4.49 -29.30 19.36
N GLY D 193 3.45 -29.76 18.67
CA GLY D 193 2.09 -29.47 19.13
C GLY D 193 1.44 -28.29 18.42
N VAL D 194 2.25 -27.44 17.75
CA VAL D 194 1.68 -26.31 17.02
C VAL D 194 1.18 -26.85 15.66
N PRO D 195 -0.07 -26.49 15.27
CA PRO D 195 -0.61 -27.01 14.01
C PRO D 195 0.22 -26.57 12.79
N SER D 196 0.26 -27.42 11.76
CA SER D 196 1.04 -27.19 10.52
C SER D 196 0.59 -25.98 9.71
N ARG D 197 -0.62 -25.45 9.98
CA ARG D 197 -1.04 -24.22 9.29
C ARG D 197 -0.17 -23.00 9.67
N PHE D 198 0.60 -23.10 10.78
CA PHE D 198 1.51 -22.01 11.15
C PHE D 198 2.87 -22.25 10.52
N SER D 199 3.49 -21.18 10.03
CA SER D 199 4.84 -21.29 9.50
C SER D 199 5.54 -19.95 9.66
N GLY D 200 6.85 -19.98 9.73
CA GLY D 200 7.64 -18.78 9.87
C GLY D 200 8.75 -18.74 8.84
N SER D 201 9.11 -17.53 8.42
CA SER D 201 10.20 -17.37 7.46
C SER D 201 10.95 -16.07 7.69
N GLY D 202 12.12 -15.97 7.07
CA GLY D 202 12.91 -14.75 7.15
C GLY D 202 14.28 -14.91 7.78
N SER D 203 15.08 -13.87 7.59
CA SER D 203 16.43 -13.77 8.14
C SER D 203 16.86 -12.32 8.06
N GLY D 204 17.87 -11.95 8.86
CA GLY D 204 18.38 -10.59 8.84
C GLY D 204 17.47 -9.63 9.55
N THR D 205 16.76 -8.77 8.77
CA THR D 205 15.89 -7.76 9.36
C THR D 205 14.40 -7.95 9.03
N GLU D 206 14.02 -8.93 8.19
CA GLU D 206 12.61 -9.08 7.81
C GLU D 206 12.14 -10.50 8.03
N PHE D 207 11.03 -10.65 8.77
CA PHE D 207 10.48 -11.95 9.13
C PHE D 207 8.98 -11.95 8.96
N THR D 208 8.42 -13.15 8.72
CA THR D 208 6.98 -13.27 8.60
C THR D 208 6.47 -14.50 9.34
N LEU D 209 5.25 -14.40 9.86
CA LEU D 209 4.52 -15.50 10.45
C LEU D 209 3.30 -15.64 9.54
N THR D 210 3.01 -16.85 9.06
CA THR D 210 1.86 -17.07 8.19
C THR D 210 0.96 -18.13 8.76
N ILE D 211 -0.34 -17.91 8.71
CA ILE D 211 -1.34 -18.90 9.08
C ILE D 211 -2.05 -19.21 7.77
N SER D 212 -1.89 -20.42 7.26
CA SER D 212 -2.38 -20.73 5.91
C SER D 212 -3.89 -20.69 5.74
N SER D 213 -4.62 -21.08 6.78
CA SER D 213 -6.08 -21.11 6.80
C SER D 213 -6.50 -20.85 8.24
N LEU D 214 -6.87 -19.62 8.53
CA LEU D 214 -7.18 -19.18 9.89
C LEU D 214 -8.34 -19.95 10.50
N GLN D 215 -8.15 -20.45 11.73
CA GLN D 215 -9.20 -21.20 12.41
C GLN D 215 -9.70 -20.39 13.63
N PRO D 216 -10.89 -20.73 14.17
CA PRO D 216 -11.39 -20.00 15.35
C PRO D 216 -10.42 -19.87 16.53
N ASP D 217 -9.62 -20.91 16.78
CA ASP D 217 -8.63 -20.86 17.87
C ASP D 217 -7.50 -19.85 17.62
N ASP D 218 -7.35 -19.36 16.37
CA ASP D 218 -6.23 -18.50 16.02
C ASP D 218 -6.44 -17.00 16.22
N PHE D 219 -7.68 -16.57 16.55
CA PHE D 219 -7.94 -15.15 16.81
C PHE D 219 -7.30 -14.87 18.16
N ALA D 220 -6.20 -14.14 18.12
CA ALA D 220 -5.31 -13.96 19.26
C ALA D 220 -4.32 -12.81 18.93
N THR D 221 -3.41 -12.47 19.84
CA THR D 221 -2.34 -11.52 19.56
C THR D 221 -1.05 -12.29 19.38
N TYR D 222 -0.25 -11.90 18.39
CA TYR D 222 1.00 -12.58 18.08
C TYR D 222 2.16 -11.64 18.30
N PHE D 223 3.23 -12.12 18.94
CA PHE D 223 4.39 -11.28 19.22
C PHE D 223 5.64 -11.92 18.62
N CYS D 224 6.53 -11.12 18.02
CA CYS D 224 7.84 -11.63 17.62
C CYS D 224 8.84 -11.16 18.71
N GLN D 225 9.99 -11.84 18.80
CA GLN D 225 10.97 -11.49 19.82
C GLN D 225 12.34 -11.87 19.33
N GLN D 226 13.30 -10.93 19.40
CA GLN D 226 14.65 -11.27 18.99
C GLN D 226 15.49 -11.74 20.17
N TYR D 227 16.40 -12.66 19.89
CA TYR D 227 17.39 -13.11 20.85
C TYR D 227 18.78 -13.14 20.18
N ASN D 228 19.02 -12.20 19.24
CA ASN D 228 20.35 -12.00 18.67
C ASN D 228 21.22 -11.33 19.78
N SER D 229 20.63 -10.38 20.53
CA SER D 229 21.27 -9.76 21.69
C SER D 229 20.82 -10.51 22.94
N TYR D 230 21.67 -10.55 23.99
CA TYR D 230 21.24 -11.19 25.23
C TYR D 230 20.22 -10.33 25.97
N LEU D 231 20.01 -9.05 25.54
CA LEU D 231 18.94 -8.22 26.07
C LEU D 231 17.81 -8.37 25.04
N TYR D 232 16.90 -9.31 25.32
CA TYR D 232 15.84 -9.62 24.37
C TYR D 232 14.92 -8.44 24.21
N THR D 233 14.22 -8.36 23.06
CA THR D 233 13.20 -7.34 22.87
C THR D 233 12.05 -7.96 22.08
N PHE D 234 10.84 -7.53 22.39
CA PHE D 234 9.65 -7.99 21.70
C PHE D 234 9.14 -6.93 20.73
N GLY D 235 8.45 -7.37 19.69
CA GLY D 235 7.65 -6.47 18.86
C GLY D 235 6.39 -6.08 19.66
N GLN D 236 5.64 -5.08 19.16
CA GLN D 236 4.49 -4.55 19.90
C GLN D 236 3.23 -5.43 19.88
N GLY D 237 3.26 -6.48 19.07
CA GLY D 237 2.13 -7.39 18.94
C GLY D 237 1.23 -7.05 17.77
N THR D 238 0.61 -8.09 17.17
CA THR D 238 -0.36 -7.92 16.12
C THR D 238 -1.61 -8.66 16.57
N LYS D 239 -2.73 -7.94 16.69
CA LYS D 239 -3.97 -8.58 17.10
C LYS D 239 -4.74 -9.05 15.88
N VAL D 240 -5.08 -10.34 15.83
CA VAL D 240 -5.84 -10.91 14.72
C VAL D 240 -7.28 -11.03 15.22
N GLU D 241 -8.17 -10.19 14.70
CA GLU D 241 -9.55 -10.07 15.12
C GLU D 241 -10.54 -10.64 14.12
N ILE D 242 -11.73 -11.01 14.61
CA ILE D 242 -12.76 -11.57 13.76
C ILE D 242 -13.43 -10.47 12.95
N ARG D 243 -13.43 -10.60 11.61
CA ARG D 243 -14.04 -9.63 10.71
C ARG D 243 -15.55 -9.53 10.98
N SER E 5 2.76 47.15 -17.79
CA SER E 5 3.04 47.67 -16.45
C SER E 5 4.09 46.79 -15.77
N TYR E 6 5.31 47.31 -15.55
CA TYR E 6 6.36 46.53 -14.90
C TYR E 6 6.01 46.15 -13.45
N GLN E 7 5.20 46.99 -12.78
CA GLN E 7 4.76 46.70 -11.42
C GLN E 7 3.83 45.48 -11.41
N ASP E 8 2.96 45.36 -12.43
CA ASP E 8 2.04 44.24 -12.58
C ASP E 8 2.82 42.97 -12.92
N VAL E 9 3.83 43.09 -13.80
CA VAL E 9 4.67 41.96 -14.21
C VAL E 9 5.45 41.42 -12.99
N CYS E 10 5.98 42.32 -12.18
CA CYS E 10 6.72 41.95 -10.98
C CYS E 10 5.83 41.27 -9.96
N ARG E 11 4.68 41.87 -9.69
CA ARG E 11 3.73 41.35 -8.72
C ARG E 11 3.22 39.98 -9.14
N LYS E 12 2.88 39.82 -10.43
CA LYS E 12 2.40 38.54 -10.92
C LYS E 12 3.46 37.43 -10.84
N ALA E 13 4.73 37.76 -11.14
CA ALA E 13 5.80 36.77 -11.05
C ALA E 13 6.01 36.34 -9.60
N LYS E 14 5.95 37.29 -8.66
CA LYS E 14 6.10 36.96 -7.24
C LYS E 14 4.92 36.11 -6.75
N GLU E 15 3.70 36.43 -7.22
CA GLU E 15 2.50 35.65 -6.88
C GLU E 15 2.63 34.20 -7.41
N LYS E 16 3.16 34.05 -8.62
CA LYS E 16 3.33 32.72 -9.21
C LYS E 16 4.38 31.91 -8.45
N LEU E 17 5.51 32.54 -8.06
CA LEU E 17 6.54 31.84 -7.31
C LEU E 17 6.03 31.44 -5.94
N ASP E 18 5.12 32.28 -5.32
CA ASP E 18 4.49 31.95 -4.04
C ASP E 18 3.61 30.71 -4.21
N LYS E 19 2.86 30.61 -5.32
CA LYS E 19 1.99 29.46 -5.58
C LYS E 19 2.81 28.19 -5.76
N ILE E 20 3.94 28.29 -6.47
CA ILE E 20 4.80 27.12 -6.67
C ILE E 20 5.40 26.67 -5.33
N GLU E 21 5.82 27.63 -4.49
CA GLU E 21 6.35 27.32 -3.17
C GLU E 21 5.27 26.63 -2.33
N MET E 22 4.03 27.13 -2.39
CA MET E 22 2.92 26.51 -1.65
C MET E 22 2.67 25.08 -2.14
N ASP E 23 2.76 24.85 -3.45
CA ASP E 23 2.56 23.50 -4.01
C ASP E 23 3.65 22.55 -3.48
N ALA E 24 4.90 23.04 -3.35
CA ALA E 24 5.99 22.23 -2.84
C ALA E 24 5.79 21.91 -1.34
N LYS E 25 5.35 22.91 -0.57
CA LYS E 25 5.06 22.73 0.85
C LYS E 25 3.90 21.75 1.05
N ASN E 26 2.84 21.86 0.22
CA ASN E 26 1.70 20.93 0.30
C ASN E 26 2.11 19.50 -0.04
N TYR E 27 2.99 19.36 -1.04
CA TYR E 27 3.49 18.04 -1.42
C TYR E 27 4.27 17.42 -0.26
N GLU E 28 5.15 18.21 0.36
CA GLU E 28 5.99 17.75 1.44
C GLU E 28 5.15 17.32 2.65
N THR E 29 4.14 18.11 3.02
CA THR E 29 3.29 17.73 4.16
C THR E 29 2.46 16.48 3.85
N ASN E 30 1.95 16.35 2.62
CA ASN E 30 1.15 15.17 2.26
C ASN E 30 2.00 13.90 2.06
N LEU E 31 3.32 14.06 1.90
CA LEU E 31 4.27 12.98 1.78
C LEU E 31 4.36 12.30 3.16
N LYS E 32 4.64 13.05 4.23
CA LYS E 32 4.75 12.45 5.58
C LYS E 32 3.41 11.93 6.14
N GLU E 33 2.29 12.39 5.57
CA GLU E 33 0.92 12.05 5.95
C GLU E 33 0.34 10.82 5.21
N GLN E 34 0.56 10.72 3.89
CA GLN E 34 -0.01 9.61 3.10
C GLN E 34 1.00 8.55 2.66
N ALA E 35 2.29 8.82 2.79
CA ALA E 35 3.30 7.86 2.38
C ALA E 35 3.77 6.95 3.54
N ASN E 36 4.48 5.83 3.24
CA ASN E 36 4.93 4.92 4.29
C ASN E 36 6.44 4.65 4.19
N ASN E 37 7.13 4.73 5.32
CA ASN E 37 8.59 4.52 5.34
C ASN E 37 9.03 3.32 6.18
N ALA E 38 8.08 2.54 6.70
CA ALA E 38 8.37 1.40 7.58
C ALA E 38 9.10 0.30 6.83
N ASP E 39 8.79 0.10 5.56
CA ASP E 39 9.47 -0.91 4.75
C ASP E 39 10.61 -0.23 4.00
N LYS E 40 11.77 -0.29 4.60
CA LYS E 40 12.95 0.35 4.06
C LYS E 40 13.72 -0.52 3.10
N THR E 41 13.19 -1.72 2.69
CA THR E 41 14.03 -2.55 1.77
C THR E 41 14.28 -1.75 0.47
N GLU E 42 15.55 -1.76 0.05
CA GLU E 42 16.03 -0.96 -1.07
C GLU E 42 15.21 -1.10 -2.34
N GLU E 43 14.67 -2.30 -2.64
CA GLU E 43 13.87 -2.50 -3.87
C GLU E 43 12.76 -1.43 -3.99
N TYR E 44 12.17 -1.07 -2.85
CA TYR E 44 11.07 -0.10 -2.84
C TYR E 44 11.57 1.30 -2.53
N ARG E 45 12.47 1.38 -1.53
CA ARG E 45 12.98 2.67 -1.09
C ARG E 45 13.64 3.47 -2.23
N LYS E 46 14.50 2.82 -3.01
CA LYS E 46 15.24 3.54 -4.06
C LYS E 46 14.33 4.12 -5.14
N LYS E 47 13.22 3.45 -5.43
CA LYS E 47 12.28 3.93 -6.44
C LYS E 47 11.48 5.12 -5.91
N LYS E 48 11.15 5.13 -4.60
CA LYS E 48 10.43 6.29 -4.03
C LYS E 48 11.34 7.53 -4.09
N LYS E 49 12.65 7.37 -3.83
CA LYS E 49 13.58 8.50 -3.89
C LYS E 49 13.64 9.09 -5.28
N ILE E 50 13.65 8.24 -6.33
CA ILE E 50 13.69 8.76 -7.70
C ILE E 50 12.41 9.53 -8.00
N ALA E 51 11.26 9.03 -7.52
CA ALA E 51 9.98 9.69 -7.79
C ALA E 51 9.91 11.05 -7.09
N ILE E 52 10.44 11.13 -5.84
CA ILE E 52 10.43 12.40 -5.12
C ILE E 52 11.32 13.41 -5.83
N GLU E 53 12.51 12.96 -6.28
CA GLU E 53 13.43 13.83 -6.99
C GLU E 53 12.76 14.30 -8.33
N ALA E 54 12.06 13.40 -9.03
CA ALA E 54 11.37 13.77 -10.27
C ALA E 54 10.28 14.83 -10.00
N PHE E 55 9.53 14.65 -8.91
CA PHE E 55 8.46 15.59 -8.57
C PHE E 55 9.06 16.97 -8.30
N LEU E 56 10.09 17.02 -7.45
CA LEU E 56 10.71 18.29 -7.09
C LEU E 56 11.45 18.96 -8.24
N LYS E 57 12.05 18.17 -9.14
CA LYS E 57 12.70 18.74 -10.32
C LYS E 57 11.64 19.41 -11.22
N LYS E 58 10.42 18.81 -11.28
CA LYS E 58 9.33 19.39 -12.09
C LYS E 58 8.82 20.69 -11.44
N ILE E 59 8.78 20.75 -10.09
CA ILE E 59 8.44 22.02 -9.41
C ILE E 59 9.50 23.09 -9.75
N GLU E 60 10.79 22.70 -9.74
CA GLU E 60 11.89 23.61 -10.11
C GLU E 60 11.74 24.12 -11.55
N GLU E 61 11.28 23.26 -12.49
CA GLU E 61 11.06 23.71 -13.87
C GLU E 61 10.00 24.81 -13.92
N ALA E 62 8.94 24.69 -13.10
CA ALA E 62 7.89 25.70 -13.09
C ALA E 62 8.45 27.03 -12.56
N ALA E 63 9.26 26.98 -11.49
CA ALA E 63 9.86 28.21 -10.94
C ALA E 63 10.81 28.84 -11.95
N ASP E 64 11.61 28.01 -12.65
CA ASP E 64 12.53 28.51 -13.66
C ASP E 64 11.80 29.18 -14.82
N LYS E 65 10.67 28.60 -15.22
CA LYS E 65 9.87 29.16 -16.32
C LYS E 65 9.26 30.50 -15.93
N VAL E 66 8.75 30.62 -14.70
CA VAL E 66 8.19 31.89 -14.23
C VAL E 66 9.27 32.99 -14.22
N ALA E 67 10.46 32.64 -13.74
CA ALA E 67 11.55 33.60 -13.65
C ALA E 67 12.04 34.01 -15.06
N ARG E 68 12.18 33.05 -15.96
CA ARG E 68 12.62 33.29 -17.33
C ARG E 68 11.63 34.19 -18.09
N GLU E 69 10.32 33.91 -17.95
CA GLU E 69 9.31 34.70 -18.64
C GLU E 69 9.18 36.11 -18.05
N ALA E 70 9.35 36.25 -16.72
CA ALA E 70 9.28 37.57 -16.08
C ALA E 70 10.47 38.40 -16.54
N LYS E 71 11.68 37.82 -16.56
CA LYS E 71 12.90 38.52 -17.00
C LYS E 71 12.77 38.97 -18.45
N GLN E 72 12.23 38.11 -19.33
CA GLN E 72 12.02 38.42 -20.74
C GLN E 72 11.07 39.61 -20.91
N ARG E 73 9.95 39.64 -20.16
CA ARG E 73 9.00 40.74 -20.26
C ARG E 73 9.58 42.04 -19.68
N LEU E 74 10.34 41.94 -18.58
CA LEU E 74 10.98 43.11 -17.98
C LEU E 74 12.09 43.68 -18.88
N ASP E 75 12.72 42.83 -19.70
CA ASP E 75 13.74 43.26 -20.65
C ASP E 75 13.10 44.04 -21.81
N GLU E 76 11.91 43.60 -22.26
CA GLU E 76 11.17 44.27 -23.33
C GLU E 76 10.65 45.62 -22.85
N LEU E 77 10.15 45.68 -21.61
CA LEU E 77 9.65 46.92 -21.03
C LEU E 77 10.78 47.93 -20.75
N GLU E 78 12.01 47.43 -20.50
CA GLU E 78 13.19 48.25 -20.29
C GLU E 78 13.56 48.97 -21.59
N LYS E 79 13.41 48.29 -22.74
CA LYS E 79 13.69 48.85 -24.07
C LYS E 79 12.79 50.06 -24.31
N LYS E 80 11.52 49.98 -23.92
CA LYS E 80 10.58 51.10 -24.04
C LYS E 80 10.57 51.92 -22.74
N ASN E 81 11.40 52.96 -22.67
CA ASN E 81 11.47 53.81 -21.48
C ASN E 81 10.31 54.78 -21.40
N ASP E 84 12.39 54.21 -17.43
CA ASP E 84 13.14 54.01 -16.20
C ASP E 84 13.88 52.67 -16.22
N LYS E 85 15.12 52.66 -15.72
CA LYS E 85 15.93 51.44 -15.70
C LYS E 85 16.08 50.93 -14.28
N GLU E 86 16.25 51.84 -13.30
CA GLU E 86 16.46 51.50 -11.90
C GLU E 86 15.34 50.63 -11.28
N GLU E 87 14.07 51.00 -11.46
CA GLU E 87 12.96 50.24 -10.89
C GLU E 87 12.72 48.89 -11.57
N LEU E 88 12.93 48.81 -12.89
CA LEU E 88 12.78 47.55 -13.61
C LEU E 88 13.94 46.61 -13.32
N GLU E 89 15.15 47.16 -13.13
CA GLU E 89 16.33 46.37 -12.78
C GLU E 89 16.20 45.84 -11.35
N LYS E 90 15.63 46.65 -10.44
CA LYS E 90 15.36 46.27 -9.05
C LYS E 90 14.39 45.08 -9.04
N CYS E 91 13.39 45.09 -9.92
CA CYS E 91 12.41 43.99 -10.03
C CYS E 91 13.07 42.71 -10.53
N LYS E 92 13.90 42.79 -11.60
CA LYS E 92 14.59 41.62 -12.13
C LYS E 92 15.46 40.95 -11.06
N GLU E 93 16.17 41.77 -10.27
CA GLU E 93 17.01 41.26 -9.19
C GLU E 93 16.16 40.59 -8.12
N GLU E 94 15.00 41.18 -7.78
CA GLU E 94 14.08 40.62 -6.78
C GLU E 94 13.52 39.27 -7.22
N VAL E 95 13.10 39.17 -8.50
CA VAL E 95 12.56 37.91 -9.03
C VAL E 95 13.66 36.84 -9.02
N GLU E 96 14.89 37.22 -9.46
CA GLU E 96 16.00 36.26 -9.48
C GLU E 96 16.41 35.80 -8.08
N LYS E 97 16.40 36.72 -7.11
CA LYS E 97 16.73 36.40 -5.71
C LYS E 97 15.70 35.40 -5.16
N ARG E 98 14.43 35.68 -5.43
CA ARG E 98 13.36 34.80 -4.97
C ARG E 98 13.49 33.42 -5.66
N ALA E 99 13.88 33.38 -6.93
CA ALA E 99 14.06 32.10 -7.65
C ALA E 99 15.21 31.28 -7.04
N ARG E 100 16.32 31.95 -6.67
CA ARG E 100 17.46 31.29 -6.03
C ARG E 100 17.07 30.72 -4.67
N GLU E 101 16.30 31.48 -3.90
CA GLU E 101 15.82 31.05 -2.58
C GLU E 101 14.90 29.86 -2.74
N LEU E 102 13.98 29.91 -3.70
CA LEU E 102 13.05 28.80 -3.94
C LEU E 102 13.80 27.54 -4.33
N ARG E 103 14.85 27.66 -5.18
CA ARG E 103 15.63 26.47 -5.59
C ARG E 103 16.28 25.79 -4.39
N ARG E 104 16.79 26.58 -3.42
CA ARG E 104 17.40 25.98 -2.22
C ARG E 104 16.32 25.32 -1.38
N ARG E 105 15.15 25.99 -1.22
CA ARG E 105 14.06 25.41 -0.42
C ARG E 105 13.58 24.08 -1.00
N ILE E 106 13.48 23.99 -2.35
CA ILE E 106 13.02 22.75 -2.97
C ILE E 106 14.08 21.64 -2.79
N ARG E 107 15.36 22.01 -2.97
CA ARG E 107 16.44 21.02 -2.82
C ARG E 107 16.49 20.48 -1.38
N GLU E 108 16.19 21.35 -0.39
CA GLU E 108 16.16 20.94 1.01
C GLU E 108 15.01 19.92 1.25
N ILE E 109 13.86 20.06 0.55
CA ILE E 109 12.77 19.07 0.68
C ILE E 109 13.26 17.70 0.26
N LEU E 110 14.09 17.66 -0.82
CA LEU E 110 14.62 16.37 -1.27
C LEU E 110 15.49 15.72 -0.18
N GLU E 111 16.38 16.50 0.45
CA GLU E 111 17.23 15.96 1.49
C GLU E 111 16.42 15.45 2.68
N ARG E 112 15.41 16.22 3.10
CA ARG E 112 14.57 15.80 4.23
C ARG E 112 13.78 14.53 3.86
N ALA E 113 13.29 14.41 2.62
CA ALA E 113 12.53 13.22 2.24
C ALA E 113 13.44 11.99 2.23
N LYS E 114 14.70 12.16 1.75
CA LYS E 114 15.62 11.02 1.75
C LYS E 114 15.94 10.61 3.18
N LYS E 115 16.10 11.58 4.10
CA LYS E 115 16.35 11.26 5.51
C LYS E 115 15.16 10.46 6.06
N TRP E 116 13.92 10.90 5.73
CA TRP E 116 12.71 10.22 6.21
C TRP E 116 12.66 8.77 5.74
N LEU E 117 13.03 8.52 4.47
CA LEU E 117 13.04 7.16 3.94
C LEU E 117 14.21 6.32 4.49
N ASP E 118 15.35 6.97 4.85
CA ASP E 118 16.56 6.27 5.31
C ASP E 118 16.62 5.98 6.80
N GLN E 119 15.87 6.74 7.59
CA GLN E 119 15.87 6.61 9.05
C GLN E 119 15.44 5.23 9.51
N GLN F 2 13.26 24.37 -23.67
CA GLN F 2 14.34 23.41 -23.62
C GLN F 2 13.82 22.01 -23.23
N VAL F 3 12.78 21.92 -22.40
CA VAL F 3 12.21 20.63 -22.03
C VAL F 3 11.31 20.18 -23.16
N GLN F 4 11.67 19.05 -23.83
CA GLN F 4 10.87 18.62 -24.97
C GLN F 4 11.04 17.14 -25.27
N LEU F 5 10.09 16.59 -26.05
CA LEU F 5 10.16 15.23 -26.56
C LEU F 5 9.97 15.35 -28.07
N VAL F 6 10.90 14.78 -28.84
CA VAL F 6 10.85 14.84 -30.30
C VAL F 6 10.73 13.43 -30.83
N GLN F 7 9.66 13.16 -31.58
CA GLN F 7 9.41 11.84 -32.11
C GLN F 7 9.91 11.66 -33.54
N SER F 8 10.06 10.40 -33.93
CA SER F 8 10.45 10.02 -35.28
C SER F 8 9.32 10.32 -36.27
N GLY F 9 9.66 10.29 -37.55
CA GLY F 9 8.75 10.68 -38.61
C GLY F 9 7.64 9.70 -38.94
N ALA F 10 6.74 10.14 -39.83
CA ALA F 10 5.62 9.33 -40.28
C ALA F 10 6.02 7.95 -40.79
N GLU F 11 5.12 6.99 -40.62
CA GLU F 11 5.33 5.61 -41.06
C GLU F 11 4.15 5.12 -41.84
N VAL F 12 4.41 4.31 -42.88
CA VAL F 12 3.35 3.66 -43.66
C VAL F 12 3.76 2.19 -43.74
N LYS F 13 2.92 1.33 -43.18
CA LYS F 13 3.27 -0.09 -43.04
C LYS F 13 2.18 -0.97 -43.59
N LYS F 14 2.54 -2.13 -44.12
CA LYS F 14 1.54 -3.06 -44.62
C LYS F 14 0.91 -3.81 -43.43
N PRO F 15 -0.35 -4.27 -43.57
CA PRO F 15 -0.94 -5.11 -42.52
C PRO F 15 -0.05 -6.36 -42.25
N GLY F 16 0.11 -6.69 -40.98
CA GLY F 16 0.95 -7.80 -40.54
C GLY F 16 2.37 -7.39 -40.18
N ALA F 17 2.80 -6.21 -40.64
CA ALA F 17 4.15 -5.72 -40.38
C ALA F 17 4.27 -5.13 -38.94
N SER F 18 5.48 -4.76 -38.52
CA SER F 18 5.71 -4.12 -37.22
C SER F 18 6.15 -2.68 -37.48
N VAL F 19 6.02 -1.83 -36.45
CA VAL F 19 6.49 -0.47 -36.54
C VAL F 19 7.20 -0.14 -35.24
N ARG F 20 8.26 0.66 -35.31
CA ARG F 20 8.96 1.12 -34.12
C ARG F 20 9.04 2.63 -34.20
N VAL F 21 8.52 3.33 -33.19
CA VAL F 21 8.49 4.79 -33.10
CA VAL F 21 8.57 4.78 -33.18
C VAL F 21 9.44 5.20 -32.00
N SER F 22 10.20 6.28 -32.19
CA SER F 22 11.12 6.74 -31.16
C SER F 22 10.69 8.08 -30.59
N CYS F 23 11.17 8.39 -29.39
CA CYS F 23 10.77 9.57 -28.65
C CYS F 23 12.02 10.05 -27.90
N LYS F 24 12.68 11.09 -28.41
CA LYS F 24 13.93 11.59 -27.85
C LYS F 24 13.70 12.76 -26.91
N ALA F 25 14.15 12.63 -25.67
CA ALA F 25 13.99 13.65 -24.68
C ALA F 25 15.19 14.57 -24.58
N SER F 26 14.91 15.83 -24.26
CA SER F 26 15.99 16.77 -23.97
C SER F 26 15.52 17.79 -22.95
N GLY F 27 16.48 18.39 -22.23
CA GLY F 27 16.12 19.44 -21.28
C GLY F 27 15.80 18.99 -19.87
N TYR F 28 15.80 17.67 -19.63
CA TYR F 28 15.55 17.14 -18.29
C TYR F 28 16.26 15.79 -18.10
N THR F 29 16.34 15.30 -16.84
CA THR F 29 17.03 14.04 -16.56
C THR F 29 16.11 12.88 -16.93
N PHE F 30 16.38 12.28 -18.08
CA PHE F 30 15.53 11.21 -18.60
C PHE F 30 15.39 10.02 -17.62
N THR F 31 16.47 9.67 -16.94
CA THR F 31 16.46 8.53 -16.00
C THR F 31 15.66 8.78 -14.71
N SER F 32 15.16 10.01 -14.50
CA SER F 32 14.35 10.27 -13.30
C SER F 32 12.83 10.16 -13.59
N TYR F 33 12.45 9.94 -14.86
CA TYR F 33 11.05 9.93 -15.24
C TYR F 33 10.71 8.66 -16.02
N GLY F 34 9.50 8.59 -16.50
CA GLY F 34 9.01 7.54 -17.38
C GLY F 34 8.40 8.16 -18.63
N ILE F 35 7.97 7.30 -19.53
CA ILE F 35 7.33 7.75 -20.77
C ILE F 35 6.07 6.92 -20.96
N SER F 36 4.92 7.58 -21.13
CA SER F 36 3.69 6.88 -21.50
C SER F 36 3.47 7.09 -23.00
N TRP F 37 2.81 6.13 -23.65
CA TRP F 37 2.47 6.22 -25.06
C TRP F 37 0.97 6.22 -25.15
N VAL F 38 0.44 7.16 -25.96
CA VAL F 38 -0.99 7.38 -26.12
C VAL F 38 -1.26 7.52 -27.61
N ARG F 39 -2.28 6.86 -28.13
CA ARG F 39 -2.58 6.99 -29.56
C ARG F 39 -3.98 7.55 -29.80
N GLN F 40 -4.19 8.05 -31.02
CA GLN F 40 -5.47 8.66 -31.36
C GLN F 40 -5.78 8.36 -32.82
N ALA F 41 -6.76 7.50 -33.02
CA ALA F 41 -7.19 7.14 -34.38
C ALA F 41 -7.91 8.36 -35.00
N PRO F 42 -7.95 8.44 -36.35
CA PRO F 42 -8.58 9.61 -37.00
C PRO F 42 -10.01 9.90 -36.51
N GLY F 43 -10.21 11.12 -36.02
CA GLY F 43 -11.51 11.57 -35.51
C GLY F 43 -11.95 10.93 -34.20
N GLN F 44 -11.03 10.22 -33.52
CA GLN F 44 -11.38 9.52 -32.28
C GLN F 44 -10.67 10.16 -31.07
N GLY F 45 -10.92 9.64 -29.88
CA GLY F 45 -10.31 10.16 -28.67
C GLY F 45 -8.95 9.55 -28.38
N LEU F 46 -8.41 9.89 -27.23
CA LEU F 46 -7.09 9.41 -26.79
C LEU F 46 -7.22 8.03 -26.19
N GLU F 47 -6.22 7.17 -26.44
CA GLU F 47 -6.20 5.82 -25.89
C GLU F 47 -4.80 5.54 -25.35
N TRP F 48 -4.70 5.26 -24.04
CA TRP F 48 -3.39 4.99 -23.44
C TRP F 48 -2.92 3.58 -23.84
N MET F 49 -1.65 3.44 -24.24
CA MET F 49 -1.09 2.17 -24.69
C MET F 49 -0.23 1.46 -23.64
N GLY F 50 0.55 2.24 -22.91
CA GLY F 50 1.47 1.66 -21.96
C GLY F 50 2.48 2.68 -21.48
N TRP F 51 3.37 2.24 -20.62
CA TRP F 51 4.34 3.12 -20.00
C TRP F 51 5.64 2.37 -19.75
N ILE F 52 6.75 3.11 -19.76
CA ILE F 52 8.05 2.54 -19.42
C ILE F 52 8.81 3.51 -18.53
N SER F 53 9.53 2.98 -17.54
CA SER F 53 10.34 3.82 -16.68
C SER F 53 11.71 4.07 -17.33
N GLY F 54 12.14 5.33 -17.37
CA GLY F 54 13.52 5.63 -17.77
C GLY F 54 14.54 5.28 -16.69
N TYR F 55 14.06 5.07 -15.45
CA TYR F 55 14.91 4.76 -14.32
C TYR F 55 15.39 3.30 -14.36
N ASP F 56 14.45 2.34 -14.55
CA ASP F 56 14.86 0.93 -14.52
C ASP F 56 14.23 0.07 -15.62
N GLY F 57 13.54 0.70 -16.57
CA GLY F 57 12.95 -0.08 -17.67
C GLY F 57 11.73 -0.89 -17.33
N ASN F 58 11.14 -0.70 -16.11
CA ASN F 58 9.88 -1.40 -15.83
C ASN F 58 8.77 -0.92 -16.79
N THR F 59 7.84 -1.81 -17.15
CA THR F 59 6.77 -1.43 -18.09
C THR F 59 5.41 -1.92 -17.60
N ASN F 60 4.37 -1.23 -18.05
CA ASN F 60 2.96 -1.65 -17.88
C ASN F 60 2.33 -1.44 -19.24
N TYR F 61 1.62 -2.44 -19.77
CA TYR F 61 0.97 -2.28 -21.05
C TYR F 61 -0.55 -2.40 -20.89
N ALA F 62 -1.29 -1.69 -21.73
CA ALA F 62 -2.75 -1.79 -21.77
C ALA F 62 -3.14 -3.23 -22.10
N GLN F 63 -4.15 -3.76 -21.41
CA GLN F 63 -4.60 -5.16 -21.54
C GLN F 63 -4.82 -5.55 -23.01
N LYS F 64 -5.44 -4.67 -23.79
CA LYS F 64 -5.73 -5.00 -25.20
C LYS F 64 -4.49 -5.13 -26.08
N LEU F 65 -3.35 -4.57 -25.66
CA LEU F 65 -2.11 -4.66 -26.43
C LEU F 65 -1.08 -5.65 -25.88
N GLN F 66 -1.31 -6.22 -24.68
CA GLN F 66 -0.35 -7.17 -24.08
C GLN F 66 -0.02 -8.32 -25.05
N GLY F 67 1.26 -8.55 -25.27
CA GLY F 67 1.74 -9.56 -26.20
C GLY F 67 2.08 -9.01 -27.57
N ARG F 68 1.58 -7.80 -27.92
CA ARG F 68 1.81 -7.22 -29.24
C ARG F 68 2.65 -5.92 -29.20
N VAL F 69 2.81 -5.32 -28.02
CA VAL F 69 3.58 -4.07 -27.89
C VAL F 69 4.80 -4.31 -27.01
N THR F 70 5.92 -3.67 -27.35
CA THR F 70 7.13 -3.74 -26.54
C THR F 70 7.67 -2.32 -26.44
N MET F 71 7.94 -1.85 -25.23
CA MET F 71 8.56 -0.55 -25.04
C MET F 71 9.96 -0.76 -24.48
N THR F 72 10.88 0.07 -24.92
CA THR F 72 12.27 -0.01 -24.45
C THR F 72 12.83 1.43 -24.32
N THR F 73 13.97 1.58 -23.63
CA THR F 73 14.65 2.89 -23.59
C THR F 73 16.13 2.68 -23.89
N ASP F 74 16.78 3.75 -24.33
CA ASP F 74 18.21 3.79 -24.53
C ASP F 74 18.65 4.97 -23.69
N THR F 75 19.18 4.68 -22.49
CA THR F 75 19.63 5.70 -21.57
C THR F 75 20.72 6.59 -22.20
N SER F 76 21.62 6.01 -23.00
CA SER F 76 22.74 6.79 -23.56
C SER F 76 22.29 7.88 -24.53
N THR F 77 21.10 7.73 -25.14
CA THR F 77 20.58 8.76 -26.05
C THR F 77 19.27 9.42 -25.54
N SER F 78 18.84 9.10 -24.29
CA SER F 78 17.60 9.62 -23.69
C SER F 78 16.42 9.39 -24.64
N THR F 79 16.35 8.19 -25.22
CA THR F 79 15.30 7.87 -26.18
C THR F 79 14.46 6.71 -25.74
N ALA F 80 13.15 6.84 -25.88
CA ALA F 80 12.20 5.75 -25.59
C ALA F 80 11.68 5.23 -26.94
N TYR F 81 11.40 3.93 -27.01
CA TYR F 81 10.91 3.31 -28.25
C TYR F 81 9.65 2.55 -27.97
N MET F 82 8.73 2.54 -28.94
CA MET F 82 7.52 1.74 -28.84
C MET F 82 7.46 0.92 -30.13
N GLU F 83 7.42 -0.42 -29.99
CA GLU F 83 7.29 -1.32 -31.11
C GLU F 83 5.89 -1.93 -31.04
N LEU F 84 5.14 -1.90 -32.14
CA LEU F 84 3.81 -2.52 -32.18
C LEU F 84 3.85 -3.50 -33.35
N ARG F 85 3.55 -4.76 -33.04
CA ARG F 85 3.63 -5.83 -34.02
C ARG F 85 2.27 -6.21 -34.59
N SER F 86 2.28 -7.05 -35.67
CA SER F 86 1.08 -7.57 -36.31
C SER F 86 0.05 -6.47 -36.57
N LEU F 87 0.51 -5.40 -37.24
CA LEU F 87 -0.33 -4.25 -37.48
C LEU F 87 -1.57 -4.54 -38.27
N ARG F 88 -2.66 -3.91 -37.87
CA ARG F 88 -3.93 -4.05 -38.56
C ARG F 88 -4.43 -2.65 -38.93
N SER F 89 -5.44 -2.56 -39.81
CA SER F 89 -5.97 -1.25 -40.22
C SER F 89 -6.41 -0.36 -39.07
N ASP F 90 -6.96 -0.94 -37.98
CA ASP F 90 -7.39 -0.14 -36.84
C ASP F 90 -6.23 0.36 -35.95
N ASP F 91 -4.97 0.04 -36.31
CA ASP F 91 -3.81 0.61 -35.63
C ASP F 91 -3.41 1.95 -36.31
N THR F 92 -4.08 2.36 -37.41
CA THR F 92 -3.81 3.66 -38.03
C THR F 92 -4.20 4.75 -37.04
N ALA F 93 -3.22 5.59 -36.68
CA ALA F 93 -3.43 6.60 -35.63
C ALA F 93 -2.21 7.54 -35.56
N VAL F 94 -2.34 8.63 -34.80
CA VAL F 94 -1.21 9.44 -34.40
C VAL F 94 -0.79 8.85 -33.05
N TYR F 95 0.50 8.54 -32.91
CA TYR F 95 1.06 7.95 -31.69
C TYR F 95 1.87 9.04 -30.99
N TYR F 96 1.55 9.30 -29.72
CA TYR F 96 2.27 10.31 -28.94
C TYR F 96 3.03 9.66 -27.80
N CYS F 97 4.18 10.23 -27.45
CA CYS F 97 4.83 9.86 -26.20
C CYS F 97 4.64 11.08 -25.26
N ALA F 98 4.68 10.83 -23.94
CA ALA F 98 4.53 11.91 -22.98
C ALA F 98 5.30 11.58 -21.71
N ARG F 99 5.88 12.60 -21.09
CA ARG F 99 6.63 12.41 -19.86
C ARG F 99 5.68 12.04 -18.73
N ASP F 100 6.09 11.10 -17.90
CA ASP F 100 5.27 10.59 -16.79
C ASP F 100 6.23 10.26 -15.61
N GLY F 101 5.69 9.78 -14.49
CA GLY F 101 6.53 9.45 -13.34
C GLY F 101 7.36 8.20 -13.57
N PRO F 102 8.40 8.00 -12.74
CA PRO F 102 9.34 6.90 -12.96
C PRO F 102 8.95 5.55 -12.34
N GLN F 103 7.88 5.49 -11.54
CA GLN F 103 7.55 4.21 -10.85
C GLN F 103 6.05 3.93 -10.81
N VAL F 104 5.38 4.19 -11.94
CA VAL F 104 3.94 3.95 -12.04
C VAL F 104 3.59 2.48 -11.73
N GLY F 105 2.62 2.31 -10.84
CA GLY F 105 2.19 0.97 -10.45
C GLY F 105 2.71 0.52 -9.10
N ASP F 106 3.81 1.14 -8.63
CA ASP F 106 4.36 0.77 -7.34
C ASP F 106 3.39 1.16 -6.21
N PHE F 107 3.47 0.50 -5.05
CA PHE F 107 2.54 0.78 -3.94
C PHE F 107 2.45 2.28 -3.61
N ASP F 108 1.23 2.85 -3.60
CA ASP F 108 0.96 4.27 -3.34
C ASP F 108 1.85 5.20 -4.16
N TRP F 109 2.15 4.83 -5.42
CA TRP F 109 3.08 5.65 -6.22
C TRP F 109 2.60 7.09 -6.38
N GLN F 110 1.27 7.29 -6.42
CA GLN F 110 0.72 8.62 -6.69
C GLN F 110 1.10 9.64 -5.60
N VAL F 111 1.27 9.21 -4.36
CA VAL F 111 1.68 10.13 -3.27
C VAL F 111 3.06 10.73 -3.57
N TYR F 112 3.96 9.91 -4.15
CA TYR F 112 5.33 10.37 -4.41
C TYR F 112 5.41 11.21 -5.71
N TYR F 113 4.55 10.92 -6.68
CA TYR F 113 4.58 11.67 -7.95
C TYR F 113 3.15 11.65 -8.51
N TYR F 114 2.44 12.76 -8.40
CA TYR F 114 1.03 12.75 -8.89
C TYR F 114 0.75 13.66 -10.04
N TYR F 115 1.80 14.15 -10.72
CA TYR F 115 1.55 14.93 -11.93
C TYR F 115 1.03 13.99 -13.03
N GLY F 116 0.16 14.55 -13.87
CA GLY F 116 -0.28 13.83 -15.07
C GLY F 116 0.83 13.84 -16.13
N MET F 117 0.50 13.39 -17.34
CA MET F 117 1.49 13.32 -18.44
C MET F 117 1.69 14.74 -18.95
N ASP F 118 2.86 15.35 -18.66
CA ASP F 118 2.99 16.80 -18.76
C ASP F 118 3.74 17.39 -19.94
N VAL F 119 4.61 16.64 -20.56
CA VAL F 119 5.37 17.12 -21.72
C VAL F 119 5.01 16.11 -22.79
N TRP F 120 4.53 16.56 -23.95
CA TRP F 120 4.12 15.64 -25.00
C TRP F 120 4.98 15.81 -26.24
N GLY F 121 5.24 14.70 -26.90
CA GLY F 121 5.90 14.73 -28.21
C GLY F 121 4.94 15.32 -29.24
N GLN F 122 5.46 15.61 -30.45
CA GLN F 122 4.61 16.20 -31.51
C GLN F 122 3.68 15.18 -32.20
N GLY F 123 3.85 13.89 -31.87
CA GLY F 123 3.08 12.82 -32.49
C GLY F 123 3.76 12.26 -33.71
N THR F 124 3.47 10.98 -34.00
CA THR F 124 3.99 10.29 -35.19
C THR F 124 2.77 9.65 -35.87
N THR F 125 2.52 9.97 -37.14
CA THR F 125 1.40 9.36 -37.85
C THR F 125 1.84 7.97 -38.32
N VAL F 126 1.07 6.95 -38.00
CA VAL F 126 1.36 5.60 -38.48
C VAL F 126 0.13 5.16 -39.26
N THR F 127 0.30 4.87 -40.56
CA THR F 127 -0.84 4.44 -41.37
C THR F 127 -0.59 3.02 -41.82
N VAL F 128 -1.57 2.15 -41.59
CA VAL F 128 -1.49 0.77 -42.02
C VAL F 128 -2.23 0.65 -43.35
N SER F 129 -1.50 0.34 -44.40
CA SER F 129 -2.05 0.22 -45.75
C SER F 129 -1.12 -0.61 -46.64
N SER F 130 -1.68 -1.22 -47.67
CA SER F 130 -0.90 -1.92 -48.70
C SER F 130 0.09 -0.95 -49.42
N GLY F 131 -0.19 0.37 -49.39
CA GLY F 131 0.63 1.41 -49.98
C GLY F 131 1.96 1.68 -49.29
N GLY F 132 2.29 0.87 -48.28
CA GLY F 132 3.55 1.01 -47.55
C GLY F 132 4.68 0.30 -48.28
N SER F 133 5.93 0.79 -48.16
CA SER F 133 7.05 0.19 -48.89
C SER F 133 8.39 0.46 -48.21
N GLY F 134 -2.30 -4.27 -7.69
CA GLY F 134 -3.73 -4.13 -7.97
C GLY F 134 -4.02 -3.07 -9.02
N GLY F 135 -4.22 -3.52 -10.26
CA GLY F 135 -4.50 -2.62 -11.39
C GLY F 135 -5.70 -3.06 -12.19
N GLY F 136 -6.87 -2.64 -11.75
CA GLY F 136 -8.12 -3.01 -12.40
C GLY F 136 -8.50 -2.16 -13.59
N ALA F 137 -9.64 -2.53 -14.22
CA ALA F 137 -10.22 -1.86 -15.38
C ALA F 137 -11.19 -0.76 -14.91
N ILE F 138 -10.95 0.50 -15.31
CA ILE F 138 -11.82 1.60 -14.86
C ILE F 138 -12.34 2.40 -16.05
N ARG F 139 -13.67 2.52 -16.17
CA ARG F 139 -14.27 3.25 -17.28
C ARG F 139 -14.52 4.71 -16.88
N MET F 140 -14.10 5.66 -17.71
CA MET F 140 -14.30 7.08 -17.48
C MET F 140 -15.32 7.60 -18.48
N THR F 141 -16.38 8.29 -18.00
CA THR F 141 -17.42 8.81 -18.89
C THR F 141 -17.58 10.29 -18.67
N GLN F 142 -17.46 11.08 -19.75
CA GLN F 142 -17.61 12.53 -19.68
C GLN F 142 -18.99 12.97 -20.10
N SER F 143 -19.41 14.11 -19.59
CA SER F 143 -20.68 14.68 -19.99
C SER F 143 -20.62 16.20 -19.93
N PRO F 144 -21.17 16.87 -20.95
CA PRO F 144 -21.71 16.31 -22.21
C PRO F 144 -20.57 15.88 -23.15
N SER F 145 -20.89 15.27 -24.31
CA SER F 145 -19.85 14.93 -25.29
C SER F 145 -19.52 16.17 -26.13
N THR F 146 -20.52 17.02 -26.41
CA THR F 146 -20.33 18.28 -27.13
C THR F 146 -21.09 19.37 -26.37
N LEU F 147 -20.56 20.57 -26.38
CA LEU F 147 -21.15 21.72 -25.70
C LEU F 147 -21.00 22.91 -26.64
N SER F 148 -22.03 23.74 -26.83
CA SER F 148 -21.93 24.98 -27.62
C SER F 148 -21.91 26.12 -26.62
N ALA F 149 -20.96 27.08 -26.76
CA ALA F 149 -20.86 28.17 -25.79
C ALA F 149 -20.37 29.46 -26.44
N SER F 150 -20.56 30.58 -25.76
CA SER F 150 -20.11 31.87 -26.25
C SER F 150 -18.93 32.32 -25.39
N VAL F 151 -18.13 33.25 -25.91
CA VAL F 151 -17.05 33.86 -25.11
C VAL F 151 -17.68 34.56 -23.88
N GLY F 152 -17.11 34.32 -22.71
CA GLY F 152 -17.58 34.87 -21.44
C GLY F 152 -18.47 33.92 -20.65
N ASP F 153 -18.94 32.84 -21.28
CA ASP F 153 -19.80 31.87 -20.58
C ASP F 153 -19.01 31.06 -19.54
N ARG F 154 -19.71 30.61 -18.49
CA ARG F 154 -19.13 29.71 -17.50
C ARG F 154 -19.41 28.31 -18.03
N VAL F 155 -18.38 27.48 -18.18
CA VAL F 155 -18.55 26.14 -18.72
C VAL F 155 -18.14 25.11 -17.69
N THR F 156 -18.94 24.05 -17.52
CA THR F 156 -18.62 22.98 -16.59
C THR F 156 -18.72 21.64 -17.33
N ILE F 157 -17.66 20.83 -17.24
CA ILE F 157 -17.60 19.51 -17.89
C ILE F 157 -17.46 18.49 -16.77
N THR F 158 -18.24 17.43 -16.84
CA THR F 158 -18.22 16.41 -15.80
C THR F 158 -17.52 15.12 -16.27
N CYS F 159 -16.88 14.42 -15.35
CA CYS F 159 -16.18 13.18 -15.61
C CYS F 159 -16.57 12.23 -14.49
N ARG F 160 -17.10 11.05 -14.82
CA ARG F 160 -17.49 10.07 -13.83
C ARG F 160 -16.67 8.78 -14.01
N ALA F 161 -16.23 8.17 -12.91
CA ALA F 161 -15.47 6.92 -12.97
C ALA F 161 -16.36 5.76 -12.57
N SER F 162 -16.14 4.58 -13.17
CA SER F 162 -16.95 3.39 -12.85
C SER F 162 -16.71 2.83 -11.44
N GLN F 163 -15.61 3.20 -10.80
CA GLN F 163 -15.30 2.85 -9.43
C GLN F 163 -14.45 4.00 -8.85
N SER F 164 -14.30 4.06 -7.52
CA SER F 164 -13.51 5.16 -6.94
C SER F 164 -12.09 5.25 -7.52
N ILE F 165 -11.70 6.45 -7.87
CA ILE F 165 -10.31 6.70 -8.29
C ILE F 165 -9.63 7.67 -7.32
N ASN F 166 -10.19 7.85 -6.07
CA ASN F 166 -9.61 8.75 -5.07
C ASN F 166 -9.53 10.16 -5.68
N THR F 167 -8.36 10.84 -5.72
CA THR F 167 -8.26 12.13 -6.43
C THR F 167 -7.30 11.98 -7.62
N TRP F 168 -7.02 10.76 -8.10
CA TRP F 168 -6.05 10.54 -9.17
C TRP F 168 -6.69 10.71 -10.54
N LEU F 169 -6.97 11.97 -10.87
CA LEU F 169 -7.64 12.32 -12.11
C LEU F 169 -6.93 13.52 -12.69
N ALA F 170 -6.63 13.45 -13.98
CA ALA F 170 -5.98 14.56 -14.68
C ALA F 170 -6.89 15.05 -15.79
N TRP F 171 -6.76 16.33 -16.16
CA TRP F 171 -7.51 16.92 -17.28
C TRP F 171 -6.54 17.41 -18.32
N TYR F 172 -6.88 17.20 -19.59
CA TYR F 172 -6.07 17.63 -20.75
C TYR F 172 -6.91 18.44 -21.70
N GLN F 173 -6.26 19.33 -22.44
CA GLN F 173 -6.92 20.10 -23.49
C GLN F 173 -6.27 19.65 -24.81
N GLN F 174 -7.05 19.58 -25.89
CA GLN F 174 -6.47 19.31 -27.19
C GLN F 174 -7.13 20.18 -28.24
N LYS F 175 -6.33 20.87 -29.02
CA LYS F 175 -6.84 21.65 -30.17
C LYS F 175 -6.60 20.88 -31.47
N PRO F 176 -7.39 21.09 -32.57
CA PRO F 176 -7.15 20.33 -33.82
C PRO F 176 -5.75 20.50 -34.34
N GLY F 177 -5.17 19.40 -34.77
CA GLY F 177 -3.81 19.34 -35.29
C GLY F 177 -2.73 19.48 -34.26
N LYS F 178 -3.11 19.57 -32.94
CA LYS F 178 -2.11 19.75 -31.90
C LYS F 178 -2.11 18.58 -30.94
N ALA F 179 -1.00 18.40 -30.24
CA ALA F 179 -0.89 17.37 -29.22
C ALA F 179 -1.70 17.88 -28.01
N PRO F 180 -2.15 16.96 -27.15
CA PRO F 180 -2.80 17.39 -25.91
C PRO F 180 -1.82 18.12 -24.99
N ASN F 181 -2.38 18.89 -24.05
CA ASN F 181 -1.64 19.65 -23.04
CA ASN F 181 -1.58 19.55 -23.03
C ASN F 181 -2.25 19.35 -21.68
N LEU F 182 -1.44 19.12 -20.66
CA LEU F 182 -1.95 18.86 -19.32
C LEU F 182 -2.46 20.16 -18.69
N LEU F 183 -3.68 20.13 -18.15
CA LEU F 183 -4.23 21.31 -17.47
C LEU F 183 -4.17 21.13 -15.95
N ILE F 184 -4.60 19.95 -15.45
CA ILE F 184 -4.76 19.73 -14.01
C ILE F 184 -4.35 18.34 -13.65
N SER F 185 -3.70 18.21 -12.49
CA SER F 185 -3.33 16.90 -11.93
C SER F 185 -4.01 16.75 -10.57
N LYS F 186 -4.17 15.51 -10.09
CA LYS F 186 -4.72 15.26 -8.75
C LYS F 186 -6.05 16.01 -8.52
N ALA F 187 -6.92 15.97 -9.55
CA ALA F 187 -8.28 16.56 -9.61
C ALA F 187 -8.35 18.08 -9.57
N SER F 188 -7.44 18.76 -8.83
CA SER F 188 -7.56 20.22 -8.66
C SER F 188 -6.26 21.00 -8.74
N SER F 189 -5.11 20.35 -8.96
CA SER F 189 -3.83 21.08 -9.01
C SER F 189 -3.54 21.59 -10.40
N LEU F 190 -3.64 22.89 -10.59
CA LEU F 190 -3.42 23.50 -11.91
C LEU F 190 -1.95 23.44 -12.30
N GLU F 191 -1.68 23.08 -13.58
CA GLU F 191 -0.31 23.09 -14.09
C GLU F 191 0.16 24.55 -14.15
N SER F 192 1.46 24.80 -13.90
CA SER F 192 1.99 26.14 -14.03
C SER F 192 1.83 26.65 -15.46
N GLY F 193 1.38 27.88 -15.62
CA GLY F 193 1.16 28.42 -16.95
C GLY F 193 -0.29 28.38 -17.40
N VAL F 194 -1.10 27.47 -16.80
CA VAL F 194 -2.52 27.39 -17.17
C VAL F 194 -3.27 28.57 -16.51
N PRO F 195 -4.08 29.30 -17.30
CA PRO F 195 -4.80 30.46 -16.73
C PRO F 195 -5.72 30.09 -15.57
N SER F 196 -5.87 31.01 -14.60
CA SER F 196 -6.68 30.83 -13.40
C SER F 196 -8.17 30.62 -13.65
N ARG F 197 -8.66 30.93 -14.86
CA ARG F 197 -10.07 30.67 -15.17
C ARG F 197 -10.37 29.15 -15.20
N PHE F 198 -9.33 28.29 -15.31
CA PHE F 198 -9.52 26.85 -15.24
C PHE F 198 -9.44 26.39 -13.80
N SER F 199 -10.33 25.50 -13.41
CA SER F 199 -10.28 24.89 -12.08
C SER F 199 -10.87 23.48 -12.13
N GLY F 200 -10.43 22.63 -11.22
CA GLY F 200 -10.93 21.27 -11.17
C GLY F 200 -11.38 20.93 -9.77
N SER F 201 -12.36 20.04 -9.66
CA SER F 201 -12.83 19.60 -8.35
C SER F 201 -13.32 18.16 -8.41
N GLY F 202 -13.53 17.57 -7.25
CA GLY F 202 -14.05 16.22 -7.17
C GLY F 202 -13.15 15.21 -6.49
N SER F 203 -13.75 14.08 -6.18
CA SER F 203 -13.07 12.95 -5.56
C SER F 203 -13.97 11.73 -5.69
N GLY F 204 -13.39 10.55 -5.57
CA GLY F 204 -14.15 9.31 -5.67
C GLY F 204 -14.53 8.97 -7.09
N THR F 205 -15.82 9.17 -7.44
CA THR F 205 -16.31 8.84 -8.77
C THR F 205 -16.83 10.04 -9.57
N GLU F 206 -16.86 11.26 -9.00
CA GLU F 206 -17.42 12.42 -9.72
C GLU F 206 -16.48 13.57 -9.72
N PHE F 207 -16.17 14.09 -10.90
CA PHE F 207 -15.20 15.18 -11.07
C PHE F 207 -15.70 16.21 -12.04
N THR F 208 -15.23 17.45 -11.90
CA THR F 208 -15.65 18.51 -12.79
CA THR F 208 -15.62 18.50 -12.82
C THR F 208 -14.44 19.39 -13.17
N LEU F 209 -14.46 19.89 -14.41
CA LEU F 209 -13.51 20.86 -14.90
C LEU F 209 -14.39 22.10 -15.17
N THR F 210 -14.02 23.26 -14.64
CA THR F 210 -14.79 24.48 -14.87
C THR F 210 -13.93 25.53 -15.51
N ILE F 211 -14.46 26.24 -16.52
CA ILE F 211 -13.81 27.40 -17.10
C ILE F 211 -14.73 28.55 -16.70
N SER F 212 -14.25 29.44 -15.84
CA SER F 212 -15.11 30.49 -15.27
C SER F 212 -15.68 31.48 -16.28
N SER F 213 -14.87 31.85 -17.28
CA SER F 213 -15.25 32.79 -18.32
C SER F 213 -14.53 32.34 -19.59
N LEU F 214 -15.24 31.65 -20.46
CA LEU F 214 -14.66 31.05 -21.67
C LEU F 214 -14.03 32.08 -22.59
N GLN F 215 -12.79 31.82 -23.04
CA GLN F 215 -12.11 32.74 -23.93
C GLN F 215 -11.92 32.09 -25.31
N PRO F 216 -11.63 32.87 -26.36
CA PRO F 216 -11.43 32.26 -27.70
C PRO F 216 -10.45 31.11 -27.77
N ASP F 217 -9.35 31.16 -26.98
CA ASP F 217 -8.35 30.09 -26.96
C ASP F 217 -8.89 28.78 -26.35
N ASP F 218 -10.05 28.83 -25.68
CA ASP F 218 -10.57 27.66 -24.95
C ASP F 218 -11.48 26.74 -25.75
N PHE F 219 -11.86 27.12 -26.98
CA PHE F 219 -12.69 26.25 -27.82
C PHE F 219 -11.76 25.14 -28.28
N ALA F 220 -11.98 23.95 -27.76
CA ALA F 220 -11.06 22.81 -27.87
C ALA F 220 -11.78 21.56 -27.33
N THR F 221 -11.12 20.39 -27.35
CA THR F 221 -11.67 19.17 -26.75
C THR F 221 -10.93 18.93 -25.45
N TYR F 222 -11.65 18.52 -24.43
CA TYR F 222 -11.10 18.30 -23.10
C TYR F 222 -11.24 16.84 -22.73
N PHE F 223 -10.20 16.22 -22.17
CA PHE F 223 -10.26 14.81 -21.79
C PHE F 223 -9.92 14.66 -20.31
N CYS F 224 -10.63 13.79 -19.59
CA CYS F 224 -10.22 13.44 -18.24
C CYS F 224 -9.50 12.07 -18.35
N GLN F 225 -8.67 11.75 -17.36
CA GLN F 225 -7.91 10.50 -17.38
C GLN F 225 -7.63 10.08 -15.97
N GLN F 226 -7.94 8.82 -15.64
CA GLN F 226 -7.62 8.35 -14.29
C GLN F 226 -6.27 7.67 -14.26
N TYR F 227 -5.60 7.82 -13.13
CA TYR F 227 -4.36 7.11 -12.82
C TYR F 227 -4.41 6.51 -11.42
N ASN F 228 -5.62 6.08 -10.99
CA ASN F 228 -5.77 5.32 -9.75
C ASN F 228 -5.22 3.92 -10.02
N SER F 229 -5.54 3.34 -11.20
CA SER F 229 -5.00 2.08 -11.65
C SER F 229 -3.77 2.38 -12.51
N TYR F 230 -2.76 1.47 -12.50
CA TYR F 230 -1.59 1.69 -13.37
C TYR F 230 -1.91 1.46 -14.85
N LEU F 231 -3.11 0.94 -15.17
CA LEU F 231 -3.58 0.86 -16.54
C LEU F 231 -4.48 2.08 -16.69
N TYR F 232 -3.90 3.18 -17.18
CA TYR F 232 -4.64 4.44 -17.29
C TYR F 232 -5.77 4.31 -18.27
N THR F 233 -6.83 5.12 -18.07
CA THR F 233 -7.92 5.18 -19.04
C THR F 233 -8.37 6.61 -19.18
N PHE F 234 -8.76 6.99 -20.40
CA PHE F 234 -9.27 8.32 -20.68
C PHE F 234 -10.79 8.30 -20.81
N GLY F 235 -11.40 9.45 -20.54
CA GLY F 235 -12.79 9.70 -20.90
C GLY F 235 -12.83 9.87 -22.42
N GLN F 236 -14.05 9.91 -23.00
CA GLN F 236 -14.20 10.01 -24.45
C GLN F 236 -13.96 11.42 -25.03
N GLY F 237 -13.82 12.42 -24.17
CA GLY F 237 -13.62 13.78 -24.60
C GLY F 237 -14.90 14.59 -24.63
N THR F 238 -14.78 15.89 -24.40
CA THR F 238 -15.91 16.81 -24.51
C THR F 238 -15.44 17.94 -25.41
N LYS F 239 -16.15 18.17 -26.53
CA LYS F 239 -15.75 19.22 -27.44
C LYS F 239 -16.52 20.49 -27.09
N VAL F 240 -15.78 21.60 -26.85
CA VAL F 240 -16.38 22.89 -26.56
C VAL F 240 -16.34 23.70 -27.83
N GLU F 241 -17.52 23.91 -28.45
CA GLU F 241 -17.66 24.56 -29.74
C GLU F 241 -18.25 25.97 -29.66
N ILE F 242 -17.97 26.79 -30.67
CA ILE F 242 -18.45 28.16 -30.71
C ILE F 242 -19.94 28.18 -31.08
N ARG F 243 -20.78 28.76 -30.22
CA ARG F 243 -22.22 28.90 -30.45
C ARG F 243 -22.45 29.71 -31.72
N GLY F 244 -23.28 29.20 -32.61
CA GLY F 244 -23.57 29.87 -33.87
C GLY F 244 -22.63 29.45 -35.00
N THR F 245 -22.12 28.21 -34.93
CA THR F 245 -21.26 27.63 -35.96
C THR F 245 -21.74 26.21 -36.25
N TYR G 6 -0.74 13.74 18.85
CA TYR G 6 -0.03 12.86 17.92
C TYR G 6 0.42 13.58 16.63
N GLN G 7 1.19 12.89 15.77
CA GLN G 7 1.71 13.45 14.51
C GLN G 7 0.60 13.91 13.55
N ASP G 8 -0.60 13.30 13.62
CA ASP G 8 -1.72 13.73 12.79
C ASP G 8 -2.21 15.12 13.22
N VAL G 9 -2.12 15.45 14.53
CA VAL G 9 -2.50 16.76 15.06
C VAL G 9 -1.55 17.83 14.51
N CYS G 10 -0.25 17.53 14.49
CA CYS G 10 0.75 18.46 13.97
C CYS G 10 0.57 18.73 12.49
N ARG G 11 0.45 17.66 11.68
CA ARG G 11 0.30 17.76 10.23
C ARG G 11 -0.98 18.47 9.83
N LYS G 12 -2.06 18.25 10.58
CA LYS G 12 -3.32 18.91 10.29
C LYS G 12 -3.29 20.39 10.65
N ALA G 13 -2.64 20.76 11.77
CA ALA G 13 -2.54 22.17 12.17
C ALA G 13 -1.70 22.94 11.16
N LYS G 14 -0.60 22.36 10.70
CA LYS G 14 0.25 23.00 9.70
C LYS G 14 -0.50 23.16 8.37
N GLU G 15 -1.29 22.14 7.98
CA GLU G 15 -2.09 22.17 6.76
C GLU G 15 -3.14 23.28 6.84
N LYS G 16 -3.79 23.43 8.02
CA LYS G 16 -4.79 24.47 8.22
C LYS G 16 -4.18 25.86 8.16
N LEU G 17 -3.00 26.03 8.76
CA LEU G 17 -2.34 27.33 8.71
C LEU G 17 -1.92 27.66 7.28
N ASP G 18 -1.50 26.64 6.50
CA ASP G 18 -1.14 26.84 5.09
C ASP G 18 -2.35 27.30 4.29
N LYS G 19 -3.53 26.74 4.59
CA LYS G 19 -4.77 27.11 3.91
C LYS G 19 -5.16 28.56 4.25
N ILE G 20 -5.03 28.96 5.52
CA ILE G 20 -5.34 30.34 5.94
C ILE G 20 -4.38 31.31 5.27
N GLU G 21 -3.08 30.94 5.19
CA GLU G 21 -2.09 31.77 4.52
C GLU G 21 -2.45 31.93 3.03
N MET G 22 -2.85 30.82 2.38
CA MET G 22 -3.25 30.89 0.97
C MET G 22 -4.47 31.78 0.78
N ASP G 23 -5.43 31.71 1.71
CA ASP G 23 -6.63 32.54 1.62
C ASP G 23 -6.27 34.02 1.75
N ALA G 24 -5.30 34.35 2.63
CA ALA G 24 -4.85 35.74 2.80
C ALA G 24 -4.14 36.23 1.54
N LYS G 25 -3.29 35.37 0.93
CA LYS G 25 -2.58 35.72 -0.30
C LYS G 25 -3.57 35.91 -1.45
N ASN G 26 -4.59 35.04 -1.54
CA ASN G 26 -5.61 35.16 -2.60
C ASN G 26 -6.44 36.43 -2.42
N TYR G 27 -6.74 36.79 -1.16
CA TYR G 27 -7.47 38.03 -0.87
C TYR G 27 -6.65 39.23 -1.33
N GLU G 28 -5.34 39.25 -1.04
CA GLU G 28 -4.45 40.34 -1.44
C GLU G 28 -4.39 40.43 -2.96
N THR G 29 -4.28 39.28 -3.65
CA THR G 29 -4.24 39.27 -5.12
C THR G 29 -5.55 39.85 -5.69
N ASN G 30 -6.68 39.49 -5.08
CA ASN G 30 -8.00 39.98 -5.49
C ASN G 30 -8.17 41.49 -5.27
N LEU G 31 -7.49 42.06 -4.25
CA LEU G 31 -7.54 43.51 -4.01
C LEU G 31 -6.83 44.23 -5.16
N LYS G 32 -5.65 43.72 -5.57
CA LYS G 32 -4.87 44.34 -6.63
C LYS G 32 -5.54 44.18 -8.00
N GLU G 33 -6.16 43.04 -8.24
CA GLU G 33 -6.81 42.78 -9.52
C GLU G 33 -8.17 43.43 -9.64
N LYS G 40 -9.12 57.44 -4.00
CA LYS G 40 -8.32 58.62 -3.82
C LYS G 40 -8.98 59.64 -2.87
N THR G 41 -10.34 59.64 -2.75
CA THR G 41 -10.98 60.61 -1.83
C THR G 41 -10.74 60.19 -0.37
N GLU G 42 -10.88 61.13 0.56
CA GLU G 42 -10.72 60.83 1.99
C GLU G 42 -11.80 59.81 2.43
N GLU G 43 -13.02 59.90 1.88
CA GLU G 43 -14.09 58.94 2.20
C GLU G 43 -13.79 57.54 1.69
N TYR G 44 -13.28 57.44 0.46
CA TYR G 44 -12.89 56.15 -0.13
C TYR G 44 -11.80 55.47 0.72
N ARG G 45 -10.73 56.24 1.06
CA ARG G 45 -9.64 55.72 1.88
C ARG G 45 -10.13 55.20 3.22
N LYS G 46 -11.04 55.92 3.87
CA LYS G 46 -11.54 55.50 5.18
C LYS G 46 -12.37 54.24 5.10
N LYS G 47 -13.31 54.17 4.15
CA LYS G 47 -14.21 53.02 4.02
C LYS G 47 -13.51 51.76 3.57
N LYS G 48 -12.50 51.89 2.70
CA LYS G 48 -11.76 50.71 2.25
C LYS G 48 -10.81 50.23 3.34
N LYS G 49 -10.16 51.16 4.05
CA LYS G 49 -9.24 50.80 5.13
C LYS G 49 -9.89 49.94 6.22
N ILE G 50 -11.06 50.37 6.76
CA ILE G 50 -11.67 49.57 7.84
C ILE G 50 -12.16 48.24 7.32
N ALA G 51 -12.62 48.15 6.06
CA ALA G 51 -13.07 46.85 5.55
C ALA G 51 -11.88 45.90 5.43
N ILE G 52 -10.72 46.37 4.92
CA ILE G 52 -9.53 45.54 4.81
C ILE G 52 -9.06 45.12 6.18
N GLU G 53 -9.07 46.05 7.16
CA GLU G 53 -8.68 45.73 8.53
C GLU G 53 -9.62 44.65 9.10
N ALA G 54 -10.93 44.80 8.87
CA ALA G 54 -11.91 43.84 9.37
C ALA G 54 -11.67 42.45 8.76
N PHE G 55 -11.38 42.42 7.45
CA PHE G 55 -11.15 41.14 6.78
C PHE G 55 -9.90 40.45 7.35
N LEU G 56 -8.80 41.19 7.45
CA LEU G 56 -7.55 40.62 7.95
C LEU G 56 -7.60 40.26 9.42
N LYS G 57 -8.36 41.01 10.24
CA LYS G 57 -8.54 40.65 11.64
C LYS G 57 -9.29 39.31 11.75
N LYS G 58 -10.25 39.06 10.84
CA LYS G 58 -10.98 37.81 10.85
C LYS G 58 -10.07 36.65 10.39
N ILE G 59 -9.14 36.90 9.44
CA ILE G 59 -8.15 35.87 9.04
C ILE G 59 -7.27 35.55 10.26
N GLU G 60 -6.85 36.59 11.00
CA GLU G 60 -6.04 36.42 12.20
C GLU G 60 -6.77 35.58 13.25
N GLU G 61 -8.09 35.77 13.41
CA GLU G 61 -8.86 34.96 14.36
C GLU G 61 -8.79 33.47 13.99
N ALA G 62 -8.88 33.15 12.68
CA ALA G 62 -8.81 31.76 12.23
C ALA G 62 -7.43 31.17 12.55
N ALA G 63 -6.35 31.92 12.29
CA ALA G 63 -5.00 31.43 12.58
C ALA G 63 -4.82 31.24 14.08
N ASP G 64 -5.33 32.18 14.89
CA ASP G 64 -5.20 32.10 16.33
C ASP G 64 -5.94 30.89 16.88
N LYS G 65 -7.13 30.61 16.33
CA LYS G 65 -7.91 29.46 16.75
C LYS G 65 -7.23 28.15 16.43
N VAL G 66 -6.63 28.03 15.23
CA VAL G 66 -5.91 26.81 14.84
C VAL G 66 -4.72 26.59 15.77
N ALA G 67 -3.93 27.65 16.01
CA ALA G 67 -2.75 27.57 16.87
C ALA G 67 -3.07 27.28 18.34
N ARG G 68 -4.19 27.84 18.86
CA ARG G 68 -4.54 27.62 20.27
C ARG G 68 -5.19 26.24 20.48
N GLU G 69 -5.87 25.70 19.47
CA GLU G 69 -6.47 24.36 19.59
C GLU G 69 -5.42 23.26 19.38
N ALA G 70 -4.35 23.55 18.61
CA ALA G 70 -3.27 22.57 18.40
C ALA G 70 -2.42 22.41 19.67
N LYS G 71 -2.27 23.50 20.46
CA LYS G 71 -1.47 23.49 21.68
C LYS G 71 -2.11 22.65 22.79
N GLN G 72 -3.44 22.64 22.88
CA GLN G 72 -4.11 21.88 23.93
C GLN G 72 -4.21 20.37 23.65
N ARG G 73 -4.47 19.98 22.39
CA ARG G 73 -4.60 18.56 22.02
C ARG G 73 -3.29 17.76 22.08
N LEU G 74 -2.18 18.39 22.47
CA LEU G 74 -0.89 17.70 22.56
C LEU G 74 -0.51 17.46 24.02
N CYS G 91 6.74 19.79 18.25
CA CYS G 91 5.56 20.10 17.45
C CYS G 91 4.92 21.41 17.90
N LYS G 92 4.75 21.62 19.22
CA LYS G 92 4.16 22.85 19.74
C LYS G 92 4.96 24.07 19.31
N GLU G 93 6.30 23.97 19.37
CA GLU G 93 7.16 25.07 18.95
C GLU G 93 7.00 25.33 17.46
N GLU G 94 6.91 24.27 16.65
CA GLU G 94 6.73 24.39 15.20
C GLU G 94 5.39 25.05 14.83
N VAL G 95 4.30 24.65 15.50
CA VAL G 95 2.99 25.24 15.25
C VAL G 95 2.99 26.70 15.66
N GLU G 96 3.59 27.02 16.84
CA GLU G 96 3.66 28.42 17.28
C GLU G 96 4.51 29.28 16.36
N LYS G 97 5.62 28.75 15.85
CA LYS G 97 6.49 29.46 14.91
C LYS G 97 5.72 29.75 13.62
N ARG G 98 4.97 28.75 13.14
CA ARG G 98 4.13 28.87 11.94
C ARG G 98 3.03 29.91 12.11
N ALA G 99 2.46 29.99 13.31
CA ALA G 99 1.42 30.97 13.62
C ALA G 99 2.02 32.37 13.64
N ARG G 100 3.22 32.54 14.22
CA ARG G 100 3.88 33.83 14.25
C ARG G 100 4.21 34.30 12.83
N GLU G 101 4.67 33.39 11.97
CA GLU G 101 5.00 33.70 10.59
C GLU G 101 3.75 34.13 9.82
N LEU G 102 2.61 33.49 10.10
CA LEU G 102 1.33 33.83 9.49
C LEU G 102 0.90 35.22 9.94
N ARG G 103 0.97 35.53 11.25
CA ARG G 103 0.60 36.86 11.76
C ARG G 103 1.47 37.96 11.15
N ARG G 104 2.74 37.64 10.87
CA ARG G 104 3.67 38.60 10.25
C ARG G 104 3.23 38.85 8.81
N ARG G 105 2.89 37.77 8.08
CA ARG G 105 2.42 37.80 6.70
C ARG G 105 1.15 38.66 6.62
N ILE G 106 0.21 38.47 7.57
CA ILE G 106 -1.06 39.22 7.62
C ILE G 106 -0.81 40.70 7.88
N ARG G 107 0.13 40.98 8.79
CA ARG G 107 0.53 42.36 9.12
C ARG G 107 1.11 43.06 7.89
N GLU G 108 1.96 42.35 7.13
CA GLU G 108 2.58 42.87 5.91
C GLU G 108 1.52 43.22 4.85
N ILE G 109 0.45 42.41 4.74
CA ILE G 109 -0.63 42.66 3.79
C ILE G 109 -1.37 43.95 4.15
N LEU G 110 -1.72 44.13 5.44
CA LEU G 110 -2.41 45.34 5.91
C LEU G 110 -1.55 46.58 5.65
N GLU G 111 -0.24 46.49 5.96
CA GLU G 111 0.66 47.62 5.74
C GLU G 111 0.72 48.03 4.29
N ARG G 112 0.80 47.06 3.37
CA ARG G 112 0.84 47.36 1.93
C ARG G 112 -0.47 47.99 1.47
N ALA G 113 -1.60 47.51 1.99
CA ALA G 113 -2.93 48.03 1.66
C ALA G 113 -3.09 49.48 2.13
N LYS G 114 -2.57 49.80 3.32
CA LYS G 114 -2.64 51.17 3.83
C LYS G 114 -1.74 52.10 3.02
N LYS G 115 -0.57 51.61 2.61
CA LYS G 115 0.36 52.38 1.79
C LYS G 115 -0.27 52.71 0.44
N TRP G 116 -0.98 51.73 -0.16
CA TRP G 116 -1.68 51.94 -1.43
C TRP G 116 -2.78 53.00 -1.29
N LEU G 117 -3.53 52.97 -0.18
CA LEU G 117 -4.59 53.92 0.09
C LEU G 117 -4.06 55.35 0.32
N ASP G 118 -2.85 55.47 0.89
CA ASP G 118 -2.23 56.76 1.12
C ASP G 118 -1.25 57.07 -0.01
N GLN G 119 -1.64 57.95 -0.95
CA GLN G 119 -0.81 58.33 -2.12
C GLN G 119 -0.49 57.15 -3.04
N GLN H 2 -14.19 33.15 22.82
CA GLN H 2 -14.16 34.54 23.29
C GLN H 2 -14.95 35.44 22.33
N VAL H 3 -14.93 35.16 21.01
CA VAL H 3 -15.69 35.97 20.05
C VAL H 3 -17.16 35.54 20.13
N GLN H 4 -18.04 36.43 20.59
CA GLN H 4 -19.44 36.07 20.75
C GLN H 4 -20.40 37.24 20.71
N LEU H 5 -21.69 36.95 20.47
CA LEU H 5 -22.76 37.92 20.51
C LEU H 5 -23.79 37.36 21.47
N VAL H 6 -24.18 38.15 22.49
CA VAL H 6 -25.15 37.70 23.47
C VAL H 6 -26.36 38.60 23.41
N GLN H 7 -27.52 38.00 23.14
CA GLN H 7 -28.76 38.77 22.98
C GLN H 7 -29.58 38.84 24.25
N SER H 8 -30.50 39.81 24.27
CA SER H 8 -31.44 39.97 25.38
C SER H 8 -32.50 38.84 25.38
N GLY H 9 -33.21 38.70 26.49
CA GLY H 9 -34.15 37.63 26.69
C GLY H 9 -35.47 37.71 25.94
N ALA H 10 -36.26 36.63 26.07
CA ALA H 10 -37.55 36.51 25.41
C ALA H 10 -38.49 37.67 25.65
N GLU H 11 -39.34 37.95 24.66
CA GLU H 11 -40.31 39.03 24.73
C GLU H 11 -41.70 38.52 24.34
N VAL H 12 -42.73 39.05 25.01
CA VAL H 12 -44.12 38.77 24.66
C VAL H 12 -44.79 40.14 24.59
N LYS H 13 -45.26 40.51 23.40
CA LYS H 13 -45.82 41.84 23.18
C LYS H 13 -47.21 41.78 22.61
N LYS H 14 -48.04 42.78 22.90
CA LYS H 14 -49.37 42.83 22.33
C LYS H 14 -49.30 43.38 20.90
N PRO H 15 -50.25 43.03 20.03
CA PRO H 15 -50.28 43.65 18.70
C PRO H 15 -50.36 45.18 18.79
N GLY H 16 -49.60 45.86 17.95
CA GLY H 16 -49.50 47.32 17.93
C GLY H 16 -48.35 47.87 18.76
N ALA H 17 -47.82 47.06 19.68
CA ALA H 17 -46.71 47.48 20.55
C ALA H 17 -45.35 47.43 19.79
N SER H 18 -44.27 47.92 20.43
CA SER H 18 -42.94 47.87 19.87
C SER H 18 -42.07 46.93 20.72
N VAL H 19 -40.97 46.44 20.14
CA VAL H 19 -40.03 45.61 20.88
C VAL H 19 -38.63 46.11 20.56
N ARG H 20 -37.73 46.04 21.53
CA ARG H 20 -36.33 46.39 21.30
C ARG H 20 -35.49 45.22 21.80
N VAL H 21 -34.63 44.69 20.93
CA VAL H 21 -33.76 43.56 21.25
C VAL H 21 -32.33 44.07 21.24
N SER H 22 -31.50 43.61 22.18
CA SER H 22 -30.11 44.02 22.21
C SER H 22 -29.19 42.86 21.85
N CYS H 23 -27.98 43.19 21.43
CA CYS H 23 -27.01 42.21 20.95
C CYS H 23 -25.62 42.73 21.40
N LYS H 24 -25.07 42.14 22.44
CA LYS H 24 -23.79 42.59 23.01
C LYS H 24 -22.63 41.78 22.48
N ALA H 25 -21.66 42.45 21.88
CA ALA H 25 -20.49 41.80 21.34
C ALA H 25 -19.33 41.76 22.30
N SER H 26 -18.53 40.70 22.20
CA SER H 26 -17.28 40.63 22.95
C SER H 26 -16.25 39.81 22.18
N GLY H 27 -14.98 40.03 22.48
CA GLY H 27 -13.91 39.26 21.85
C GLY H 27 -13.38 39.79 20.54
N TYR H 28 -13.94 40.89 20.04
CA TYR H 28 -13.47 41.51 18.81
C TYR H 28 -13.72 43.03 18.81
N THR H 29 -13.11 43.76 17.86
CA THR H 29 -13.27 45.21 17.79
C THR H 29 -14.60 45.53 17.13
N PHE H 30 -15.61 45.87 17.94
CA PHE H 30 -16.96 46.12 17.47
C PHE H 30 -17.04 47.22 16.39
N THR H 31 -16.23 48.27 16.53
CA THR H 31 -16.25 49.38 15.58
C THR H 31 -15.61 49.07 14.24
N SER H 32 -15.00 47.88 14.07
CA SER H 32 -14.44 47.50 12.77
C SER H 32 -15.43 46.64 11.94
N TYR H 33 -16.60 46.32 12.49
CA TYR H 33 -17.55 45.44 11.82
C TYR H 33 -18.95 46.07 11.83
N GLY H 34 -19.92 45.32 11.32
CA GLY H 34 -21.32 45.66 11.33
C GLY H 34 -22.12 44.54 11.97
N ILE H 35 -23.42 44.76 12.09
CA ILE H 35 -24.33 43.75 12.65
C ILE H 35 -25.53 43.64 11.72
N SER H 36 -25.83 42.43 11.29
CA SER H 36 -27.02 42.17 10.52
CA SER H 36 -27.02 42.17 10.52
C SER H 36 -28.05 41.49 11.45
N TRP H 37 -29.34 41.70 11.19
CA TRP H 37 -30.41 41.07 11.96
C TRP H 37 -31.19 40.19 11.02
N VAL H 38 -31.47 38.95 11.47
CA VAL H 38 -32.16 37.95 10.68
C VAL H 38 -33.22 37.31 11.56
N ARG H 39 -34.44 37.10 11.07
CA ARG H 39 -35.47 36.48 11.88
C ARG H 39 -35.99 35.19 11.24
N GLN H 40 -36.65 34.35 12.06
CA GLN H 40 -37.14 33.08 11.59
C GLN H 40 -38.44 32.76 12.30
N ALA H 41 -39.53 32.83 11.56
CA ALA H 41 -40.84 32.51 12.12
C ALA H 41 -40.94 31.00 12.39
N PRO H 42 -41.82 30.57 13.30
CA PRO H 42 -41.89 29.13 13.64
C PRO H 42 -42.04 28.20 12.45
N GLY H 43 -41.10 27.27 12.29
CA GLY H 43 -41.10 26.31 11.19
C GLY H 43 -40.77 26.89 9.83
N GLN H 44 -40.35 28.17 9.77
CA GLN H 44 -40.07 28.82 8.49
C GLN H 44 -38.56 29.03 8.28
N GLY H 45 -38.20 29.63 7.15
CA GLY H 45 -36.81 29.88 6.86
C GLY H 45 -36.30 31.18 7.44
N LEU H 46 -35.06 31.50 7.11
CA LEU H 46 -34.43 32.72 7.57
C LEU H 46 -34.87 33.89 6.70
N GLU H 47 -35.03 35.06 7.32
CA GLU H 47 -35.41 36.29 6.61
C GLU H 47 -34.52 37.43 7.11
N TRP H 48 -33.75 38.05 6.19
CA TRP H 48 -32.88 39.15 6.58
C TRP H 48 -33.72 40.40 6.81
N MET H 49 -33.42 41.12 7.89
CA MET H 49 -34.17 42.33 8.26
C MET H 49 -33.44 43.62 7.93
N GLY H 50 -32.13 43.63 8.16
CA GLY H 50 -31.36 44.86 7.99
C GLY H 50 -29.98 44.76 8.58
N TRP H 51 -29.22 45.84 8.46
CA TRP H 51 -27.84 45.85 8.90
C TRP H 51 -27.45 47.25 9.37
N ILE H 52 -26.50 47.32 10.32
CA ILE H 52 -25.95 48.59 10.78
C ILE H 52 -24.44 48.48 10.90
N SER H 53 -23.71 49.54 10.53
CA SER H 53 -22.26 49.54 10.69
C SER H 53 -21.90 49.99 12.09
N GLY H 54 -21.02 49.24 12.75
CA GLY H 54 -20.47 49.66 14.04
C GLY H 54 -19.42 50.75 13.86
N TYR H 55 -18.93 50.94 12.62
CA TYR H 55 -17.91 51.92 12.31
C TYR H 55 -18.50 53.33 12.17
N ASP H 56 -19.56 53.49 11.37
CA ASP H 56 -20.11 54.83 11.13
C ASP H 56 -21.63 54.95 11.28
N GLY H 57 -22.30 53.89 11.74
CA GLY H 57 -23.73 53.92 11.97
C GLY H 57 -24.63 53.90 10.77
N ASN H 58 -24.07 53.71 9.56
CA ASN H 58 -24.91 53.60 8.36
C ASN H 58 -25.82 52.36 8.47
N THR H 59 -27.04 52.45 7.94
CA THR H 59 -27.97 51.32 8.01
C THR H 59 -28.60 51.02 6.65
N ASN H 60 -29.00 49.76 6.44
CA ASN H 60 -29.78 49.34 5.28
C ASN H 60 -30.89 48.46 5.85
N TYR H 61 -32.15 48.69 5.44
CA TYR H 61 -33.25 47.88 5.94
C TYR H 61 -33.95 47.16 4.82
N ALA H 62 -34.47 45.95 5.09
CA ALA H 62 -35.26 45.20 4.11
C ALA H 62 -36.48 46.03 3.69
N GLN H 63 -36.83 46.03 2.40
CA GLN H 63 -37.93 46.83 1.87
C GLN H 63 -39.23 46.68 2.65
N LYS H 64 -39.59 45.43 2.99
CA LYS H 64 -40.84 45.18 3.72
C LYS H 64 -40.87 45.77 5.13
N LEU H 65 -39.70 46.10 5.72
CA LEU H 65 -39.66 46.66 7.07
C LEU H 65 -39.35 48.16 7.10
N GLN H 66 -38.99 48.78 5.96
CA GLN H 66 -38.66 50.22 5.95
C GLN H 66 -39.78 51.07 6.56
N GLY H 67 -39.42 51.93 7.50
CA GLY H 67 -40.36 52.77 8.23
C GLY H 67 -40.85 52.19 9.54
N ARG H 68 -40.62 50.88 9.76
CA ARG H 68 -41.09 50.19 10.96
C ARG H 68 -39.93 49.63 11.83
N VAL H 69 -38.71 49.55 11.27
CA VAL H 69 -37.57 49.04 12.02
C VAL H 69 -36.52 50.13 12.19
N THR H 70 -35.84 50.15 13.33
CA THR H 70 -34.75 51.08 13.58
C THR H 70 -33.61 50.31 14.22
N MET H 71 -32.41 50.42 13.66
CA MET H 71 -31.24 49.79 14.24
C MET H 71 -30.30 50.87 14.72
N THR H 72 -29.72 50.68 15.88
CA THR H 72 -28.75 51.60 16.47
C THR H 72 -27.59 50.82 17.11
N THR H 73 -26.51 51.50 17.47
CA THR H 73 -25.43 50.88 18.24
C THR H 73 -25.04 51.81 19.38
N ASP H 74 -24.41 51.25 20.39
CA ASP H 74 -23.82 51.98 21.50
C ASP H 74 -22.37 51.51 21.50
N THR H 75 -21.50 52.33 20.95
CA THR H 75 -20.07 52.04 20.87
C THR H 75 -19.44 51.81 22.25
N SER H 76 -19.87 52.57 23.27
CA SER H 76 -19.29 52.46 24.60
C SER H 76 -19.52 51.10 25.26
N THR H 77 -20.57 50.37 24.85
CA THR H 77 -20.85 49.04 25.40
C THR H 77 -20.78 47.91 24.36
N SER H 78 -20.35 48.23 23.11
CA SER H 78 -20.27 47.27 22.00
C SER H 78 -21.62 46.54 21.83
N THR H 79 -22.71 47.30 21.88
CA THR H 79 -24.05 46.71 21.80
C THR H 79 -24.82 47.26 20.62
N ALA H 80 -25.49 46.36 19.87
CA ALA H 80 -26.35 46.76 18.77
C ALA H 80 -27.81 46.55 19.22
N TYR H 81 -28.72 47.41 18.76
CA TYR H 81 -30.13 47.31 19.12
C TYR H 81 -30.99 47.27 17.88
N MET H 82 -32.08 46.52 17.95
CA MET H 82 -33.05 46.47 16.86
C MET H 82 -34.40 46.76 17.49
N GLU H 83 -35.08 47.79 17.00
CA GLU H 83 -36.42 48.13 17.46
C GLU H 83 -37.38 47.86 16.31
N LEU H 84 -38.48 47.12 16.57
CA LEU H 84 -39.47 46.84 15.55
C LEU H 84 -40.81 47.33 16.10
N ARG H 85 -41.45 48.25 15.37
CA ARG H 85 -42.68 48.89 15.81
C ARG H 85 -43.93 48.29 15.17
N SER H 86 -45.14 48.68 15.69
CA SER H 86 -46.44 48.25 15.17
C SER H 86 -46.50 46.75 14.95
N LEU H 87 -46.12 46.00 16.00
CA LEU H 87 -46.04 44.55 15.90
C LEU H 87 -47.35 43.88 15.52
N ARG H 88 -47.28 42.88 14.65
CA ARG H 88 -48.41 42.08 14.18
C ARG H 88 -48.11 40.59 14.49
N SER H 89 -49.14 39.73 14.44
CA SER H 89 -48.95 38.30 14.70
C SER H 89 -47.83 37.67 13.85
N ASP H 90 -47.68 38.11 12.59
CA ASP H 90 -46.64 37.55 11.72
C ASP H 90 -45.22 38.02 12.05
N ASP H 91 -45.06 38.88 13.08
CA ASP H 91 -43.73 39.26 13.55
C ASP H 91 -43.24 38.26 14.63
N THR H 92 -44.06 37.26 15.01
CA THR H 92 -43.65 36.22 15.97
C THR H 92 -42.54 35.41 15.32
N ALA H 93 -41.38 35.38 15.95
CA ALA H 93 -40.19 34.74 15.35
C ALA H 93 -39.04 34.72 16.37
N VAL H 94 -37.97 33.98 16.05
CA VAL H 94 -36.72 34.09 16.76
C VAL H 94 -35.93 35.13 15.97
N TYR H 95 -35.40 36.14 16.65
CA TYR H 95 -34.64 37.23 16.06
C TYR H 95 -33.17 37.00 16.39
N TYR H 96 -32.31 36.97 15.38
CA TYR H 96 -30.87 36.78 15.58
C TYR H 96 -30.10 38.01 15.15
N CYS H 97 -28.98 38.30 15.81
CA CYS H 97 -28.02 39.27 15.31
C CYS H 97 -26.80 38.46 14.84
N ALA H 98 -26.03 39.00 13.90
CA ALA H 98 -24.86 38.31 13.39
C ALA H 98 -23.82 39.32 12.95
N ARG H 99 -22.54 39.01 13.16
CA ARG H 99 -21.45 39.88 12.77
C ARG H 99 -21.37 39.91 11.24
N ASP H 100 -21.14 41.10 10.70
CA ASP H 100 -21.08 41.29 9.26
C ASP H 100 -19.98 42.37 8.97
N GLY H 101 -19.78 42.71 7.70
CA GLY H 101 -18.79 43.72 7.34
C GLY H 101 -19.19 45.11 7.78
N PRO H 102 -18.21 46.02 7.86
CA PRO H 102 -18.51 47.38 8.33
C PRO H 102 -19.01 48.35 7.27
N GLN H 103 -18.91 47.98 5.98
CA GLN H 103 -19.23 48.91 4.90
C GLN H 103 -20.19 48.36 3.85
N VAL H 104 -21.19 47.59 4.27
CA VAL H 104 -22.16 47.00 3.33
C VAL H 104 -22.92 48.11 2.57
N GLY H 105 -22.88 48.06 1.25
CA GLY H 105 -23.52 49.08 0.43
C GLY H 105 -22.54 50.10 -0.14
N ASP H 106 -21.31 50.15 0.40
CA ASP H 106 -20.27 51.05 -0.14
C ASP H 106 -19.93 50.59 -1.58
N PHE H 107 -19.38 51.48 -2.42
CA PHE H 107 -19.02 51.12 -3.79
C PHE H 107 -18.07 49.93 -3.84
N ASP H 108 -18.45 48.85 -4.54
CA ASP H 108 -17.58 47.68 -4.67
C ASP H 108 -17.22 47.07 -3.31
N TRP H 109 -18.11 47.15 -2.33
CA TRP H 109 -17.78 46.74 -0.97
C TRP H 109 -17.33 45.30 -0.82
N GLN H 110 -17.92 44.39 -1.60
CA GLN H 110 -17.66 42.95 -1.43
C GLN H 110 -16.23 42.58 -1.66
N VAL H 111 -15.53 43.27 -2.58
CA VAL H 111 -14.12 42.97 -2.84
C VAL H 111 -13.26 43.14 -1.56
N TYR H 112 -13.62 44.11 -0.72
CA TYR H 112 -12.84 44.43 0.48
C TYR H 112 -13.25 43.61 1.68
N TYR H 113 -14.51 43.15 1.73
CA TYR H 113 -14.97 42.29 2.81
C TYR H 113 -16.06 41.39 2.28
N TYR H 114 -15.71 40.13 1.98
CA TYR H 114 -16.71 39.24 1.40
C TYR H 114 -17.08 38.05 2.26
N TYR H 115 -16.75 38.08 3.55
CA TYR H 115 -17.21 37.01 4.44
C TYR H 115 -18.70 37.18 4.64
N GLY H 116 -19.40 36.05 4.79
CA GLY H 116 -20.81 36.06 5.14
C GLY H 116 -20.98 36.41 6.62
N MET H 117 -22.21 36.28 7.13
CA MET H 117 -22.52 36.61 8.54
C MET H 117 -21.95 35.48 9.38
N ASP H 118 -20.85 35.73 10.12
CA ASP H 118 -20.05 34.62 10.65
C ASP H 118 -20.15 34.28 12.13
N VAL H 119 -20.57 35.23 12.95
CA VAL H 119 -20.72 34.99 14.39
C VAL H 119 -22.17 35.31 14.65
N TRP H 120 -22.93 34.40 15.24
CA TRP H 120 -24.34 34.62 15.47
C TRP H 120 -24.67 34.66 16.94
N GLY H 121 -25.62 35.51 17.30
CA GLY H 121 -26.17 35.53 18.65
C GLY H 121 -27.01 34.27 18.86
N GLN H 122 -27.41 34.02 20.12
CA GLN H 122 -28.19 32.82 20.43
C GLN H 122 -29.68 32.90 20.03
N GLY H 123 -30.11 34.09 19.60
CA GLY H 123 -31.50 34.31 19.22
C GLY H 123 -32.32 34.82 20.40
N THR H 124 -33.36 35.58 20.07
CA THR H 124 -34.33 36.12 21.03
C THR H 124 -35.70 35.78 20.51
N THR H 125 -36.50 35.05 21.30
CA THR H 125 -37.86 34.71 20.88
C THR H 125 -38.75 35.91 21.15
N VAL H 126 -39.48 36.36 20.12
CA VAL H 126 -40.42 37.46 20.28
C VAL H 126 -41.78 36.91 19.88
N THR H 127 -42.75 36.89 20.79
CA THR H 127 -44.08 36.41 20.46
C THR H 127 -45.06 37.56 20.55
N VAL H 128 -45.88 37.74 19.51
CA VAL H 128 -46.87 38.78 19.50
C VAL H 128 -48.20 38.15 19.82
N SER H 129 -48.76 38.52 20.96
CA SER H 129 -50.00 37.94 21.45
C SER H 129 -50.65 38.87 22.49
N SER H 130 -51.95 38.75 22.63
CA SER H 130 -52.69 39.46 23.68
C SER H 130 -52.20 39.04 25.11
N GLY H 131 -51.58 37.86 25.22
CA GLY H 131 -51.04 37.31 26.46
C GLY H 131 -49.81 38.01 27.01
N GLY H 132 -49.45 39.15 26.43
CA GLY H 132 -48.32 39.93 26.88
C GLY H 132 -48.67 40.90 27.99
N SER H 133 -24.62 45.76 -6.66
CA SER H 133 -24.35 46.69 -5.57
C SER H 133 -25.46 47.67 -5.28
N GLY H 134 -26.65 47.41 -5.81
CA GLY H 134 -27.80 48.27 -5.59
C GLY H 134 -28.75 47.71 -4.55
N GLY H 135 -29.94 48.28 -4.47
CA GLY H 135 -30.96 47.84 -3.53
C GLY H 135 -32.13 47.11 -4.17
N GLY H 136 -31.91 46.56 -5.36
CA GLY H 136 -32.94 45.83 -6.05
C GLY H 136 -33.27 44.51 -5.39
N ALA H 137 -34.46 43.97 -5.70
CA ALA H 137 -34.94 42.73 -5.12
C ALA H 137 -34.38 41.55 -5.89
N ILE H 138 -33.79 40.57 -5.17
CA ILE H 138 -33.23 39.36 -5.79
C ILE H 138 -33.84 38.12 -5.12
N ARG H 139 -34.50 37.27 -5.91
CA ARG H 139 -35.11 36.05 -5.38
C ARG H 139 -34.14 34.88 -5.46
N MET H 140 -33.97 34.15 -4.34
CA MET H 140 -33.12 32.97 -4.29
C MET H 140 -33.99 31.73 -4.12
N THR H 141 -33.78 30.72 -4.97
CA THR H 141 -34.58 29.50 -4.92
C THR H 141 -33.66 28.30 -4.81
N GLN H 142 -33.88 27.43 -3.81
CA GLN H 142 -33.10 26.22 -3.65
C GLN H 142 -33.81 25.01 -4.20
N SER H 143 -33.03 24.04 -4.61
CA SER H 143 -33.58 22.77 -5.04
C SER H 143 -32.64 21.62 -4.63
N PRO H 144 -33.18 20.52 -4.14
CA PRO H 144 -34.60 20.34 -3.76
C PRO H 144 -34.90 21.10 -2.43
N SER H 145 -36.17 21.04 -1.98
CA SER H 145 -36.52 21.60 -0.67
C SER H 145 -36.19 20.58 0.45
N THR H 146 -36.35 19.27 0.15
CA THR H 146 -36.01 18.22 1.09
C THR H 146 -35.38 17.10 0.32
N LEU H 147 -34.36 16.47 0.92
CA LEU H 147 -33.80 15.26 0.33
C LEU H 147 -33.45 14.26 1.42
N SER H 148 -33.47 12.96 1.06
CA SER H 148 -33.11 11.89 1.99
CA SER H 148 -33.08 11.94 2.03
C SER H 148 -31.79 11.30 1.59
N ALA H 149 -30.93 11.04 2.56
CA ALA H 149 -29.64 10.47 2.23
C ALA H 149 -29.12 9.55 3.34
N SER H 150 -28.16 8.71 3.01
CA SER H 150 -27.54 7.82 3.98
C SER H 150 -26.15 8.35 4.29
N VAL H 151 -25.59 7.95 5.44
CA VAL H 151 -24.19 8.30 5.76
C VAL H 151 -23.26 7.72 4.67
N GLY H 152 -22.35 8.54 4.17
CA GLY H 152 -21.43 8.17 3.11
C GLY H 152 -21.86 8.65 1.73
N ASP H 153 -23.13 9.09 1.58
CA ASP H 153 -23.62 9.54 0.27
C ASP H 153 -23.04 10.88 -0.12
N ARG H 154 -22.97 11.12 -1.44
CA ARG H 154 -22.57 12.43 -1.93
C ARG H 154 -23.87 13.21 -2.12
N VAL H 155 -23.96 14.41 -1.55
CA VAL H 155 -25.17 15.22 -1.60
C VAL H 155 -24.89 16.53 -2.29
N THR H 156 -25.77 16.97 -3.21
CA THR H 156 -25.63 18.26 -3.89
C THR H 156 -26.91 19.05 -3.75
N ILE H 157 -26.80 20.32 -3.32
CA ILE H 157 -27.93 21.23 -3.16
C ILE H 157 -27.70 22.38 -4.10
N THR H 158 -28.71 22.80 -4.86
CA THR H 158 -28.58 23.89 -5.81
CA THR H 158 -28.56 23.91 -5.79
C THR H 158 -29.29 25.15 -5.33
N CYS H 159 -28.76 26.33 -5.70
CA CYS H 159 -29.31 27.61 -5.34
C CYS H 159 -29.29 28.45 -6.61
N ARG H 160 -30.45 29.00 -7.01
CA ARG H 160 -30.55 29.82 -8.22
C ARG H 160 -31.01 31.23 -7.87
N ALA H 161 -30.41 32.23 -8.51
CA ALA H 161 -30.76 33.62 -8.26
C ALA H 161 -31.57 34.15 -9.44
N SER H 162 -32.52 35.05 -9.16
CA SER H 162 -33.36 35.63 -10.23
C SER H 162 -32.61 36.57 -11.18
N GLN H 163 -31.44 37.02 -10.77
CA GLN H 163 -30.57 37.83 -11.62
C GLN H 163 -29.14 37.54 -11.18
N SER H 164 -28.13 37.91 -12.00
CA SER H 164 -26.74 37.62 -11.61
C SER H 164 -26.37 38.19 -10.24
N ILE H 165 -25.73 37.37 -9.42
CA ILE H 165 -25.22 37.85 -8.14
C ILE H 165 -23.68 37.73 -8.13
N ASN H 166 -23.02 37.61 -9.32
CA ASN H 166 -21.57 37.48 -9.42
C ASN H 166 -21.13 36.24 -8.57
N THR H 167 -20.19 36.37 -7.61
CA THR H 167 -19.90 35.23 -6.72
C THR H 167 -20.29 35.58 -5.27
N TRP H 168 -21.18 36.58 -5.07
CA TRP H 168 -21.54 37.02 -3.73
C TRP H 168 -22.67 36.17 -3.15
N LEU H 169 -22.32 34.93 -2.80
CA LEU H 169 -23.28 33.94 -2.31
C LEU H 169 -22.63 33.23 -1.13
N ALA H 170 -23.38 33.13 -0.04
CA ALA H 170 -22.91 32.45 1.16
C ALA H 170 -23.82 31.26 1.46
N TRP H 171 -23.29 30.23 2.12
CA TRP H 171 -24.09 29.07 2.54
C TRP H 171 -24.02 28.94 4.05
N TYR H 172 -25.15 28.56 4.67
CA TYR H 172 -25.29 28.39 6.12
C TYR H 172 -25.89 27.05 6.42
N GLN H 173 -25.56 26.50 7.61
CA GLN H 173 -26.16 25.27 8.10
C GLN H 173 -26.96 25.61 9.34
N GLN H 174 -28.11 24.98 9.52
CA GLN H 174 -28.86 25.17 10.77
C GLN H 174 -29.40 23.85 11.25
N LYS H 175 -29.22 23.58 12.54
CA LYS H 175 -29.80 22.40 13.20
C LYS H 175 -30.97 22.84 14.11
N PRO H 176 -31.95 21.96 14.41
CA PRO H 176 -33.06 22.37 15.29
C PRO H 176 -32.60 22.88 16.62
N GLY H 177 -33.22 23.97 17.06
CA GLY H 177 -32.90 24.60 18.34
C GLY H 177 -31.63 25.40 18.33
N LYS H 178 -30.92 25.45 17.17
CA LYS H 178 -29.66 26.15 17.10
C LYS H 178 -29.67 27.31 16.14
N ALA H 179 -28.75 28.26 16.37
CA ALA H 179 -28.60 29.37 15.44
C ALA H 179 -27.91 28.80 14.17
N PRO H 180 -28.06 29.50 13.05
CA PRO H 180 -27.31 29.10 11.85
C PRO H 180 -25.82 29.31 12.04
N ASN H 181 -25.04 28.63 11.21
CA ASN H 181 -23.58 28.80 11.21
C ASN H 181 -23.12 28.94 9.76
N LEU H 182 -22.16 29.83 9.53
CA LEU H 182 -21.66 30.10 8.20
C LEU H 182 -20.76 28.96 7.74
N LEU H 183 -21.01 28.43 6.53
CA LEU H 183 -20.16 27.39 5.98
C LEU H 183 -19.21 27.94 4.93
N ILE H 184 -19.75 28.74 3.99
CA ILE H 184 -18.99 29.19 2.82
C ILE H 184 -19.32 30.63 2.50
N SER H 185 -18.30 31.40 2.10
CA SER H 185 -18.49 32.77 1.62
C SER H 185 -17.99 32.86 0.18
N LYS H 186 -18.45 33.88 -0.57
CA LYS H 186 -17.96 34.12 -1.93
C LYS H 186 -18.02 32.86 -2.81
N ALA H 187 -19.16 32.13 -2.68
CA ALA H 187 -19.53 30.91 -3.40
C ALA H 187 -18.69 29.67 -3.09
N SER H 188 -17.36 29.81 -2.83
CA SER H 188 -16.52 28.63 -2.66
C SER H 188 -15.50 28.70 -1.52
N SER H 189 -15.43 29.82 -0.78
CA SER H 189 -14.43 29.97 0.28
CA SER H 189 -14.43 29.97 0.28
C SER H 189 -14.93 29.37 1.60
N LEU H 190 -14.39 28.20 1.97
CA LEU H 190 -14.82 27.54 3.19
C LEU H 190 -14.40 28.30 4.43
N GLU H 191 -15.30 28.39 5.42
CA GLU H 191 -14.99 29.01 6.71
C GLU H 191 -14.01 28.10 7.42
N SER H 192 -13.05 28.69 8.16
CA SER H 192 -12.11 27.92 8.95
C SER H 192 -12.87 27.04 9.97
N GLY H 193 -12.49 25.77 10.06
CA GLY H 193 -13.15 24.86 10.97
C GLY H 193 -14.22 24.00 10.30
N VAL H 194 -14.71 24.42 9.11
CA VAL H 194 -15.70 23.61 8.40
C VAL H 194 -14.95 22.45 7.71
N PRO H 195 -15.45 21.21 7.87
CA PRO H 195 -14.76 20.06 7.27
C PRO H 195 -14.63 20.15 5.76
N SER H 196 -13.54 19.61 5.20
CA SER H 196 -13.24 19.64 3.77
C SER H 196 -14.23 18.88 2.90
N ARG H 197 -15.09 18.03 3.49
CA ARG H 197 -16.12 17.36 2.71
C ARG H 197 -17.16 18.36 2.16
N PHE H 198 -17.23 19.59 2.70
CA PHE H 198 -18.10 20.62 2.17
C PHE H 198 -17.37 21.42 1.10
N SER H 199 -18.05 21.69 0.00
CA SER H 199 -17.47 22.56 -1.04
C SER H 199 -18.59 23.31 -1.73
N GLY H 200 -18.26 24.47 -2.26
CA GLY H 200 -19.23 25.29 -2.95
C GLY H 200 -18.72 25.70 -4.30
N SER H 201 -19.62 25.88 -5.25
CA SER H 201 -19.22 26.32 -6.59
C SER H 201 -20.31 27.15 -7.23
N GLY H 202 -19.94 27.85 -8.28
CA GLY H 202 -20.89 28.62 -9.06
C GLY H 202 -20.58 30.08 -9.16
N SER H 203 -21.25 30.70 -10.10
CA SER H 203 -21.18 32.13 -10.34
CA SER H 203 -21.18 32.13 -10.35
C SER H 203 -22.40 32.55 -11.18
N GLY H 204 -22.75 33.82 -11.10
CA GLY H 204 -23.87 34.34 -11.88
C GLY H 204 -25.20 34.00 -11.22
N THR H 205 -25.93 33.04 -11.79
CA THR H 205 -27.24 32.69 -11.27
C THR H 205 -27.36 31.27 -10.74
N GLU H 206 -26.34 30.43 -10.88
CA GLU H 206 -26.45 29.02 -10.45
C GLU H 206 -25.30 28.64 -9.54
N PHE H 207 -25.64 28.12 -8.37
CA PHE H 207 -24.65 27.76 -7.35
C PHE H 207 -24.97 26.41 -6.77
N THR H 208 -23.94 25.73 -6.26
CA THR H 208 -24.13 24.41 -5.66
CA THR H 208 -24.14 24.42 -5.65
C THR H 208 -23.31 24.27 -4.38
N LEU H 209 -23.87 23.54 -3.42
CA LEU H 209 -23.18 23.18 -2.18
C LEU H 209 -23.10 21.64 -2.28
N THR H 210 -21.90 21.07 -2.15
CA THR H 210 -21.74 19.62 -2.23
C THR H 210 -21.13 19.09 -0.94
N ILE H 211 -21.65 17.97 -0.43
CA ILE H 211 -21.06 17.28 0.73
C ILE H 211 -20.58 15.97 0.15
N SER H 212 -19.27 15.75 0.09
CA SER H 212 -18.71 14.62 -0.64
C SER H 212 -19.05 13.26 -0.08
N SER H 213 -19.11 13.16 1.25
CA SER H 213 -19.43 11.93 1.98
C SER H 213 -20.17 12.36 3.25
N LEU H 214 -21.49 12.28 3.21
CA LEU H 214 -22.34 12.76 4.29
C LEU H 214 -22.07 12.06 5.63
N GLN H 215 -21.91 12.84 6.69
CA GLN H 215 -21.67 12.28 8.02
C GLN H 215 -22.90 12.55 8.93
N PRO H 216 -23.03 11.83 10.07
CA PRO H 216 -24.17 12.07 10.98
C PRO H 216 -24.40 13.53 11.40
N ASP H 217 -23.32 14.29 11.60
CA ASP H 217 -23.44 15.70 11.98
C ASP H 217 -24.02 16.57 10.85
N ASP H 218 -24.12 16.05 9.61
CA ASP H 218 -24.54 16.86 8.47
C ASP H 218 -26.03 16.88 8.18
N PHE H 219 -26.82 16.03 8.86
CA PHE H 219 -28.27 16.03 8.68
C PHE H 219 -28.75 17.31 9.38
N ALA H 220 -29.22 18.26 8.58
CA ALA H 220 -29.49 19.64 9.00
C ALA H 220 -30.20 20.36 7.82
N THR H 221 -30.55 21.65 7.98
CA THR H 221 -31.10 22.46 6.90
C THR H 221 -30.03 23.41 6.42
N TYR H 222 -29.92 23.60 5.11
CA TYR H 222 -28.90 24.45 4.52
C TYR H 222 -29.57 25.61 3.81
N PHE H 223 -29.03 26.82 3.97
CA PHE H 223 -29.60 28.00 3.32
C PHE H 223 -28.52 28.68 2.48
N CYS H 224 -28.88 29.17 1.29
CA CYS H 224 -27.97 30.03 0.54
C CYS H 224 -28.47 31.49 0.76
N GLN H 225 -27.58 32.47 0.52
CA GLN H 225 -27.94 33.86 0.74
C GLN H 225 -27.09 34.72 -0.17
N GLN H 226 -27.73 35.65 -0.91
CA GLN H 226 -26.94 36.53 -1.76
C GLN H 226 -26.63 37.84 -1.05
N TYR H 227 -25.47 38.39 -1.36
CA TYR H 227 -25.06 39.72 -0.90
C TYR H 227 -24.51 40.54 -2.07
N ASN H 228 -25.05 40.31 -3.27
CA ASN H 228 -24.74 41.13 -4.44
C ASN H 228 -25.45 42.49 -4.23
N SER H 229 -26.71 42.45 -3.76
CA SER H 229 -27.45 43.64 -3.40
C SER H 229 -27.15 43.90 -1.91
N TYR H 230 -27.20 45.16 -1.46
CA TYR H 230 -27.04 45.43 -0.03
C TYR H 230 -28.30 45.06 0.75
N LEU H 231 -29.41 44.70 0.06
CA LEU H 231 -30.59 44.16 0.69
C LEU H 231 -30.47 42.64 0.48
N TYR H 232 -29.91 41.95 1.48
CA TYR H 232 -29.64 40.51 1.34
C TYR H 232 -30.93 39.73 1.25
N THR H 233 -30.89 38.55 0.61
CA THR H 233 -32.04 37.64 0.60
C THR H 233 -31.54 36.21 0.74
N PHE H 234 -32.36 35.37 1.40
CA PHE H 234 -32.03 33.96 1.58
C PHE H 234 -32.90 33.10 0.67
N GLY H 235 -32.38 31.92 0.33
CA GLY H 235 -33.19 30.87 -0.28
C GLY H 235 -34.09 30.28 0.81
N GLN H 236 -35.04 29.42 0.42
CA GLN H 236 -36.02 28.87 1.37
C GLN H 236 -35.51 27.77 2.29
N GLY H 237 -34.31 27.29 2.03
CA GLY H 237 -33.73 26.20 2.82
C GLY H 237 -33.92 24.84 2.17
N THR H 238 -32.96 23.95 2.38
CA THR H 238 -33.05 22.57 1.92
C THR H 238 -32.76 21.68 3.12
N LYS H 239 -33.70 20.80 3.48
CA LYS H 239 -33.49 19.92 4.61
C LYS H 239 -32.90 18.59 4.14
N VAL H 240 -31.78 18.20 4.75
CA VAL H 240 -31.13 16.93 4.46
C VAL H 240 -31.49 15.97 5.57
N GLU H 241 -32.32 14.97 5.25
CA GLU H 241 -32.88 14.03 6.19
C GLU H 241 -32.29 12.63 6.10
N ILE H 242 -32.37 11.86 7.19
CA ILE H 242 -31.83 10.51 7.22
C ILE H 242 -32.76 9.55 6.49
N ARG H 243 -32.23 8.85 5.50
CA ARG H 243 -33.00 7.88 4.71
C ARG H 243 -33.46 6.74 5.65
N GLY H 244 -34.74 6.40 5.58
CA GLY H 244 -35.29 5.36 6.43
C GLY H 244 -35.84 5.89 7.75
#